data_7LJN
#
_entry.id   7LJN
#
_cell.length_a   111.996
_cell.length_b   68.687
_cell.length_c   112.432
_cell.angle_alpha   90.000
_cell.angle_beta   108.405
_cell.angle_gamma   90.000
#
_symmetry.space_group_name_H-M   'P 1 21 1'
#
loop_
_entity.id
_entity.type
_entity.pdbx_description
1 polymer CD-NTase
2 non-polymer "GUANOSINE-5'-TRIPHOSPHATE"
3 non-polymer 'MAGNESIUM ION'
4 water water
#
_entity_poly.entity_id   1
_entity_poly.type   'polypeptide(L)'
_entity_poly.pdbx_seq_one_letter_code
;SSNFPSLRRDDRPDDPFADPLDAVLAELAINIQLPPGLHAKAVERYEAVRRYIERPGSPLEGRVACFYPQGSMAIDATTS
TRGTDDEYDLDIVAEIEGPDLGPEALLDDLEAALESYPVSKVVRQTRCITLYYADGMHLDITPSRRRAPKEKEGEIPHAK
KGTRSDPARYVPMNSYAFGKWYCARTPTEERFALALNRQLYEQAGIAFAAADVEDVPPQTPLIIKSVTTVALQLIKRHRN
IAYATETGRIPPSVMLSCHAGHAARPGMRLAEMLIRQARWTARAIDDAAKRGQLLVVPNPEFPVERFTDRWPESQLQQTT
YSRHLHTLANGLEAARTGDVQLEDLQEWLRGQFGDRVVTRSVKAFNQRLGRQVQSRQHGYTRSGGLFVPAAPAIIGAATS
LAPVAARAHTNMGERR
;
_entity_poly.pdbx_strand_id   A,B,C,D
#
# COMPACT_ATOMS: atom_id res chain seq x y z
N ASP A 15 -20.28 -1.94 13.27
CA ASP A 15 -21.18 -0.89 12.79
C ASP A 15 -20.42 0.42 12.55
N PRO A 16 -20.54 0.98 11.35
CA PRO A 16 -19.78 2.20 11.03
C PRO A 16 -20.17 3.41 11.88
N PHE A 17 -21.25 3.33 12.65
CA PHE A 17 -21.66 4.42 13.52
C PHE A 17 -21.33 4.18 14.99
N ALA A 18 -20.65 3.08 15.32
CA ALA A 18 -20.38 2.77 16.72
C ALA A 18 -19.31 3.69 17.29
N ASP A 19 -18.19 3.82 16.59
CA ASP A 19 -17.10 4.65 17.09
C ASP A 19 -17.38 6.11 16.78
N PRO A 20 -17.20 7.01 17.76
CA PRO A 20 -17.62 8.41 17.55
C PRO A 20 -16.95 9.11 16.39
N LEU A 21 -15.63 8.94 16.23
CA LEU A 21 -14.95 9.61 15.12
C LEU A 21 -15.36 9.01 13.77
N ASP A 22 -15.35 7.67 13.67
CA ASP A 22 -15.85 7.06 12.44
C ASP A 22 -17.28 7.50 12.14
N ALA A 23 -18.10 7.66 13.20
CA ALA A 23 -19.51 7.95 12.99
C ALA A 23 -19.73 9.38 12.50
N VAL A 24 -19.04 10.35 13.10
CA VAL A 24 -19.19 11.74 12.63
C VAL A 24 -18.65 11.89 11.22
N LEU A 25 -17.57 11.18 10.88
CA LEU A 25 -17.06 11.23 9.51
C LEU A 25 -18.06 10.61 8.54
N ALA A 26 -18.75 9.56 8.96
CA ALA A 26 -19.79 8.98 8.12
C ALA A 26 -20.95 9.94 7.93
N GLU A 27 -21.34 10.63 9.00
CA GLU A 27 -22.41 11.62 8.89
C GLU A 27 -22.00 12.75 7.96
N LEU A 28 -20.76 13.22 8.08
CA LEU A 28 -20.21 14.22 7.17
C LEU A 28 -20.31 13.75 5.72
N ALA A 29 -19.90 12.51 5.47
CA ALA A 29 -19.94 11.97 4.11
C ALA A 29 -21.37 11.88 3.58
N ILE A 30 -22.32 11.45 4.42
CA ILE A 30 -23.72 11.44 4.02
C ILE A 30 -24.16 12.84 3.58
N ASN A 31 -23.68 13.88 4.27
CA ASN A 31 -24.13 15.25 4.00
C ASN A 31 -23.45 15.91 2.82
N ILE A 32 -22.53 15.23 2.13
CA ILE A 32 -21.94 15.78 0.92
C ILE A 32 -22.26 14.94 -0.31
N GLN A 33 -23.13 13.93 -0.17
CA GLN A 33 -23.49 13.10 -1.30
C GLN A 33 -24.43 13.84 -2.25
N LEU A 34 -24.48 13.36 -3.47
CA LEU A 34 -25.58 13.70 -4.37
C LEU A 34 -26.87 13.16 -3.77
N PRO A 35 -27.84 14.02 -3.45
CA PRO A 35 -29.03 13.54 -2.74
C PRO A 35 -29.80 12.53 -3.59
N PRO A 36 -30.56 11.64 -2.94
CA PRO A 36 -31.27 10.58 -3.67
C PRO A 36 -32.16 11.06 -4.80
N GLY A 37 -32.92 12.15 -4.59
CA GLY A 37 -33.81 12.62 -5.63
C GLY A 37 -33.10 13.06 -6.89
N LEU A 38 -31.95 13.73 -6.73
CA LEU A 38 -31.14 14.11 -7.89
C LEU A 38 -30.39 12.92 -8.45
N HIS A 39 -29.85 12.08 -7.56
CA HIS A 39 -29.16 10.87 -7.98
C HIS A 39 -30.04 10.03 -8.88
N ALA A 40 -31.33 9.93 -8.55
CA ALA A 40 -32.27 9.15 -9.36
C ALA A 40 -32.59 9.80 -10.69
N LYS A 41 -32.18 11.04 -10.91
CA LYS A 41 -32.45 11.73 -12.17
C LYS A 41 -31.25 11.81 -13.09
N ALA A 42 -30.05 11.47 -12.60
CA ALA A 42 -28.82 11.81 -13.30
C ALA A 42 -28.71 11.09 -14.64
N VAL A 43 -29.03 9.79 -14.67
CA VAL A 43 -28.84 9.01 -15.90
C VAL A 43 -29.78 9.50 -16.99
N GLU A 44 -31.07 9.66 -16.67
CA GLU A 44 -32.03 10.17 -17.64
C GLU A 44 -31.63 11.56 -18.12
N ARG A 45 -31.06 12.37 -17.23
CA ARG A 45 -30.63 13.71 -17.63
C ARG A 45 -29.59 13.66 -18.75
N TYR A 46 -28.54 12.83 -18.60
CA TYR A 46 -27.55 12.83 -19.67
C TYR A 46 -28.05 12.07 -20.89
N GLU A 47 -28.94 11.09 -20.70
CA GLU A 47 -29.51 10.42 -21.86
C GLU A 47 -30.39 11.37 -22.66
N ALA A 48 -31.04 12.33 -22.00
CA ALA A 48 -31.80 13.35 -22.73
C ALA A 48 -30.89 14.28 -23.51
N VAL A 49 -29.69 14.57 -22.99
CA VAL A 49 -28.72 15.35 -23.75
C VAL A 49 -28.30 14.61 -25.01
N ARG A 50 -28.02 13.31 -24.88
CA ARG A 50 -27.63 12.54 -26.06
C ARG A 50 -28.73 12.55 -27.10
N ARG A 51 -29.97 12.35 -26.66
CA ARG A 51 -31.11 12.36 -27.57
C ARG A 51 -31.18 13.68 -28.33
N TYR A 52 -30.89 14.79 -27.64
CA TYR A 52 -30.96 16.09 -28.27
C TYR A 52 -29.86 16.29 -29.32
N ILE A 53 -28.62 15.93 -28.99
CA ILE A 53 -27.56 16.12 -29.98
C ILE A 53 -27.63 15.13 -31.14
N GLU A 54 -28.44 14.07 -31.01
CA GLU A 54 -28.70 13.11 -32.08
C GLU A 54 -29.92 13.46 -32.93
N ARG A 55 -30.61 14.56 -32.61
CA ARG A 55 -31.85 14.89 -33.28
C ARG A 55 -31.59 15.33 -34.73
N PRO A 56 -32.60 15.25 -35.58
CA PRO A 56 -32.40 15.65 -36.98
C PRO A 56 -32.02 17.13 -37.07
N GLY A 57 -31.05 17.42 -37.94
CA GLY A 57 -30.53 18.77 -38.10
C GLY A 57 -29.33 19.08 -37.24
N SER A 58 -29.10 18.30 -36.20
CA SER A 58 -27.92 18.53 -35.36
C SER A 58 -26.65 18.22 -36.15
N PRO A 59 -25.59 18.99 -35.96
CA PRO A 59 -24.31 18.64 -36.60
C PRO A 59 -23.82 17.26 -36.22
N LEU A 60 -24.23 16.74 -35.07
CA LEU A 60 -23.75 15.45 -34.61
C LEU A 60 -24.75 14.34 -34.84
N GLU A 61 -25.79 14.60 -35.64
CA GLU A 61 -26.72 13.55 -36.04
C GLU A 61 -25.97 12.37 -36.65
N GLY A 62 -26.24 11.19 -36.13
CA GLY A 62 -25.61 9.97 -36.59
C GLY A 62 -24.14 9.83 -36.23
N ARG A 63 -23.58 10.77 -35.48
CA ARG A 63 -22.14 10.79 -35.23
C ARG A 63 -21.77 10.44 -33.80
N VAL A 64 -22.72 10.02 -32.98
CA VAL A 64 -22.48 9.69 -31.57
C VAL A 64 -22.33 8.17 -31.46
N ALA A 65 -21.14 7.73 -31.07
CA ALA A 65 -20.90 6.30 -30.88
C ALA A 65 -21.43 5.84 -29.53
N CYS A 66 -21.13 6.58 -28.47
CA CYS A 66 -21.66 6.25 -27.16
C CYS A 66 -21.58 7.47 -26.26
N PHE A 67 -22.21 7.34 -25.10
CA PHE A 67 -22.33 8.38 -24.10
C PHE A 67 -22.05 7.67 -22.79
N TYR A 68 -21.07 8.15 -22.02
CA TYR A 68 -20.80 7.45 -20.77
C TYR A 68 -20.33 8.42 -19.70
N PRO A 69 -20.65 8.14 -18.43
CA PRO A 69 -20.12 8.97 -17.35
C PRO A 69 -18.62 8.76 -17.18
N GLN A 70 -17.95 9.83 -16.79
CA GLN A 70 -16.56 9.75 -16.33
C GLN A 70 -16.50 10.45 -14.99
N GLY A 71 -15.28 10.52 -14.42
CA GLY A 71 -15.14 11.17 -13.14
C GLY A 71 -15.99 10.52 -12.06
N SER A 72 -16.54 11.36 -11.18
CA SER A 72 -17.13 10.86 -9.95
C SER A 72 -18.36 9.99 -10.22
N MET A 73 -19.17 10.37 -11.21
CA MET A 73 -20.38 9.58 -11.48
C MET A 73 -20.03 8.16 -11.89
N ALA A 74 -18.89 7.97 -12.56
CA ALA A 74 -18.47 6.63 -12.94
C ALA A 74 -18.07 5.76 -11.75
N ILE A 75 -17.78 6.35 -10.58
CA ILE A 75 -17.23 5.57 -9.48
C ILE A 75 -18.03 5.78 -8.21
N ASP A 76 -19.25 6.33 -8.35
CA ASP A 76 -20.15 6.55 -7.20
C ASP A 76 -19.49 7.42 -6.14
N ALA A 77 -18.79 8.47 -6.59
CA ALA A 77 -18.03 9.34 -5.71
C ALA A 77 -18.49 10.81 -5.77
N THR A 78 -19.68 11.09 -6.31
CA THR A 78 -20.05 12.48 -6.50
C THR A 78 -20.24 13.18 -5.16
N THR A 79 -19.77 14.43 -5.09
CA THR A 79 -19.96 15.27 -3.94
C THR A 79 -20.57 16.59 -4.40
N SER A 80 -20.99 17.38 -3.42
CA SER A 80 -21.29 18.77 -3.72
C SER A 80 -20.05 19.45 -4.31
N THR A 81 -20.29 20.40 -5.22
CA THR A 81 -19.20 20.95 -6.00
C THR A 81 -18.51 22.08 -5.25
N ARG A 82 -17.19 22.21 -5.49
CA ARG A 82 -16.35 23.16 -4.79
C ARG A 82 -17.02 24.54 -4.72
N GLY A 83 -16.98 25.14 -3.54
CA GLY A 83 -17.63 26.41 -3.30
C GLY A 83 -19.05 26.32 -2.82
N THR A 84 -19.68 25.15 -2.90
CA THR A 84 -21.08 25.00 -2.53
C THR A 84 -21.29 23.77 -1.66
N ASP A 85 -22.46 23.76 -1.01
CA ASP A 85 -22.95 22.56 -0.35
C ASP A 85 -24.16 21.95 -1.05
N ASP A 86 -24.72 22.62 -2.07
CA ASP A 86 -25.99 22.16 -2.63
C ASP A 86 -26.04 22.21 -4.16
N GLU A 87 -24.87 22.25 -4.83
CA GLU A 87 -24.81 22.10 -6.27
C GLU A 87 -23.85 20.95 -6.58
N TYR A 88 -24.00 20.39 -7.77
CA TYR A 88 -23.32 19.14 -8.14
C TYR A 88 -22.98 19.21 -9.63
N ASP A 89 -21.83 18.69 -9.99
CA ASP A 89 -21.41 18.63 -11.39
C ASP A 89 -21.17 17.18 -11.80
N LEU A 90 -21.74 16.78 -12.94
CA LEU A 90 -21.52 15.45 -13.49
C LEU A 90 -20.76 15.55 -14.80
N ASP A 91 -19.84 14.61 -15.02
CA ASP A 91 -18.96 14.63 -16.18
C ASP A 91 -19.35 13.51 -17.13
N ILE A 92 -19.69 13.86 -18.36
CA ILE A 92 -20.20 12.91 -19.34
C ILE A 92 -19.33 13.02 -20.57
N VAL A 93 -18.97 11.88 -21.16
CA VAL A 93 -18.20 11.83 -22.39
C VAL A 93 -19.12 11.46 -23.54
N ALA A 94 -19.07 12.24 -24.61
CA ALA A 94 -19.72 11.91 -25.86
C ALA A 94 -18.66 11.49 -26.86
N GLU A 95 -18.63 10.20 -27.21
CA GLU A 95 -17.65 9.69 -28.16
C GLU A 95 -18.17 9.92 -29.58
N ILE A 96 -17.42 10.70 -30.37
CA ILE A 96 -17.88 11.24 -31.65
C ILE A 96 -17.12 10.58 -32.79
N GLU A 97 -17.84 10.21 -33.85
CA GLU A 97 -17.27 9.57 -35.03
C GLU A 97 -17.34 10.48 -36.25
N GLY A 98 -16.79 10.00 -37.37
CA GLY A 98 -16.79 10.75 -38.59
C GLY A 98 -15.49 11.50 -38.81
N PRO A 99 -15.46 12.41 -39.78
CA PRO A 99 -14.19 13.08 -40.09
C PRO A 99 -13.65 13.86 -38.89
N ASP A 100 -12.35 13.70 -38.65
CA ASP A 100 -11.67 14.43 -37.59
C ASP A 100 -10.95 15.63 -38.20
N LEU A 101 -11.52 16.83 -37.98
CA LEU A 101 -10.95 18.06 -38.51
C LEU A 101 -10.33 18.93 -37.42
N GLY A 102 -9.98 18.32 -36.30
CA GLY A 102 -9.26 19.03 -35.27
C GLY A 102 -10.06 19.27 -34.02
N PRO A 103 -9.36 19.58 -32.93
CA PRO A 103 -10.06 19.69 -31.64
C PRO A 103 -10.98 20.89 -31.55
N GLU A 104 -10.60 22.03 -32.14
CA GLU A 104 -11.50 23.17 -32.04
C GLU A 104 -12.81 22.90 -32.79
N ALA A 105 -12.72 22.32 -33.98
CA ALA A 105 -13.92 22.04 -34.77
C ALA A 105 -14.81 21.02 -34.07
N LEU A 106 -14.20 20.06 -33.35
CA LEU A 106 -15.00 19.11 -32.59
C LEU A 106 -15.80 19.81 -31.49
N LEU A 107 -15.16 20.72 -30.74
CA LEU A 107 -15.91 21.48 -29.75
C LEU A 107 -16.95 22.38 -30.40
N ASP A 108 -16.63 22.96 -31.56
CA ASP A 108 -17.61 23.74 -32.31
C ASP A 108 -18.86 22.92 -32.61
N ASP A 109 -18.67 21.68 -33.08
CA ASP A 109 -19.82 20.83 -33.41
C ASP A 109 -20.64 20.53 -32.16
N LEU A 110 -20.00 20.21 -31.03
CA LEU A 110 -20.75 19.90 -29.82
C LEU A 110 -21.49 21.13 -29.33
N GLU A 111 -20.83 22.30 -29.35
CA GLU A 111 -21.51 23.52 -28.92
C GLU A 111 -22.69 23.83 -29.83
N ALA A 112 -22.54 23.61 -31.14
CA ALA A 112 -23.64 23.87 -32.07
C ALA A 112 -24.79 22.88 -31.87
N ALA A 113 -24.48 21.60 -31.58
CA ALA A 113 -25.52 20.61 -31.36
C ALA A 113 -26.31 20.89 -30.08
N LEU A 114 -25.67 21.50 -29.09
CA LEU A 114 -26.31 21.83 -27.83
C LEU A 114 -26.99 23.19 -27.85
N GLU A 115 -27.05 23.82 -29.03
CA GLU A 115 -27.65 25.13 -29.16
C GLU A 115 -29.15 25.05 -28.92
N SER A 116 -29.65 25.99 -28.13
CA SER A 116 -31.04 26.06 -27.71
C SER A 116 -31.46 24.89 -26.83
N TYR A 117 -30.52 24.11 -26.29
CA TYR A 117 -30.93 23.08 -25.34
C TYR A 117 -31.61 23.76 -24.15
N PRO A 118 -32.81 23.33 -23.76
CA PRO A 118 -33.57 24.03 -22.69
C PRO A 118 -33.05 23.79 -21.28
N VAL A 119 -31.93 24.47 -20.96
CA VAL A 119 -31.38 24.50 -19.62
C VAL A 119 -31.15 25.97 -19.25
N SER A 120 -30.69 26.19 -18.02
CA SER A 120 -30.49 27.56 -17.54
C SER A 120 -29.46 28.29 -18.38
N LYS A 121 -28.32 27.67 -18.63
CA LYS A 121 -27.31 28.27 -19.50
C LYS A 121 -26.38 27.20 -20.03
N VAL A 122 -25.83 27.47 -21.20
CA VAL A 122 -24.84 26.62 -21.86
C VAL A 122 -23.55 27.43 -21.95
N VAL A 123 -22.45 26.85 -21.51
CA VAL A 123 -21.18 27.57 -21.48
C VAL A 123 -20.10 26.73 -22.15
N ARG A 124 -19.44 27.30 -23.14
CA ARG A 124 -18.34 26.62 -23.81
C ARG A 124 -17.07 26.79 -22.98
N GLN A 125 -16.43 25.68 -22.65
CA GLN A 125 -15.19 25.65 -21.89
C GLN A 125 -14.05 25.19 -22.78
N THR A 126 -12.84 25.17 -22.21
CA THR A 126 -11.65 24.78 -22.99
C THR A 126 -11.73 23.34 -23.50
N ARG A 127 -12.33 22.44 -22.73
CA ARG A 127 -12.35 21.03 -23.08
C ARG A 127 -13.74 20.42 -23.11
N CYS A 128 -14.78 21.19 -22.85
CA CYS A 128 -16.11 20.62 -22.71
C CYS A 128 -17.14 21.73 -22.88
N ILE A 129 -18.40 21.32 -22.96
CA ILE A 129 -19.53 22.24 -22.91
C ILE A 129 -20.27 21.96 -21.61
N THR A 130 -20.56 23.01 -20.85
CA THR A 130 -21.23 22.89 -19.56
C THR A 130 -22.69 23.25 -19.71
N LEU A 131 -23.57 22.40 -19.16
CA LEU A 131 -25.00 22.63 -19.11
C LEU A 131 -25.38 22.88 -17.67
N TYR A 132 -25.78 24.12 -17.35
CA TYR A 132 -26.20 24.47 -16.01
C TYR A 132 -27.71 24.32 -15.90
N TYR A 133 -28.16 23.56 -14.90
CA TYR A 133 -29.56 23.25 -14.71
C TYR A 133 -30.15 24.02 -13.54
N ALA A 134 -31.46 24.28 -13.62
CA ALA A 134 -32.12 25.09 -12.61
C ALA A 134 -32.03 24.49 -11.21
N ASP A 135 -32.02 23.16 -11.11
CA ASP A 135 -32.05 22.52 -9.81
C ASP A 135 -30.67 22.29 -9.20
N GLY A 136 -29.61 22.75 -9.86
CA GLY A 136 -28.28 22.70 -9.29
C GLY A 136 -27.45 21.47 -9.58
N MET A 137 -27.97 20.51 -10.37
CA MET A 137 -27.17 19.38 -10.82
C MET A 137 -26.82 19.60 -12.28
N HIS A 138 -25.56 19.93 -12.53
CA HIS A 138 -25.08 20.37 -13.83
C HIS A 138 -24.31 19.26 -14.54
N LEU A 139 -24.18 19.39 -15.86
CA LEU A 139 -23.48 18.41 -16.69
C LEU A 139 -22.37 19.09 -17.48
N ASP A 140 -21.16 18.53 -17.41
CA ASP A 140 -20.08 18.90 -18.31
C ASP A 140 -19.97 17.82 -19.38
N ILE A 141 -20.14 18.21 -20.64
CA ILE A 141 -20.13 17.27 -21.76
C ILE A 141 -18.79 17.39 -22.49
N THR A 142 -17.97 16.34 -22.40
CA THR A 142 -16.68 16.34 -23.09
C THR A 142 -16.79 15.48 -24.34
N PRO A 143 -16.57 16.02 -25.54
CA PRO A 143 -16.54 15.17 -26.73
C PRO A 143 -15.18 14.48 -26.82
N SER A 144 -15.19 13.23 -27.25
CA SER A 144 -13.95 12.46 -27.38
C SER A 144 -13.83 11.88 -28.79
N ARG A 145 -12.60 11.55 -29.15
CA ARG A 145 -12.32 10.76 -30.34
C ARG A 145 -11.67 9.45 -29.92
N ARG A 146 -12.30 8.33 -30.27
CA ARG A 146 -11.67 7.03 -30.06
C ARG A 146 -10.46 6.89 -30.98
N ARG A 147 -9.37 6.33 -30.44
CA ARG A 147 -8.13 6.17 -31.20
C ARG A 147 -7.60 4.75 -31.21
N ALA A 148 -8.11 3.85 -30.38
CA ALA A 148 -7.57 2.50 -30.28
C ALA A 148 -8.69 1.56 -29.87
N PRO A 149 -8.54 0.25 -30.13
CA PRO A 149 -9.64 -0.68 -29.83
C PRO A 149 -9.98 -0.80 -28.36
N LYS A 150 -9.00 -0.69 -27.46
CA LYS A 150 -9.25 -0.86 -26.04
C LYS A 150 -10.33 0.12 -25.55
N GLU A 151 -11.27 -0.39 -24.76
CA GLU A 151 -12.32 0.46 -24.20
C GLU A 151 -11.74 1.34 -23.11
N LYS A 152 -11.87 2.66 -23.22
CA LYS A 152 -12.19 3.39 -24.44
C LYS A 152 -11.04 4.37 -24.64
N GLU A 153 -9.98 3.88 -25.28
CA GLU A 153 -8.73 4.60 -25.41
C GLU A 153 -8.82 5.64 -26.54
N GLY A 154 -8.55 6.90 -26.23
CA GLY A 154 -8.72 7.92 -27.23
C GLY A 154 -8.17 9.28 -26.82
N GLU A 155 -8.85 10.35 -27.24
CA GLU A 155 -8.37 11.70 -27.01
C GLU A 155 -9.54 12.64 -26.81
N ILE A 156 -9.29 13.72 -26.09
CA ILE A 156 -10.27 14.78 -25.89
C ILE A 156 -9.65 16.09 -26.38
N PRO A 157 -10.49 17.06 -26.75
CA PRO A 157 -9.97 18.33 -27.27
C PRO A 157 -9.62 19.33 -26.19
N HIS A 158 -8.64 20.16 -26.52
CA HIS A 158 -8.25 21.29 -25.69
C HIS A 158 -8.12 22.49 -26.64
N ALA A 159 -9.07 23.42 -26.54
CA ALA A 159 -9.17 24.49 -27.51
C ALA A 159 -9.77 25.74 -26.88
N PRO A 167 -2.39 27.13 -28.32
CA PRO A 167 -2.79 26.33 -29.49
C PRO A 167 -3.69 25.16 -29.15
N ALA A 168 -4.63 24.85 -30.06
CA ALA A 168 -5.54 23.74 -29.85
C ALA A 168 -4.80 22.41 -30.04
N ARG A 169 -5.17 21.42 -29.23
CA ARG A 169 -4.50 20.13 -29.29
C ARG A 169 -5.44 19.06 -28.78
N TYR A 170 -5.12 17.82 -29.13
CA TYR A 170 -5.78 16.66 -28.54
C TYR A 170 -4.97 16.14 -27.36
N VAL A 171 -5.68 15.60 -26.36
CA VAL A 171 -5.08 15.09 -25.14
C VAL A 171 -5.47 13.62 -24.98
N PRO A 172 -4.53 12.68 -24.95
CA PRO A 172 -4.90 11.26 -24.77
C PRO A 172 -5.55 11.01 -23.43
N MET A 173 -6.51 10.09 -23.42
CA MET A 173 -7.19 9.72 -22.20
C MET A 173 -7.80 8.34 -22.35
N ASN A 174 -7.99 7.68 -21.22
CA ASN A 174 -8.90 6.54 -21.13
C ASN A 174 -9.60 6.62 -19.78
N SER A 175 -10.56 7.54 -19.67
CA SER A 175 -11.29 7.68 -18.41
C SER A 175 -12.25 6.53 -18.19
N TYR A 176 -12.72 5.90 -19.26
CA TYR A 176 -13.62 4.75 -19.11
C TYR A 176 -12.93 3.60 -18.39
N ALA A 177 -11.74 3.20 -18.87
CA ALA A 177 -11.05 2.10 -18.22
C ALA A 177 -10.59 2.49 -16.81
N PHE A 178 -10.27 3.77 -16.57
CA PHE A 178 -9.90 4.16 -15.21
C PHE A 178 -11.07 3.94 -14.27
N GLY A 179 -12.26 4.38 -14.68
CA GLY A 179 -13.46 4.14 -13.88
C GLY A 179 -13.67 2.68 -13.53
N LYS A 180 -13.55 1.80 -14.55
CA LYS A 180 -13.74 0.37 -14.31
C LYS A 180 -12.67 -0.19 -13.37
N TRP A 181 -11.42 0.27 -13.55
CA TRP A 181 -10.33 -0.13 -12.66
C TRP A 181 -10.60 0.28 -11.23
N TYR A 182 -11.05 1.52 -11.03
CA TYR A 182 -11.37 1.99 -9.69
C TYR A 182 -12.49 1.15 -9.07
N CYS A 183 -13.53 0.87 -9.85
CA CYS A 183 -14.64 0.10 -9.32
C CYS A 183 -14.21 -1.30 -8.91
N ALA A 184 -13.27 -1.89 -9.68
CA ALA A 184 -12.78 -3.22 -9.36
C ALA A 184 -12.01 -3.23 -8.05
N ARG A 185 -11.37 -2.11 -7.70
CA ARG A 185 -10.61 -2.02 -6.47
C ARG A 185 -11.48 -1.71 -5.26
N THR A 186 -12.75 -1.36 -5.47
CA THR A 186 -13.62 -0.91 -4.39
C THR A 186 -14.93 -1.71 -4.40
N PRO A 187 -14.85 -3.02 -4.16
CA PRO A 187 -16.08 -3.82 -4.08
C PRO A 187 -16.96 -3.35 -2.93
N THR A 188 -18.26 -3.47 -3.13
CA THR A 188 -19.22 -2.98 -2.15
C THR A 188 -19.06 -3.71 -0.82
N GLU A 189 -19.00 -2.95 0.26
CA GLU A 189 -18.87 -3.49 1.60
C GLU A 189 -20.23 -3.48 2.26
N GLU A 190 -20.76 -4.69 2.53
CA GLU A 190 -22.19 -4.84 2.78
C GLU A 190 -22.65 -4.10 4.02
N ARG A 191 -22.03 -4.38 5.18
CA ARG A 191 -22.44 -3.74 6.43
C ARG A 191 -22.35 -2.23 6.34
N PHE A 192 -21.21 -1.73 5.84
CA PHE A 192 -20.99 -0.30 5.69
C PHE A 192 -22.02 0.33 4.76
N ALA A 193 -22.21 -0.27 3.58
CA ALA A 193 -23.11 0.31 2.59
C ALA A 193 -24.55 0.34 3.08
N LEU A 194 -25.03 -0.78 3.64
CA LEU A 194 -26.42 -0.83 4.09
C LEU A 194 -26.67 0.22 5.16
N ALA A 195 -25.73 0.37 6.10
CA ALA A 195 -25.92 1.33 7.18
C ALA A 195 -25.94 2.75 6.67
N LEU A 196 -24.95 3.12 5.84
CA LEU A 196 -24.86 4.52 5.41
C LEU A 196 -25.97 4.87 4.44
N ASN A 197 -26.37 3.93 3.59
CA ASN A 197 -27.47 4.21 2.67
C ASN A 197 -28.79 4.33 3.40
N ARG A 198 -29.03 3.50 4.41
CA ARG A 198 -30.26 3.65 5.18
C ARG A 198 -30.38 5.05 5.74
N GLN A 199 -29.27 5.60 6.24
CA GLN A 199 -29.31 6.93 6.84
C GLN A 199 -29.42 8.02 5.78
N LEU A 200 -28.66 7.89 4.70
CA LEU A 200 -28.78 8.82 3.58
C LEU A 200 -30.22 8.93 3.10
N TYR A 201 -30.88 7.78 2.91
CA TYR A 201 -32.25 7.82 2.42
C TYR A 201 -33.22 8.30 3.49
N GLU A 202 -33.01 7.89 4.74
CA GLU A 202 -33.90 8.33 5.81
C GLU A 202 -33.89 9.84 5.96
N GLN A 203 -32.70 10.46 5.85
CA GLN A 203 -32.61 11.91 5.93
C GLN A 203 -33.39 12.60 4.82
N ALA A 204 -33.57 11.91 3.70
CA ALA A 204 -34.35 12.41 2.58
C ALA A 204 -35.82 11.99 2.64
N GLY A 205 -36.26 11.42 3.75
CA GLY A 205 -37.65 11.02 3.90
C GLY A 205 -38.02 9.70 3.25
N ILE A 206 -37.03 8.88 2.90
CA ILE A 206 -37.25 7.67 2.10
C ILE A 206 -36.84 6.46 2.91
N ALA A 207 -37.68 5.41 2.87
CA ALA A 207 -37.39 4.12 3.49
C ALA A 207 -36.53 3.27 2.57
N PHE A 208 -35.28 3.08 2.96
CA PHE A 208 -34.33 2.19 2.28
C PHE A 208 -34.41 0.85 2.99
N ALA A 209 -34.95 -0.16 2.31
CA ALA A 209 -35.33 -1.44 2.93
C ALA A 209 -34.58 -2.60 2.29
N ALA A 210 -33.38 -2.89 2.78
CA ALA A 210 -32.53 -3.92 2.17
C ALA A 210 -31.75 -4.63 3.26
N ALA A 211 -31.91 -5.96 3.35
CA ALA A 211 -31.14 -6.78 4.27
C ALA A 211 -29.77 -7.14 3.70
N ASP A 212 -29.67 -7.21 2.38
CA ASP A 212 -28.47 -7.63 1.69
C ASP A 212 -28.30 -6.81 0.42
N VAL A 213 -27.05 -6.51 0.09
CA VAL A 213 -26.71 -5.68 -1.05
C VAL A 213 -27.16 -6.32 -2.37
N GLU A 214 -27.43 -7.63 -2.37
CA GLU A 214 -27.80 -8.31 -3.59
C GLU A 214 -29.23 -7.98 -4.01
N ASP A 215 -30.14 -7.82 -3.05
CA ASP A 215 -31.53 -7.53 -3.36
C ASP A 215 -31.95 -6.20 -2.74
N VAL A 216 -31.35 -5.12 -3.19
CA VAL A 216 -31.78 -3.77 -2.81
C VAL A 216 -32.96 -3.40 -3.70
N PRO A 217 -34.03 -2.81 -3.17
CA PRO A 217 -35.14 -2.38 -4.03
C PRO A 217 -34.66 -1.41 -5.10
N PRO A 218 -34.98 -1.66 -6.37
CA PRO A 218 -34.44 -0.81 -7.45
C PRO A 218 -34.81 0.65 -7.30
N GLN A 219 -35.90 0.95 -6.58
CA GLN A 219 -36.34 2.33 -6.37
C GLN A 219 -35.41 3.09 -5.42
N THR A 220 -34.62 2.40 -4.62
CA THR A 220 -33.71 3.01 -3.65
C THR A 220 -32.36 2.33 -3.77
N PRO A 221 -31.66 2.54 -4.88
CA PRO A 221 -30.38 1.84 -5.08
C PRO A 221 -29.27 2.39 -4.20
N LEU A 222 -28.23 1.59 -4.07
CA LEU A 222 -27.05 2.02 -3.31
C LEU A 222 -26.47 3.27 -3.97
N ILE A 223 -26.26 4.30 -3.15
CA ILE A 223 -25.48 5.46 -3.56
C ILE A 223 -24.06 5.38 -3.04
N ILE A 224 -23.91 4.99 -1.78
CA ILE A 224 -22.62 4.75 -1.13
C ILE A 224 -22.34 3.26 -1.16
N LYS A 225 -21.09 2.90 -1.48
CA LYS A 225 -20.76 1.48 -1.61
C LYS A 225 -19.49 1.06 -0.86
N SER A 226 -18.50 1.96 -0.70
CA SER A 226 -17.17 1.55 -0.28
C SER A 226 -16.59 2.58 0.69
N VAL A 227 -15.92 2.08 1.73
CA VAL A 227 -15.19 2.96 2.65
C VAL A 227 -14.10 3.72 1.90
N THR A 228 -13.45 3.06 0.95
CA THR A 228 -12.42 3.73 0.16
C THR A 228 -12.99 4.94 -0.55
N THR A 229 -14.18 4.81 -1.15
CA THR A 229 -14.76 5.91 -1.89
C THR A 229 -15.26 7.00 -0.94
N VAL A 230 -15.84 6.59 0.19
CA VAL A 230 -16.28 7.59 1.17
C VAL A 230 -15.09 8.41 1.67
N ALA A 231 -13.96 7.75 1.95
CA ALA A 231 -12.75 8.48 2.31
C ALA A 231 -12.32 9.42 1.19
N LEU A 232 -12.39 8.94 -0.06
CA LEU A 232 -12.06 9.77 -1.20
C LEU A 232 -12.98 10.98 -1.29
N GLN A 233 -14.28 10.79 -1.01
CA GLN A 233 -15.20 11.91 -1.01
C GLN A 233 -14.83 12.93 0.05
N LEU A 234 -14.40 12.47 1.22
CA LEU A 234 -13.96 13.39 2.26
C LEU A 234 -12.64 14.09 1.89
N ILE A 235 -11.72 13.38 1.24
CA ILE A 235 -10.51 14.01 0.71
C ILE A 235 -10.89 15.15 -0.24
N LYS A 236 -11.83 14.89 -1.15
CA LYS A 236 -12.24 15.91 -2.11
C LYS A 236 -12.92 17.09 -1.41
N ARG A 237 -13.73 16.79 -0.39
CA ARG A 237 -14.36 17.85 0.39
C ARG A 237 -13.32 18.72 1.07
N HIS A 238 -12.32 18.08 1.72
CA HIS A 238 -11.20 18.81 2.32
C HIS A 238 -10.50 19.69 1.28
N ARG A 239 -10.26 19.15 0.09
CA ARG A 239 -9.69 19.92 -1.02
C ARG A 239 -10.60 21.08 -1.40
N ASN A 240 -11.90 20.83 -1.50
CA ASN A 240 -12.82 21.88 -1.89
C ASN A 240 -12.86 23.02 -0.89
N ILE A 241 -12.66 22.72 0.39
CA ILE A 241 -12.66 23.77 1.39
C ILE A 241 -11.36 24.55 1.35
N ALA A 242 -10.23 23.84 1.32
CA ALA A 242 -8.94 24.53 1.30
C ALA A 242 -8.74 25.39 0.06
N TYR A 243 -9.43 25.09 -1.06
CA TYR A 243 -9.29 25.80 -2.33
C TYR A 243 -10.62 26.39 -2.80
N ALA A 244 -11.50 26.76 -1.86
CA ALA A 244 -12.89 27.06 -2.18
C ALA A 244 -13.02 28.18 -3.20
N THR A 245 -12.17 29.20 -3.11
CA THR A 245 -12.25 30.36 -3.99
C THR A 245 -11.08 30.46 -4.96
N GLU A 246 -10.22 29.44 -5.00
CA GLU A 246 -9.05 29.48 -5.88
C GLU A 246 -9.49 29.53 -7.34
N THR A 247 -9.01 30.55 -8.06
CA THR A 247 -9.29 30.66 -9.48
C THR A 247 -8.23 29.98 -10.34
N GLY A 248 -7.05 29.72 -9.78
CA GLY A 248 -6.03 28.94 -10.45
C GLY A 248 -6.31 27.45 -10.36
N ARG A 249 -5.31 26.67 -10.74
CA ARG A 249 -5.50 25.23 -10.79
C ARG A 249 -5.46 24.64 -9.39
N ILE A 250 -6.33 23.66 -9.15
CA ILE A 250 -6.46 23.01 -7.85
C ILE A 250 -5.97 21.57 -7.99
N PRO A 251 -5.66 20.88 -6.89
CA PRO A 251 -5.27 19.47 -7.01
C PRO A 251 -6.37 18.66 -7.67
N PRO A 252 -6.04 17.88 -8.69
CA PRO A 252 -7.08 17.24 -9.52
C PRO A 252 -7.67 16.00 -8.87
N SER A 253 -9.00 15.89 -8.97
CA SER A 253 -9.70 14.77 -8.39
C SER A 253 -9.34 13.44 -9.02
N VAL A 254 -8.96 13.41 -10.30
CA VAL A 254 -8.64 12.11 -10.88
C VAL A 254 -7.34 11.58 -10.28
N MET A 255 -6.40 12.48 -9.94
CA MET A 255 -5.21 12.05 -9.22
C MET A 255 -5.58 11.52 -7.85
N LEU A 256 -6.49 12.22 -7.15
CA LEU A 256 -6.91 11.78 -5.82
C LEU A 256 -7.69 10.48 -5.89
N SER A 257 -8.51 10.31 -6.93
CA SER A 257 -9.27 9.07 -7.10
C SER A 257 -8.36 7.91 -7.42
N CYS A 258 -7.33 8.16 -8.25
CA CYS A 258 -6.32 7.15 -8.53
C CYS A 258 -5.64 6.68 -7.24
N HIS A 259 -5.15 7.63 -6.45
CA HIS A 259 -4.49 7.25 -5.19
C HIS A 259 -5.45 6.50 -4.27
N ALA A 260 -6.72 6.90 -4.24
CA ALA A 260 -7.69 6.17 -3.43
C ALA A 260 -7.80 4.73 -3.89
N GLY A 261 -7.82 4.51 -5.21
CA GLY A 261 -7.85 3.15 -5.72
C GLY A 261 -6.63 2.35 -5.32
N HIS A 262 -5.45 2.97 -5.42
CA HIS A 262 -4.21 2.29 -5.01
C HIS A 262 -4.21 1.97 -3.51
N ALA A 263 -4.82 2.83 -2.70
CA ALA A 263 -4.85 2.70 -1.24
C ALA A 263 -5.97 1.80 -0.75
N ALA A 264 -6.85 1.35 -1.64
CA ALA A 264 -8.03 0.59 -1.24
C ALA A 264 -7.65 -0.62 -0.40
N ARG A 265 -8.30 -0.77 0.75
CA ARG A 265 -8.05 -1.91 1.61
C ARG A 265 -9.37 -2.38 2.18
N PRO A 266 -9.76 -3.63 1.90
CA PRO A 266 -11.01 -4.16 2.46
C PRO A 266 -10.99 -4.15 3.97
N GLY A 267 -12.13 -3.81 4.57
CA GLY A 267 -12.32 -3.93 6.01
C GLY A 267 -11.74 -2.82 6.85
N MET A 268 -11.19 -1.78 6.25
CA MET A 268 -10.62 -0.70 7.03
C MET A 268 -11.71 0.25 7.54
N ARG A 269 -11.50 0.80 8.73
CA ARG A 269 -12.42 1.79 9.26
C ARG A 269 -12.20 3.14 8.58
N LEU A 270 -13.23 4.00 8.67
CA LEU A 270 -13.27 5.20 7.84
C LEU A 270 -12.16 6.19 8.19
N ALA A 271 -12.01 6.53 9.49
CA ALA A 271 -10.97 7.46 9.87
C ALA A 271 -9.60 6.95 9.44
N GLU A 272 -9.33 5.68 9.74
CA GLU A 272 -8.08 5.03 9.37
C GLU A 272 -7.82 5.15 7.87
N MET A 273 -8.84 4.91 7.05
CA MET A 273 -8.67 5.00 5.60
C MET A 273 -8.48 6.45 5.14
N LEU A 274 -9.15 7.41 5.81
CA LEU A 274 -9.00 8.81 5.42
C LEU A 274 -7.57 9.29 5.71
N ILE A 275 -7.03 8.89 6.87
CA ILE A 275 -5.63 9.18 7.21
C ILE A 275 -4.70 8.53 6.20
N ARG A 276 -4.99 7.28 5.83
CA ARG A 276 -4.14 6.57 4.88
C ARG A 276 -4.11 7.27 3.52
N GLN A 277 -5.26 7.71 3.03
CA GLN A 277 -5.28 8.37 1.72
C GLN A 277 -4.62 9.75 1.79
N ALA A 278 -4.81 10.48 2.89
CA ALA A 278 -4.18 11.79 2.99
C ALA A 278 -2.67 11.66 2.99
N ARG A 279 -2.14 10.66 3.70
CA ARG A 279 -0.70 10.45 3.76
C ARG A 279 -0.16 9.83 2.48
N TRP A 280 -0.98 9.05 1.78
CA TRP A 280 -0.60 8.52 0.47
C TRP A 280 -0.21 9.65 -0.49
N THR A 281 -1.09 10.64 -0.65
CA THR A 281 -0.83 11.73 -1.59
C THR A 281 0.25 12.66 -1.04
N ALA A 282 0.20 12.97 0.25
CA ALA A 282 1.19 13.87 0.85
C ALA A 282 2.59 13.30 0.70
N ARG A 283 2.76 12.00 0.99
CA ARG A 283 4.10 11.41 0.93
C ARG A 283 4.60 11.34 -0.50
N ALA A 284 3.70 11.06 -1.45
CA ALA A 284 4.10 11.03 -2.85
C ALA A 284 4.59 12.40 -3.30
N ILE A 285 3.91 13.46 -2.87
CA ILE A 285 4.36 14.82 -3.15
C ILE A 285 5.70 15.07 -2.47
N ASP A 286 5.81 14.74 -1.19
CA ASP A 286 7.05 14.97 -0.45
C ASP A 286 8.24 14.34 -1.16
N ASP A 287 8.07 13.10 -1.64
CA ASP A 287 9.19 12.37 -2.24
C ASP A 287 9.62 13.02 -3.56
N ALA A 288 8.67 13.51 -4.34
CA ALA A 288 9.02 14.24 -5.55
C ALA A 288 9.70 15.56 -5.20
N ALA A 289 9.11 16.32 -4.28
CA ALA A 289 9.68 17.60 -3.89
C ALA A 289 11.11 17.43 -3.37
N LYS A 290 11.40 16.34 -2.67
CA LYS A 290 12.76 16.10 -2.17
C LYS A 290 13.77 16.07 -3.29
N ARG A 291 13.34 15.66 -4.48
CA ARG A 291 14.23 15.54 -5.63
C ARG A 291 14.12 16.74 -6.56
N GLY A 292 13.39 17.78 -6.16
CA GLY A 292 13.15 18.89 -7.06
C GLY A 292 12.31 18.50 -8.24
N GLN A 293 11.47 17.49 -8.08
CA GLN A 293 10.61 17.00 -9.12
C GLN A 293 9.16 17.21 -8.74
N LEU A 294 8.29 17.07 -9.72
CA LEU A 294 6.86 17.20 -9.52
C LEU A 294 6.23 15.83 -9.44
N LEU A 295 5.16 15.75 -8.64
CA LEU A 295 4.35 14.54 -8.55
C LEU A 295 3.98 14.03 -9.94
N VAL A 296 4.18 12.72 -10.16
CA VAL A 296 3.77 12.06 -11.40
C VAL A 296 2.84 10.90 -11.05
N VAL A 297 1.63 10.90 -11.61
CA VAL A 297 0.64 9.84 -11.39
C VAL A 297 0.05 9.34 -12.70
N PRO A 298 0.51 8.20 -13.23
CA PRO A 298 -0.04 7.70 -14.49
C PRO A 298 -1.43 7.10 -14.31
N ASN A 299 -2.18 7.08 -15.40
CA ASN A 299 -3.41 6.28 -15.46
C ASN A 299 -3.04 4.79 -15.42
N PRO A 300 -3.48 4.04 -14.39
CA PRO A 300 -3.13 2.61 -14.33
C PRO A 300 -3.53 1.83 -15.55
N GLU A 301 -4.60 2.25 -16.24
CA GLU A 301 -5.08 1.56 -17.42
C GLU A 301 -4.55 2.15 -18.72
N PHE A 302 -3.78 3.22 -18.66
CA PHE A 302 -3.33 3.86 -19.89
C PHE A 302 -2.14 4.75 -19.53
N PRO A 303 -0.96 4.15 -19.36
CA PRO A 303 0.12 4.87 -18.66
C PRO A 303 0.64 6.11 -19.36
N VAL A 304 0.43 6.27 -20.68
CA VAL A 304 0.89 7.50 -21.32
C VAL A 304 0.08 8.70 -20.83
N GLU A 305 -1.15 8.48 -20.37
CA GLU A 305 -1.93 9.53 -19.76
C GLU A 305 -1.47 9.73 -18.32
N ARG A 306 -1.10 10.96 -17.98
CA ARG A 306 -0.75 11.32 -16.61
C ARG A 306 -1.87 12.16 -16.01
N PHE A 307 -2.33 11.75 -14.83
CA PHE A 307 -3.29 12.53 -14.05
C PHE A 307 -2.68 13.78 -13.45
N THR A 308 -1.38 13.96 -13.65
CA THR A 308 -0.62 15.11 -13.18
C THR A 308 -0.19 16.01 -14.34
N ASP A 309 -0.88 15.92 -15.47
CA ASP A 309 -0.47 16.69 -16.64
C ASP A 309 -0.83 18.16 -16.53
N ARG A 310 -1.83 18.51 -15.72
CA ARG A 310 -2.19 19.90 -15.49
C ARG A 310 -1.79 20.40 -14.11
N TRP A 311 -1.56 19.49 -13.15
CA TRP A 311 -1.23 19.88 -11.79
C TRP A 311 -0.29 18.80 -11.23
N PRO A 312 0.77 19.18 -10.51
CA PRO A 312 1.14 20.53 -10.10
C PRO A 312 2.00 21.24 -11.14
N GLU A 313 1.91 22.57 -11.17
CA GLU A 313 2.70 23.39 -12.07
C GLU A 313 4.01 23.86 -11.44
N SER A 314 4.13 23.80 -10.12
CA SER A 314 5.30 24.32 -9.44
C SER A 314 5.47 23.60 -8.11
N GLN A 315 6.66 23.78 -7.53
CA GLN A 315 6.92 23.25 -6.20
C GLN A 315 5.97 23.82 -5.18
N LEU A 316 5.78 25.14 -5.21
CA LEU A 316 4.90 25.80 -4.23
C LEU A 316 3.51 25.18 -4.26
N GLN A 317 2.97 24.95 -5.46
CA GLN A 317 1.64 24.36 -5.56
C GLN A 317 1.58 23.01 -4.87
N GLN A 318 2.51 22.12 -5.18
CA GLN A 318 2.36 20.78 -4.60
C GLN A 318 2.71 20.77 -3.13
N THR A 319 3.73 21.53 -2.70
CA THR A 319 4.08 21.47 -1.28
C THR A 319 3.01 22.12 -0.41
N THR A 320 2.31 23.12 -0.94
CA THR A 320 1.19 23.72 -0.22
C THR A 320 0.12 22.68 0.05
N TYR A 321 -0.22 21.88 -0.96
CA TYR A 321 -1.26 20.86 -0.78
C TYR A 321 -0.81 19.75 0.17
N SER A 322 0.45 19.32 0.07
CA SER A 322 0.98 18.34 1.01
C SER A 322 0.83 18.83 2.45
N ARG A 323 1.15 20.10 2.70
CA ARG A 323 1.00 20.62 4.06
C ARG A 323 -0.45 20.54 4.54
N HIS A 324 -1.41 20.87 3.67
CA HIS A 324 -2.83 20.70 4.04
C HIS A 324 -3.15 19.24 4.37
N LEU A 325 -2.64 18.31 3.57
CA LEU A 325 -2.93 16.89 3.78
C LEU A 325 -2.33 16.36 5.09
N HIS A 326 -1.09 16.78 5.42
CA HIS A 326 -0.50 16.36 6.68
C HIS A 326 -1.31 16.91 7.85
N THR A 327 -1.75 18.16 7.76
CA THR A 327 -2.53 18.75 8.84
C THR A 327 -3.81 17.95 9.06
N LEU A 328 -4.49 17.58 7.97
CA LEU A 328 -5.68 16.76 8.05
C LEU A 328 -5.37 15.40 8.70
N ALA A 329 -4.38 14.69 8.16
CA ALA A 329 -4.07 13.35 8.67
C ALA A 329 -3.64 13.41 10.13
N ASN A 330 -2.80 14.40 10.48
CA ASN A 330 -2.28 14.47 11.84
C ASN A 330 -3.36 14.82 12.85
N GLY A 331 -4.33 15.64 12.46
CA GLY A 331 -5.41 15.97 13.37
C GLY A 331 -6.37 14.82 13.59
N LEU A 332 -6.69 14.09 12.51
CA LEU A 332 -7.53 12.91 12.66
C LEU A 332 -6.85 11.85 13.51
N GLU A 333 -5.53 11.72 13.36
CA GLU A 333 -4.81 10.73 14.15
C GLU A 333 -4.75 11.15 15.62
N ALA A 334 -4.57 12.44 15.90
CA ALA A 334 -4.62 12.90 17.28
C ALA A 334 -6.00 12.67 17.88
N ALA A 335 -7.05 12.68 17.06
CA ALA A 335 -8.40 12.46 17.61
C ALA A 335 -8.62 11.00 17.96
N ARG A 336 -8.09 10.07 17.14
CA ARG A 336 -8.20 8.65 17.47
C ARG A 336 -7.49 8.35 18.79
N THR A 337 -6.35 8.99 19.03
CA THR A 337 -5.64 8.85 20.30
C THR A 337 -5.85 10.08 21.17
N LEU A 342 -15.01 15.40 22.23
CA LEU A 342 -15.16 15.64 20.79
C LEU A 342 -15.86 16.96 20.52
N GLU A 343 -15.71 17.90 21.44
CA GLU A 343 -16.19 19.26 21.25
C GLU A 343 -15.10 20.20 20.78
N ASP A 344 -13.85 19.91 21.12
CA ASP A 344 -12.74 20.56 20.43
C ASP A 344 -12.56 19.98 19.03
N LEU A 345 -12.92 18.71 18.84
CA LEU A 345 -12.79 18.12 17.53
C LEU A 345 -13.79 18.72 16.55
N GLN A 346 -15.00 19.04 17.00
CA GLN A 346 -16.01 19.59 16.10
C GLN A 346 -15.57 20.94 15.53
N GLU A 347 -14.91 21.76 16.35
CA GLU A 347 -14.43 23.04 15.85
C GLU A 347 -13.36 22.84 14.79
N TRP A 348 -12.40 21.96 15.07
CA TRP A 348 -11.37 21.65 14.09
C TRP A 348 -11.98 21.06 12.82
N LEU A 349 -13.00 20.22 12.95
CA LEU A 349 -13.66 19.67 11.78
C LEU A 349 -14.31 20.77 10.94
N ARG A 350 -14.88 21.81 11.59
CA ARG A 350 -15.51 22.88 10.85
C ARG A 350 -14.52 23.57 9.92
N GLY A 351 -13.30 23.79 10.41
CA GLY A 351 -12.26 24.37 9.57
C GLY A 351 -11.82 23.46 8.44
N GLN A 352 -11.84 22.15 8.65
CA GLN A 352 -11.36 21.24 7.61
C GLN A 352 -12.43 20.96 6.57
N PHE A 353 -13.70 20.86 6.99
CA PHE A 353 -14.74 20.38 6.10
C PHE A 353 -15.89 21.35 5.88
N GLY A 354 -15.89 22.51 6.52
CA GLY A 354 -16.97 23.46 6.33
C GLY A 354 -17.89 23.61 7.53
N ASP A 355 -18.23 24.85 7.88
CA ASP A 355 -19.02 25.12 9.08
C ASP A 355 -20.39 24.43 9.03
N ARG A 356 -21.18 24.71 8.00
CA ARG A 356 -22.57 24.29 8.00
C ARG A 356 -22.70 22.78 7.90
N VAL A 357 -21.89 22.13 7.06
CA VAL A 357 -22.01 20.68 6.92
C VAL A 357 -21.60 19.97 8.21
N VAL A 358 -20.56 20.46 8.88
CA VAL A 358 -20.16 19.84 10.14
C VAL A 358 -21.23 20.03 11.20
N THR A 359 -21.85 21.21 11.25
CA THR A 359 -22.94 21.44 12.19
C THR A 359 -24.09 20.47 11.95
N ARG A 360 -24.44 20.26 10.68
CA ARG A 360 -25.53 19.33 10.37
C ARG A 360 -25.17 17.89 10.72
N SER A 361 -23.90 17.51 10.58
CA SER A 361 -23.48 16.15 10.88
C SER A 361 -23.40 15.90 12.38
N VAL A 362 -22.83 16.86 13.13
CA VAL A 362 -22.74 16.71 14.59
C VAL A 362 -24.14 16.60 15.19
N LYS A 363 -25.12 17.30 14.61
CA LYS A 363 -26.50 17.17 15.10
C LYS A 363 -27.02 15.76 14.90
N ALA A 364 -26.74 15.15 13.74
CA ALA A 364 -27.19 13.79 13.48
C ALA A 364 -26.50 12.81 14.42
N PHE A 365 -25.20 12.99 14.65
CA PHE A 365 -24.47 12.11 15.56
C PHE A 365 -24.98 12.25 16.99
N ASN A 366 -25.50 13.41 17.35
CA ASN A 366 -26.06 13.58 18.69
C ASN A 366 -27.28 12.70 18.92
N GLN A 367 -28.06 12.44 17.86
CA GLN A 367 -29.25 11.61 17.99
C GLN A 367 -28.97 10.16 17.60
N ASP B 19 26.89 -23.23 33.24
CA ASP B 19 25.88 -24.26 33.43
C ASP B 19 25.82 -25.17 32.21
N PRO B 20 25.84 -26.50 32.43
CA PRO B 20 25.95 -27.43 31.29
C PRO B 20 24.92 -27.20 30.20
N LEU B 21 23.65 -27.00 30.56
CA LEU B 21 22.62 -26.82 29.55
C LEU B 21 22.73 -25.46 28.88
N ASP B 22 22.86 -24.40 29.67
CA ASP B 22 23.07 -23.07 29.08
C ASP B 22 24.31 -23.05 28.20
N ALA B 23 25.36 -23.76 28.62
CA ALA B 23 26.60 -23.79 27.85
C ALA B 23 26.41 -24.52 26.54
N VAL B 24 25.68 -25.64 26.55
CA VAL B 24 25.53 -26.44 25.33
C VAL B 24 24.70 -25.69 24.31
N LEU B 25 23.67 -24.97 24.76
CA LEU B 25 22.88 -24.16 23.84
C LEU B 25 23.71 -22.99 23.29
N ALA B 26 24.59 -22.43 24.11
CA ALA B 26 25.40 -21.30 23.65
C ALA B 26 26.30 -21.69 22.50
N GLU B 27 26.97 -22.85 22.58
CA GLU B 27 27.86 -23.20 21.48
C GLU B 27 27.10 -23.65 20.25
N LEU B 28 25.93 -24.29 20.43
CA LEU B 28 25.02 -24.47 19.31
C LEU B 28 24.72 -23.14 18.64
N ALA B 29 24.36 -22.14 19.44
CA ALA B 29 24.09 -20.81 18.91
C ALA B 29 25.29 -20.25 18.16
N ILE B 30 26.50 -20.41 18.72
CA ILE B 30 27.71 -19.97 18.02
C ILE B 30 27.84 -20.65 16.67
N ASN B 31 27.50 -21.95 16.60
CA ASN B 31 27.72 -22.70 15.37
C ASN B 31 26.63 -22.51 14.33
N ILE B 32 25.59 -21.72 14.60
CA ILE B 32 24.64 -21.40 13.54
C ILE B 32 24.68 -19.92 13.17
N GLN B 33 25.62 -19.14 13.70
CA GLN B 33 25.72 -17.74 13.37
C GLN B 33 26.26 -17.55 11.95
N LEU B 34 25.98 -16.38 11.39
CA LEU B 34 26.73 -15.92 10.23
C LEU B 34 28.20 -15.76 10.64
N PRO B 35 29.14 -16.49 10.05
CA PRO B 35 30.51 -16.48 10.57
C PRO B 35 31.12 -15.10 10.45
N PRO B 36 32.08 -14.76 11.33
CA PRO B 36 32.65 -13.41 11.33
C PRO B 36 33.19 -12.96 9.99
N GLY B 37 33.87 -13.85 9.26
CA GLY B 37 34.42 -13.46 7.97
C GLY B 37 33.36 -12.98 7.01
N LEU B 38 32.23 -13.70 6.95
CA LEU B 38 31.14 -13.27 6.08
C LEU B 38 30.38 -12.09 6.67
N HIS B 39 30.16 -12.10 7.98
CA HIS B 39 29.49 -10.99 8.65
C HIS B 39 30.17 -9.66 8.34
N ALA B 40 31.51 -9.65 8.34
CA ALA B 40 32.28 -8.44 8.03
C ALA B 40 32.13 -7.96 6.60
N LYS B 41 31.60 -8.79 5.70
CA LYS B 41 31.48 -8.42 4.29
C LYS B 41 30.07 -7.99 3.91
N ALA B 42 29.09 -8.20 4.80
CA ALA B 42 27.68 -8.17 4.42
C ALA B 42 27.23 -6.77 4.01
N VAL B 43 27.62 -5.75 4.79
CA VAL B 43 27.15 -4.39 4.51
C VAL B 43 27.70 -3.90 3.18
N GLU B 44 29.03 -4.02 3.02
CA GLU B 44 29.66 -3.62 1.76
C GLU B 44 29.04 -4.37 0.58
N ARG B 45 28.63 -5.63 0.80
CA ARG B 45 28.05 -6.42 -0.27
C ARG B 45 26.74 -5.80 -0.77
N TYR B 46 25.85 -5.42 0.14
CA TYR B 46 24.59 -4.88 -0.38
C TYR B 46 24.76 -3.44 -0.88
N GLU B 47 25.73 -2.69 -0.34
CA GLU B 47 26.01 -1.36 -0.89
C GLU B 47 26.55 -1.45 -2.30
N ALA B 48 27.29 -2.51 -2.61
CA ALA B 48 27.75 -2.66 -3.99
C ALA B 48 26.59 -2.98 -4.92
N VAL B 49 25.58 -3.71 -4.42
CA VAL B 49 24.37 -3.93 -5.20
C VAL B 49 23.66 -2.61 -5.46
N ARG B 50 23.54 -1.77 -4.43
CA ARG B 50 22.91 -0.46 -4.61
C ARG B 50 23.66 0.37 -5.63
N ARG B 51 24.99 0.41 -5.53
CA ARG B 51 25.80 1.11 -6.51
C ARG B 51 25.50 0.65 -7.93
N TYR B 52 25.38 -0.66 -8.12
CA TYR B 52 25.08 -1.20 -9.45
C TYR B 52 23.71 -0.77 -9.92
N ILE B 53 22.71 -0.86 -9.02
CA ILE B 53 21.34 -0.46 -9.32
C ILE B 53 21.25 1.02 -9.69
N GLU B 54 22.13 1.84 -9.14
CA GLU B 54 22.09 3.28 -9.34
C GLU B 54 22.94 3.75 -10.50
N ARG B 55 23.60 2.84 -11.21
CA ARG B 55 24.56 3.21 -12.23
C ARG B 55 23.86 3.83 -13.44
N PRO B 56 24.57 4.68 -14.19
CA PRO B 56 23.98 5.28 -15.39
C PRO B 56 23.51 4.21 -16.36
N GLY B 57 22.31 4.42 -16.90
CA GLY B 57 21.68 3.47 -17.79
C GLY B 57 20.75 2.50 -17.10
N SER B 58 20.90 2.29 -15.80
CA SER B 58 20.00 1.41 -15.09
C SER B 58 18.58 1.97 -15.06
N PRO B 59 17.56 1.12 -15.17
CA PRO B 59 16.17 1.59 -15.03
C PRO B 59 15.90 2.27 -13.70
N LEU B 60 16.71 2.01 -12.68
CA LEU B 60 16.52 2.60 -11.36
C LEU B 60 17.48 3.74 -11.07
N GLU B 61 18.19 4.25 -12.09
CA GLU B 61 19.00 5.44 -11.89
C GLU B 61 18.13 6.57 -11.38
N GLY B 62 18.59 7.26 -10.34
CA GLY B 62 17.85 8.36 -9.78
C GLY B 62 16.57 7.98 -9.08
N ARG B 63 16.35 6.70 -8.82
CA ARG B 63 15.08 6.24 -8.27
C ARG B 63 15.22 5.47 -6.97
N VAL B 64 16.42 5.36 -6.40
CA VAL B 64 16.62 4.65 -5.16
C VAL B 64 16.57 5.65 -4.02
N ALA B 65 15.54 5.53 -3.17
CA ALA B 65 15.44 6.37 -1.99
C ALA B 65 16.42 5.93 -0.93
N CYS B 66 16.50 4.61 -0.70
CA CYS B 66 17.44 4.07 0.27
C CYS B 66 17.49 2.55 0.15
N PHE B 67 18.51 1.97 0.76
CA PHE B 67 18.69 0.55 0.95
C PHE B 67 18.72 0.29 2.44
N TYR B 68 18.05 -0.78 2.88
CA TYR B 68 18.15 -1.10 4.29
C TYR B 68 17.94 -2.58 4.52
N PRO B 69 18.62 -3.17 5.50
CA PRO B 69 18.37 -4.56 5.84
C PRO B 69 17.00 -4.74 6.45
N GLN B 70 16.41 -5.89 6.19
CA GLN B 70 15.19 -6.32 6.86
C GLN B 70 15.42 -7.74 7.37
N GLY B 71 14.42 -8.29 8.04
CA GLY B 71 14.57 -9.64 8.56
C GLY B 71 15.71 -9.77 9.56
N SER B 72 16.39 -10.92 9.49
CA SER B 72 17.39 -11.28 10.49
C SER B 72 18.52 -10.25 10.56
N MET B 73 18.97 -9.75 9.41
CA MET B 73 20.12 -8.85 9.44
C MET B 73 19.79 -7.55 10.18
N ALA B 74 18.53 -7.12 10.14
CA ALA B 74 18.16 -5.89 10.82
C ALA B 74 18.15 -6.05 12.33
N ILE B 75 18.19 -7.28 12.84
CA ILE B 75 18.04 -7.51 14.27
C ILE B 75 19.15 -8.43 14.79
N ASP B 76 20.21 -8.60 14.01
CA ASP B 76 21.38 -9.38 14.43
C ASP B 76 21.03 -10.83 14.73
N ALA B 77 20.15 -11.41 13.90
CA ALA B 77 19.58 -12.73 14.17
C ALA B 77 19.84 -13.73 13.05
N THR B 78 20.80 -13.46 12.18
CA THR B 78 20.99 -14.34 11.02
C THR B 78 21.52 -15.70 11.41
N THR B 79 21.01 -16.74 10.75
CA THR B 79 21.45 -18.12 10.92
C THR B 79 21.76 -18.74 9.56
N SER B 80 22.34 -19.93 9.57
CA SER B 80 22.40 -20.72 8.34
C SER B 80 20.99 -20.95 7.81
N THR B 81 20.88 -21.06 6.49
CA THR B 81 19.59 -21.22 5.83
C THR B 81 19.09 -22.64 5.97
N ARG B 82 17.77 -22.77 6.11
CA ARG B 82 17.10 -24.06 6.14
C ARG B 82 17.64 -25.00 5.06
N GLY B 83 18.00 -26.21 5.47
CA GLY B 83 18.55 -27.22 4.58
C GLY B 83 20.06 -27.24 4.53
N THR B 84 20.72 -26.27 5.15
CA THR B 84 22.18 -26.16 5.09
C THR B 84 22.72 -25.80 6.45
N ASP B 85 24.03 -26.05 6.61
CA ASP B 85 24.80 -25.49 7.70
C ASP B 85 25.77 -24.41 7.24
N ASP B 86 25.93 -24.21 5.92
CA ASP B 86 27.02 -23.39 5.39
C ASP B 86 26.56 -22.38 4.35
N GLU B 87 25.26 -22.08 4.26
CA GLU B 87 24.79 -21.00 3.43
C GLU B 87 23.90 -20.10 4.27
N TYR B 88 23.74 -18.86 3.81
CA TYR B 88 23.11 -17.79 4.59
C TYR B 88 22.39 -16.89 3.62
N ASP B 89 21.24 -16.36 4.02
CA ASP B 89 20.44 -15.52 3.14
C ASP B 89 20.11 -14.23 3.87
N LEU B 90 20.53 -13.12 3.30
CA LEU B 90 20.28 -11.79 3.86
C LEU B 90 19.16 -11.11 3.08
N ASP B 91 18.29 -10.40 3.80
CA ASP B 91 17.15 -9.74 3.19
C ASP B 91 17.39 -8.23 3.16
N ILE B 92 17.41 -7.67 1.95
CA ILE B 92 17.70 -6.25 1.75
C ILE B 92 16.50 -5.62 1.06
N VAL B 93 16.08 -4.44 1.54
CA VAL B 93 15.03 -3.67 0.87
C VAL B 93 15.66 -2.53 0.09
N ALA B 94 15.27 -2.39 -1.17
CA ALA B 94 15.56 -1.22 -1.99
C ALA B 94 14.27 -0.42 -2.13
N GLU B 95 14.21 0.75 -1.47
CA GLU B 95 13.03 1.61 -1.54
C GLU B 95 13.10 2.44 -2.82
N ILE B 96 12.11 2.28 -3.70
CA ILE B 96 12.15 2.81 -5.05
C ILE B 96 11.11 3.92 -5.18
N GLU B 97 11.54 5.04 -5.74
CA GLU B 97 10.71 6.23 -5.93
C GLU B 97 10.38 6.39 -7.40
N GLY B 98 9.86 7.56 -7.74
CA GLY B 98 9.54 7.88 -9.11
C GLY B 98 8.16 7.41 -9.46
N PRO B 99 7.80 7.48 -10.75
CA PRO B 99 6.47 7.02 -11.17
C PRO B 99 6.26 5.55 -10.82
N ASP B 100 5.04 5.23 -10.42
CA ASP B 100 4.68 3.86 -10.06
C ASP B 100 3.83 3.28 -11.20
N LEU B 101 4.37 2.29 -11.89
CA LEU B 101 3.66 1.63 -12.98
C LEU B 101 3.13 0.25 -12.60
N GLY B 102 3.05 -0.07 -11.31
CA GLY B 102 2.51 -1.34 -10.86
C GLY B 102 3.57 -2.27 -10.33
N PRO B 103 3.14 -3.30 -9.58
CA PRO B 103 4.11 -4.17 -8.88
C PRO B 103 4.89 -5.08 -9.82
N GLU B 104 4.30 -5.56 -10.91
CA GLU B 104 5.09 -6.36 -11.83
C GLU B 104 6.17 -5.52 -12.52
N ALA B 105 5.83 -4.29 -12.90
CA ALA B 105 6.82 -3.39 -13.52
C ALA B 105 7.94 -3.04 -12.56
N LEU B 106 7.63 -2.92 -11.27
CA LEU B 106 8.67 -2.65 -10.27
C LEU B 106 9.68 -3.78 -10.21
N LEU B 107 9.19 -5.03 -10.12
CA LEU B 107 10.10 -6.18 -10.12
C LEU B 107 10.85 -6.29 -11.44
N ASP B 108 10.18 -5.96 -12.56
CA ASP B 108 10.85 -5.91 -13.86
C ASP B 108 12.02 -4.95 -13.84
N ASP B 109 11.80 -3.75 -13.30
CA ASP B 109 12.85 -2.74 -13.24
C ASP B 109 14.03 -3.21 -12.40
N LEU B 110 13.76 -3.86 -11.27
CA LEU B 110 14.86 -4.36 -10.43
C LEU B 110 15.61 -5.50 -11.11
N GLU B 111 14.87 -6.44 -11.69
CA GLU B 111 15.52 -7.54 -12.43
C GLU B 111 16.40 -6.98 -13.53
N ALA B 112 15.89 -6.01 -14.29
CA ALA B 112 16.64 -5.41 -15.39
C ALA B 112 17.88 -4.68 -14.88
N ALA B 113 17.75 -3.97 -13.76
CA ALA B 113 18.88 -3.25 -13.19
C ALA B 113 19.97 -4.20 -12.68
N LEU B 114 19.61 -5.42 -12.32
CA LEU B 114 20.55 -6.40 -11.78
C LEU B 114 21.06 -7.36 -12.85
N GLU B 115 20.56 -7.26 -14.07
CA GLU B 115 21.01 -8.11 -15.17
C GLU B 115 22.51 -7.96 -15.36
N SER B 116 23.21 -9.10 -15.43
CA SER B 116 24.67 -9.20 -15.58
C SER B 116 25.44 -8.69 -14.37
N TYR B 117 24.80 -8.56 -13.22
CA TYR B 117 25.55 -8.32 -11.99
C TYR B 117 26.47 -9.52 -11.75
N PRO B 118 27.75 -9.29 -11.53
CA PRO B 118 28.71 -10.40 -11.47
C PRO B 118 28.61 -11.21 -10.18
N VAL B 119 27.57 -12.03 -10.08
CA VAL B 119 27.45 -13.00 -8.99
C VAL B 119 27.25 -14.37 -9.63
N SER B 120 27.16 -15.42 -8.79
CA SER B 120 27.04 -16.77 -9.34
C SER B 120 25.74 -16.94 -10.12
N LYS B 121 24.65 -16.33 -9.65
CA LYS B 121 23.38 -16.53 -10.31
C LYS B 121 22.39 -15.48 -9.81
N VAL B 122 21.54 -15.02 -10.72
CA VAL B 122 20.47 -14.06 -10.42
C VAL B 122 19.15 -14.74 -10.70
N VAL B 123 18.30 -14.84 -9.70
CA VAL B 123 17.02 -15.53 -9.83
C VAL B 123 15.89 -14.57 -9.46
N ARG B 124 14.92 -14.42 -10.37
CA ARG B 124 13.71 -13.68 -10.05
C ARG B 124 12.75 -14.55 -9.25
N GLN B 125 12.33 -14.04 -8.10
CA GLN B 125 11.32 -14.68 -7.28
C GLN B 125 10.03 -13.88 -7.35
N THR B 126 9.02 -14.39 -6.67
CA THR B 126 7.72 -13.72 -6.70
C THR B 126 7.76 -12.32 -6.10
N ARG B 127 8.61 -12.10 -5.09
CA ARG B 127 8.62 -10.83 -4.38
C ARG B 127 9.98 -10.15 -4.38
N CYS B 128 10.99 -10.74 -4.99
CA CYS B 128 12.34 -10.21 -4.84
C CYS B 128 13.19 -10.78 -5.96
N ILE B 129 14.42 -10.27 -6.05
CA ILE B 129 15.46 -10.83 -6.91
C ILE B 129 16.54 -11.38 -6.00
N THR B 130 16.86 -12.66 -6.18
CA THR B 130 17.90 -13.30 -5.39
C THR B 130 19.23 -13.22 -6.12
N LEU B 131 20.27 -12.82 -5.38
CA LEU B 131 21.65 -12.84 -5.85
C LEU B 131 22.38 -13.91 -5.07
N TYR B 132 22.79 -14.98 -5.76
CA TYR B 132 23.55 -16.06 -5.15
C TYR B 132 25.03 -15.80 -5.31
N TYR B 133 25.77 -15.85 -4.21
CA TYR B 133 27.19 -15.54 -4.19
C TYR B 133 27.99 -16.83 -4.01
N ALA B 134 29.21 -16.82 -4.55
CA ALA B 134 30.03 -18.02 -4.55
C ALA B 134 30.36 -18.51 -3.15
N ASP B 135 30.47 -17.60 -2.18
CA ASP B 135 30.89 -17.98 -0.85
C ASP B 135 29.74 -18.39 0.05
N GLY B 136 28.52 -18.43 -0.47
CA GLY B 136 27.39 -18.97 0.27
C GLY B 136 26.58 -17.98 1.06
N MET B 137 26.92 -16.68 1.00
CA MET B 137 26.15 -15.62 1.66
C MET B 137 25.38 -14.88 0.59
N HIS B 138 24.09 -15.17 0.46
CA HIS B 138 23.26 -14.67 -0.62
C HIS B 138 22.42 -13.48 -0.17
N LEU B 139 21.98 -12.68 -1.15
CA LEU B 139 21.15 -11.50 -0.89
C LEU B 139 19.82 -11.64 -1.61
N ASP B 140 18.72 -11.49 -0.86
CA ASP B 140 17.40 -11.31 -1.46
C ASP B 140 17.10 -9.81 -1.50
N ILE B 141 16.95 -9.25 -2.70
CA ILE B 141 16.68 -7.82 -2.86
C ILE B 141 15.18 -7.63 -3.11
N THR B 142 14.50 -7.05 -2.13
CA THR B 142 13.07 -6.74 -2.28
C THR B 142 12.90 -5.27 -2.62
N PRO B 143 12.25 -4.92 -3.73
CA PRO B 143 11.97 -3.51 -3.99
C PRO B 143 10.69 -3.10 -3.28
N SER B 144 10.68 -1.90 -2.73
CA SER B 144 9.52 -1.41 -1.98
C SER B 144 9.07 -0.05 -2.50
N ARG B 145 7.84 0.30 -2.15
CA ARG B 145 7.28 1.62 -2.42
C ARG B 145 6.84 2.23 -1.11
N ARG B 146 7.36 3.41 -0.79
CA ARG B 146 6.97 4.11 0.42
C ARG B 146 5.61 4.77 0.20
N ARG B 147 4.70 4.63 1.16
CA ARG B 147 3.32 5.12 1.01
C ARG B 147 2.89 6.07 2.12
N ALA B 148 3.74 6.36 3.10
CA ALA B 148 3.37 7.20 4.22
C ALA B 148 4.64 7.72 4.88
N PRO B 149 4.52 8.80 5.67
CA PRO B 149 5.73 9.38 6.28
C PRO B 149 6.39 8.47 7.30
N LYS B 150 5.61 7.66 8.02
CA LYS B 150 6.19 6.82 9.06
C LYS B 150 7.28 5.92 8.48
N GLU B 151 8.43 5.89 9.15
CA GLU B 151 9.52 5.01 8.72
C GLU B 151 9.17 3.54 8.98
N LYS B 152 9.26 2.69 7.96
CA LYS B 152 9.23 3.03 6.54
C LYS B 152 8.02 2.32 5.94
N GLU B 153 6.87 2.96 6.11
CA GLU B 153 5.58 2.31 5.86
C GLU B 153 5.25 2.33 4.37
N GLY B 154 4.96 1.16 3.83
CA GLY B 154 4.71 1.08 2.40
C GLY B 154 4.22 -0.26 1.90
N GLU B 155 4.72 -0.65 0.73
CA GLU B 155 4.26 -1.86 0.07
C GLU B 155 5.42 -2.53 -0.66
N ILE B 156 5.29 -3.84 -0.86
CA ILE B 156 6.22 -4.64 -1.67
C ILE B 156 5.44 -5.40 -2.74
N PRO B 157 6.06 -5.73 -3.89
CA PRO B 157 5.32 -6.37 -4.97
C PRO B 157 5.26 -7.88 -4.81
N HIS B 158 4.20 -8.44 -5.37
CA HIS B 158 3.97 -9.88 -5.41
C HIS B 158 3.52 -10.21 -6.83
N ALA B 159 4.39 -10.82 -7.62
CA ALA B 159 4.09 -11.07 -9.02
C ALA B 159 4.66 -12.41 -9.47
N PRO B 167 -2.02 -12.54 -11.40
CA PRO B 167 -2.56 -11.27 -10.89
C PRO B 167 -1.60 -10.62 -9.87
N ALA B 168 -0.70 -9.78 -10.37
CA ALA B 168 0.27 -9.14 -9.50
C ALA B 168 -0.40 -8.12 -8.59
N ARG B 169 0.18 -7.94 -7.41
CA ARG B 169 -0.40 -7.05 -6.40
C ARG B 169 0.71 -6.48 -5.54
N TYR B 170 0.39 -5.36 -4.89
CA TYR B 170 1.22 -4.82 -3.81
C TYR B 170 0.71 -5.35 -2.47
N VAL B 171 1.65 -5.54 -1.55
CA VAL B 171 1.38 -6.11 -0.23
C VAL B 171 1.84 -5.10 0.81
N PRO B 172 1.01 -4.72 1.79
CA PRO B 172 1.47 -3.72 2.77
C PRO B 172 2.57 -4.26 3.65
N MET B 173 3.52 -3.38 3.99
CA MET B 173 4.57 -3.81 4.90
C MET B 173 5.19 -2.61 5.59
N ASN B 174 5.73 -2.86 6.80
CA ASN B 174 6.68 -1.93 7.42
C ASN B 174 7.72 -2.77 8.19
N SER B 175 8.66 -3.36 7.42
CA SER B 175 9.69 -4.20 8.04
C SER B 175 10.72 -3.37 8.79
N TYR B 176 10.95 -2.13 8.36
CA TYR B 176 11.93 -1.27 9.03
C TYR B 176 11.51 -0.97 10.46
N ALA B 177 10.26 -0.53 10.64
CA ALA B 177 9.79 -0.20 11.98
C ALA B 177 9.68 -1.43 12.86
N PHE B 178 9.39 -2.60 12.28
CA PHE B 178 9.38 -3.81 13.09
C PHE B 178 10.79 -4.11 13.62
N GLY B 179 11.80 -4.01 12.76
CA GLY B 179 13.16 -4.22 13.23
C GLY B 179 13.53 -3.25 14.35
N LYS B 180 13.14 -1.99 14.23
CA LYS B 180 13.45 -1.04 15.30
C LYS B 180 12.71 -1.39 16.59
N TRP B 181 11.46 -1.81 16.48
CA TRP B 181 10.68 -2.23 17.64
C TRP B 181 11.34 -3.40 18.34
N TYR B 182 11.81 -4.39 17.55
CA TYR B 182 12.48 -5.56 18.13
C TYR B 182 13.77 -5.14 18.83
N CYS B 183 14.59 -4.31 18.18
CA CYS B 183 15.86 -3.91 18.77
C CYS B 183 15.65 -3.14 20.06
N ALA B 184 14.59 -2.34 20.14
CA ALA B 184 14.31 -1.59 21.36
C ALA B 184 14.05 -2.52 22.54
N ARG B 185 13.58 -3.74 22.27
CA ARG B 185 13.26 -4.68 23.32
C ARG B 185 14.39 -5.64 23.63
N THR B 186 15.49 -5.59 22.89
CA THR B 186 16.59 -6.53 23.06
C THR B 186 17.91 -5.80 23.26
N PRO B 187 18.01 -5.00 24.33
CA PRO B 187 19.28 -4.31 24.61
C PRO B 187 20.42 -5.30 24.79
N THR B 188 21.61 -4.87 24.37
CA THR B 188 22.77 -5.74 24.49
C THR B 188 23.04 -6.06 25.95
N GLU B 189 23.33 -7.35 26.21
CA GLU B 189 23.61 -7.86 27.55
C GLU B 189 25.11 -8.14 27.65
N GLU B 190 25.80 -7.38 28.52
CA GLU B 190 27.26 -7.25 28.41
C GLU B 190 27.97 -8.57 28.66
N ARG B 191 27.80 -9.17 29.85
CA ARG B 191 28.53 -10.40 30.16
C ARG B 191 28.24 -11.49 29.13
N PHE B 192 26.96 -11.65 28.78
CA PHE B 192 26.55 -12.66 27.81
C PHE B 192 27.22 -12.41 26.46
N ALA B 193 27.09 -11.19 25.93
CA ALA B 193 27.61 -10.89 24.60
C ALA B 193 29.13 -10.97 24.56
N LEU B 194 29.81 -10.49 25.59
CA LEU B 194 31.28 -10.54 25.56
C LEU B 194 31.77 -11.98 25.54
N ALA B 195 31.13 -12.87 26.30
CA ALA B 195 31.58 -14.25 26.38
C ALA B 195 31.34 -14.99 25.07
N LEU B 196 30.12 -14.87 24.52
CA LEU B 196 29.79 -15.63 23.32
C LEU B 196 30.54 -15.10 22.11
N ASN B 197 30.69 -13.78 22.00
CA ASN B 197 31.46 -13.24 20.87
C ASN B 197 32.94 -13.59 20.95
N ARG B 198 33.53 -13.61 22.15
CA ARG B 198 34.92 -14.06 22.24
C ARG B 198 35.07 -15.46 21.65
N GLN B 199 34.12 -16.34 21.93
CA GLN B 199 34.23 -17.71 21.45
C GLN B 199 33.92 -17.79 19.96
N LEU B 200 32.88 -17.08 19.51
CA LEU B 200 32.55 -17.01 18.09
C LEU B 200 33.75 -16.57 17.26
N TYR B 201 34.44 -15.53 17.70
CA TYR B 201 35.59 -15.02 16.95
C TYR B 201 36.78 -15.97 17.08
N GLU B 202 37.02 -16.52 18.28
CA GLU B 202 38.16 -17.42 18.45
C GLU B 202 38.03 -18.66 17.57
N GLN B 203 36.80 -19.18 17.41
CA GLN B 203 36.59 -20.31 16.49
C GLN B 203 36.88 -19.94 15.04
N ALA B 204 36.78 -18.67 14.68
CA ALA B 204 37.09 -18.18 13.35
C ALA B 204 38.55 -17.77 13.22
N GLY B 205 39.37 -17.99 14.26
CA GLY B 205 40.77 -17.63 14.23
C GLY B 205 41.06 -16.18 14.52
N ILE B 206 40.14 -15.48 15.15
CA ILE B 206 40.21 -14.02 15.32
C ILE B 206 40.17 -13.71 16.81
N ALA B 207 41.00 -12.76 17.23
CA ALA B 207 41.05 -12.31 18.62
C ALA B 207 40.04 -11.18 18.82
N PHE B 208 39.00 -11.46 19.59
CA PHE B 208 38.00 -10.49 20.00
C PHE B 208 38.40 -9.96 21.37
N ALA B 209 38.80 -8.70 21.46
CA ALA B 209 39.46 -8.16 22.65
C ALA B 209 38.66 -6.99 23.22
N ALA B 210 37.76 -7.29 24.16
CA ALA B 210 36.93 -6.27 24.78
C ALA B 210 36.50 -6.72 26.17
N ALA B 211 36.72 -5.85 27.16
CA ALA B 211 36.25 -6.11 28.52
C ALA B 211 34.92 -5.43 28.82
N ASP B 212 34.49 -4.49 27.97
CA ASP B 212 33.22 -3.81 28.11
C ASP B 212 32.67 -3.54 26.73
N VAL B 213 31.33 -3.54 26.61
CA VAL B 213 30.70 -3.37 25.32
C VAL B 213 31.03 -2.01 24.71
N GLU B 214 31.29 -1.00 25.54
CA GLU B 214 31.77 0.27 25.02
C GLU B 214 33.16 0.18 24.42
N ASP B 215 33.91 -0.89 24.72
CA ASP B 215 35.32 -0.97 24.34
C ASP B 215 35.58 -2.04 23.27
N VAL B 216 34.56 -2.39 22.50
CA VAL B 216 34.70 -3.39 21.44
C VAL B 216 35.44 -2.81 20.25
N PRO B 217 36.55 -3.39 19.82
CA PRO B 217 37.26 -2.89 18.63
C PRO B 217 36.35 -2.90 17.41
N PRO B 218 36.29 -1.79 16.68
CA PRO B 218 35.35 -1.71 15.55
C PRO B 218 35.53 -2.79 14.51
N GLN B 219 36.73 -3.37 14.39
CA GLN B 219 37.00 -4.41 13.40
C GLN B 219 36.51 -5.79 13.83
N THR B 220 36.14 -5.97 15.10
CA THR B 220 35.52 -7.19 15.59
C THR B 220 34.24 -6.83 16.34
N PRO B 221 33.22 -6.35 15.62
CA PRO B 221 32.01 -5.88 16.28
C PRO B 221 31.21 -7.02 16.89
N LEU B 222 30.28 -6.65 17.77
CA LEU B 222 29.36 -7.63 18.32
C LEU B 222 28.49 -8.22 17.22
N ILE B 223 28.49 -9.54 17.13
CA ILE B 223 27.57 -10.26 16.27
C ILE B 223 26.38 -10.77 17.08
N ILE B 224 26.67 -11.30 18.25
CA ILE B 224 25.67 -11.72 19.23
C ILE B 224 25.52 -10.62 20.28
N LYS B 225 24.27 -10.29 20.62
CA LYS B 225 24.03 -9.17 21.53
C LYS B 225 23.06 -9.49 22.67
N SER B 226 22.07 -10.35 22.44
CA SER B 226 20.94 -10.49 23.36
C SER B 226 20.56 -11.94 23.53
N VAL B 227 20.27 -12.35 24.78
CA VAL B 227 19.77 -13.71 25.01
C VAL B 227 18.45 -13.94 24.29
N THR B 228 17.60 -12.91 24.24
CA THR B 228 16.33 -13.04 23.51
C THR B 228 16.60 -13.40 22.06
N THR B 229 17.57 -12.75 21.43
CA THR B 229 17.82 -13.02 20.01
C THR B 229 18.49 -14.36 19.80
N VAL B 230 19.41 -14.74 20.69
CA VAL B 230 20.02 -16.05 20.57
C VAL B 230 18.99 -17.16 20.71
N ALA B 231 18.04 -17.01 21.63
CA ALA B 231 16.98 -18.02 21.71
C ALA B 231 16.16 -18.03 20.43
N LEU B 232 15.89 -16.84 19.87
CA LEU B 232 15.17 -16.75 18.61
C LEU B 232 15.90 -17.48 17.49
N GLN B 233 17.23 -17.35 17.43
CA GLN B 233 18.01 -18.09 16.46
C GLN B 233 17.86 -19.60 16.67
N LEU B 234 17.87 -20.05 17.92
CA LEU B 234 17.67 -21.46 18.21
C LEU B 234 16.27 -21.92 17.83
N ILE B 235 15.25 -21.08 18.05
CA ILE B 235 13.90 -21.40 17.62
C ILE B 235 13.87 -21.56 16.09
N LYS B 236 14.53 -20.66 15.38
CA LYS B 236 14.56 -20.74 13.92
C LYS B 236 15.31 -21.97 13.46
N ARG B 237 16.40 -22.34 14.13
CA ARG B 237 17.14 -23.55 13.78
C ARG B 237 16.28 -24.79 13.98
N HIS B 238 15.58 -24.86 15.12
CA HIS B 238 14.64 -25.94 15.38
C HIS B 238 13.58 -25.99 14.30
N ARG B 239 13.06 -24.84 13.91
CA ARG B 239 12.10 -24.78 12.81
C ARG B 239 12.73 -25.32 11.53
N ASN B 240 13.97 -24.90 11.24
CA ASN B 240 14.60 -25.34 9.99
C ASN B 240 14.82 -26.85 9.96
N ILE B 241 15.12 -27.46 11.10
CA ILE B 241 15.32 -28.91 11.14
C ILE B 241 13.99 -29.62 10.99
N ALA B 242 12.96 -29.17 11.73
CA ALA B 242 11.67 -29.85 11.71
C ALA B 242 10.98 -29.74 10.35
N TYR B 243 11.30 -28.70 9.58
CA TYR B 243 10.69 -28.49 8.28
C TYR B 243 11.74 -28.48 7.17
N ALA B 244 12.81 -29.26 7.35
CA ALA B 244 13.93 -29.22 6.43
C ALA B 244 13.52 -29.58 5.00
N THR B 245 12.65 -30.57 4.85
CA THR B 245 12.18 -31.00 3.54
C THR B 245 10.71 -30.65 3.32
N GLU B 246 10.28 -29.50 3.83
CA GLU B 246 8.92 -29.02 3.65
C GLU B 246 8.87 -28.18 2.38
N THR B 247 8.05 -28.60 1.42
CA THR B 247 7.92 -27.85 0.17
C THR B 247 6.82 -26.80 0.22
N GLY B 248 5.88 -26.90 1.14
CA GLY B 248 4.87 -25.89 1.33
C GLY B 248 5.34 -24.83 2.30
N ARG B 249 4.38 -24.13 2.89
CA ARG B 249 4.72 -23.03 3.78
C ARG B 249 5.24 -23.55 5.12
N ILE B 250 6.25 -22.86 5.64
CA ILE B 250 6.82 -23.16 6.95
C ILE B 250 6.41 -22.04 7.91
N PRO B 251 6.46 -22.26 9.22
CA PRO B 251 6.18 -21.17 10.15
C PRO B 251 7.12 -20.00 9.89
N PRO B 252 6.59 -18.79 9.73
CA PRO B 252 7.42 -17.67 9.26
C PRO B 252 8.26 -17.06 10.36
N SER B 253 9.51 -16.75 10.00
CA SER B 253 10.44 -16.15 10.96
C SER B 253 9.96 -14.81 11.49
N VAL B 254 9.24 -14.01 10.68
CA VAL B 254 8.86 -12.69 11.20
C VAL B 254 7.84 -12.85 12.32
N MET B 255 6.99 -13.88 12.25
CA MET B 255 6.09 -14.17 13.35
C MET B 255 6.87 -14.59 14.59
N LEU B 256 7.85 -15.47 14.41
CA LEU B 256 8.66 -15.94 15.51
C LEU B 256 9.47 -14.81 16.12
N SER B 257 9.96 -13.89 15.28
CA SER B 257 10.72 -12.74 15.78
C SER B 257 9.82 -11.79 16.54
N CYS B 258 8.58 -11.60 16.08
CA CYS B 258 7.64 -10.75 16.79
C CYS B 258 7.30 -11.34 18.15
N HIS B 259 7.03 -12.64 18.20
CA HIS B 259 6.79 -13.30 19.48
C HIS B 259 8.01 -13.21 20.39
N ALA B 260 9.21 -13.37 19.84
CA ALA B 260 10.42 -13.16 20.63
C ALA B 260 10.44 -11.77 21.25
N GLY B 261 10.02 -10.75 20.49
CA GLY B 261 9.98 -9.41 21.04
C GLY B 261 8.99 -9.27 22.18
N HIS B 262 7.80 -9.87 22.04
CA HIS B 262 6.82 -9.84 23.13
C HIS B 262 7.29 -10.64 24.35
N ALA B 263 8.06 -11.71 24.12
CA ALA B 263 8.59 -12.57 25.17
C ALA B 263 9.87 -12.04 25.79
N ALA B 264 10.40 -10.93 25.27
CA ALA B 264 11.71 -10.43 25.69
C ALA B 264 11.72 -10.09 27.18
N ARG B 265 12.80 -10.49 27.85
CA ARG B 265 12.93 -10.28 29.29
C ARG B 265 14.40 -10.19 29.65
N PRO B 266 14.84 -9.09 30.28
CA PRO B 266 16.24 -8.99 30.70
C PRO B 266 16.54 -9.96 31.82
N GLY B 267 17.81 -10.33 31.91
CA GLY B 267 18.27 -11.18 32.99
C GLY B 267 17.60 -12.54 33.03
N MET B 268 17.62 -13.25 31.90
CA MET B 268 17.15 -14.62 31.82
C MET B 268 18.23 -15.46 31.16
N ARG B 269 18.43 -16.68 31.65
CA ARG B 269 19.41 -17.58 31.06
C ARG B 269 18.89 -18.16 29.75
N LEU B 270 19.82 -18.67 28.93
CA LEU B 270 19.48 -19.06 27.56
C LEU B 270 18.43 -20.16 27.51
N ALA B 271 18.63 -21.25 28.25
CA ALA B 271 17.66 -22.35 28.18
C ALA B 271 16.29 -21.89 28.66
N GLU B 272 16.25 -21.10 29.73
CA GLU B 272 14.98 -20.56 30.21
C GLU B 272 14.27 -19.74 29.14
N MET B 273 15.01 -18.87 28.44
CA MET B 273 14.42 -18.03 27.40
C MET B 273 14.02 -18.87 26.18
N LEU B 274 14.75 -19.94 25.88
CA LEU B 274 14.35 -20.80 24.77
C LEU B 274 13.06 -21.52 25.11
N ILE B 275 12.95 -22.02 26.34
CA ILE B 275 11.69 -22.61 26.81
C ILE B 275 10.56 -21.59 26.72
N ARG B 276 10.82 -20.37 27.19
CA ARG B 276 9.82 -19.31 27.17
C ARG B 276 9.32 -19.04 25.75
N GLN B 277 10.23 -18.89 24.78
CA GLN B 277 9.80 -18.56 23.43
C GLN B 277 9.09 -19.73 22.76
N ALA B 278 9.55 -20.96 23.01
CA ALA B 278 8.86 -22.11 22.46
C ALA B 278 7.42 -22.18 22.96
N ARG B 279 7.24 -21.97 24.26
CA ARG B 279 5.90 -22.04 24.83
C ARG B 279 5.08 -20.80 24.45
N TRP B 280 5.74 -19.66 24.23
CA TRP B 280 5.02 -18.46 23.82
C TRP B 280 4.27 -18.69 22.52
N THR B 281 4.95 -19.19 21.50
CA THR B 281 4.29 -19.45 20.22
C THR B 281 3.33 -20.64 20.33
N ALA B 282 3.73 -21.67 21.07
CA ALA B 282 2.87 -22.84 21.21
C ALA B 282 1.56 -22.48 21.89
N ARG B 283 1.65 -21.70 22.97
CA ARG B 283 0.45 -21.28 23.70
C ARG B 283 -0.43 -20.38 22.84
N ALA B 284 0.19 -19.48 22.05
CA ALA B 284 -0.60 -18.63 21.16
C ALA B 284 -1.38 -19.48 20.15
N ILE B 285 -0.73 -20.49 19.57
CA ILE B 285 -1.42 -21.39 18.64
C ILE B 285 -2.52 -22.16 19.37
N ASP B 286 -2.19 -22.74 20.53
CA ASP B 286 -3.16 -23.54 21.29
C ASP B 286 -4.39 -22.72 21.65
N ASP B 287 -4.18 -21.48 22.08
CA ASP B 287 -5.30 -20.61 22.45
C ASP B 287 -6.19 -20.33 21.25
N ALA B 288 -5.57 -20.11 20.09
CA ALA B 288 -6.36 -19.89 18.87
C ALA B 288 -7.08 -21.18 18.46
N ALA B 289 -6.36 -22.31 18.45
CA ALA B 289 -6.96 -23.56 18.01
C ALA B 289 -8.20 -23.95 18.81
N LYS B 290 -8.13 -23.79 20.14
CA LYS B 290 -9.26 -24.20 20.97
C LYS B 290 -10.50 -23.35 20.72
N ARG B 291 -10.31 -22.16 20.16
CA ARG B 291 -11.38 -21.25 19.82
C ARG B 291 -11.77 -21.34 18.34
N GLY B 292 -11.24 -22.33 17.63
CA GLY B 292 -11.58 -22.50 16.22
C GLY B 292 -11.06 -21.40 15.33
N GLN B 293 -9.91 -20.83 15.68
CA GLN B 293 -9.32 -19.72 14.96
C GLN B 293 -7.89 -20.06 14.57
N LEU B 294 -7.42 -19.42 13.52
CA LEU B 294 -5.98 -19.46 13.19
C LEU B 294 -5.22 -18.38 13.95
N LEU B 295 -3.96 -18.68 14.25
CA LEU B 295 -3.08 -17.70 14.85
C LEU B 295 -3.10 -16.39 14.07
N VAL B 296 -3.20 -15.28 14.80
CA VAL B 296 -3.12 -13.95 14.20
C VAL B 296 -2.06 -13.15 14.94
N VAL B 297 -1.07 -12.64 14.21
CA VAL B 297 0.00 -11.84 14.80
C VAL B 297 0.19 -10.58 13.96
N PRO B 298 -0.26 -9.41 14.42
CA PRO B 298 -0.06 -8.20 13.63
C PRO B 298 1.35 -7.64 13.80
N ASN B 299 1.75 -6.84 12.82
CA ASN B 299 2.94 -6.01 12.98
C ASN B 299 2.68 -4.98 14.08
N PRO B 300 3.41 -5.01 15.20
CA PRO B 300 3.21 -4.02 16.27
C PRO B 300 3.35 -2.58 15.84
N GLU B 301 4.02 -2.31 14.72
CA GLU B 301 4.19 -0.95 14.22
C GLU B 301 3.37 -0.67 12.98
N PHE B 302 2.54 -1.61 12.53
CA PHE B 302 1.74 -1.39 11.32
C PHE B 302 0.55 -2.34 11.34
N PRO B 303 -0.57 -1.93 11.93
CA PRO B 303 -1.70 -2.86 12.13
C PRO B 303 -2.28 -3.43 10.85
N VAL B 304 -2.13 -2.72 9.72
CA VAL B 304 -2.57 -3.24 8.43
C VAL B 304 -1.87 -4.56 8.11
N GLU B 305 -0.58 -4.66 8.45
CA GLU B 305 0.21 -5.84 8.13
C GLU B 305 0.04 -6.94 9.17
N ARG B 306 -0.19 -8.15 8.71
CA ARG B 306 -0.20 -9.32 9.57
C ARG B 306 1.00 -10.20 9.25
N PHE B 307 1.71 -10.64 10.29
CA PHE B 307 2.78 -11.60 10.10
C PHE B 307 2.27 -13.02 9.91
N THR B 308 0.95 -13.20 10.00
CA THR B 308 0.26 -14.45 9.77
C THR B 308 -0.55 -14.42 8.47
N ASP B 309 -0.21 -13.51 7.56
CA ASP B 309 -0.96 -13.39 6.32
C ASP B 309 -0.75 -14.59 5.41
N ARG B 310 0.37 -15.30 5.55
CA ARG B 310 0.64 -16.47 4.73
C ARG B 310 0.64 -17.77 5.51
N TRP B 311 0.79 -17.73 6.83
CA TRP B 311 0.84 -18.94 7.65
C TRP B 311 0.18 -18.56 8.96
N PRO B 312 -0.65 -19.42 9.57
CA PRO B 312 -1.01 -20.78 9.14
C PRO B 312 -2.21 -20.79 8.20
N GLU B 313 -2.36 -21.84 7.41
CA GLU B 313 -3.51 -21.98 6.54
C GLU B 313 -4.55 -22.96 7.11
N SER B 314 -4.21 -23.71 8.15
CA SER B 314 -5.13 -24.72 8.65
C SER B 314 -4.81 -25.01 10.11
N GLN B 315 -5.78 -25.66 10.76
CA GLN B 315 -5.57 -26.12 12.12
C GLN B 315 -4.41 -27.10 12.19
N LEU B 316 -4.37 -28.06 11.27
CA LEU B 316 -3.32 -29.07 11.28
C LEU B 316 -1.93 -28.44 11.14
N GLN B 317 -1.81 -27.45 10.26
CA GLN B 317 -0.55 -26.74 10.11
C GLN B 317 -0.11 -26.14 11.43
N GLN B 318 -1.02 -25.43 12.10
CA GLN B 318 -0.54 -24.73 13.29
C GLN B 318 -0.40 -25.69 14.47
N THR B 319 -1.33 -26.64 14.63
CA THR B 319 -1.20 -27.59 15.74
C THR B 319 0.02 -28.49 15.59
N THR B 320 0.42 -28.80 14.34
CA THR B 320 1.63 -29.58 14.14
C THR B 320 2.84 -28.84 14.70
N TYR B 321 2.94 -27.55 14.42
CA TYR B 321 4.07 -26.77 14.88
C TYR B 321 4.04 -26.62 16.39
N SER B 322 2.85 -26.40 16.96
CA SER B 322 2.72 -26.34 18.41
C SER B 322 3.24 -27.62 19.07
N ARG B 323 2.93 -28.79 18.49
CA ARG B 323 3.43 -30.06 19.02
C ARG B 323 4.96 -30.08 19.03
N HIS B 324 5.58 -29.66 17.92
CA HIS B 324 7.03 -29.60 17.86
C HIS B 324 7.59 -28.69 18.95
N LEU B 325 6.95 -27.53 19.14
CA LEU B 325 7.45 -26.57 20.12
C LEU B 325 7.30 -27.09 21.54
N HIS B 326 6.17 -27.73 21.85
CA HIS B 326 6.02 -28.34 23.18
C HIS B 326 7.07 -29.40 23.41
N THR B 327 7.39 -30.18 22.38
CA THR B 327 8.39 -31.22 22.55
C THR B 327 9.74 -30.60 22.85
N LEU B 328 10.07 -29.50 22.17
CA LEU B 328 11.31 -28.79 22.46
C LEU B 328 11.32 -28.25 23.89
N ALA B 329 10.27 -27.52 24.26
CA ALA B 329 10.24 -26.88 25.57
C ALA B 329 10.28 -27.91 26.68
N ASN B 330 9.44 -28.95 26.58
CA ASN B 330 9.39 -29.96 27.62
C ASN B 330 10.70 -30.72 27.74
N GLY B 331 11.36 -30.98 26.61
CA GLY B 331 12.65 -31.64 26.67
C GLY B 331 13.71 -30.81 27.36
N LEU B 332 13.77 -29.51 27.03
CA LEU B 332 14.75 -28.64 27.66
C LEU B 332 14.48 -28.47 29.14
N GLU B 333 13.20 -28.35 29.51
CA GLU B 333 12.84 -28.24 30.92
C GLU B 333 13.25 -29.48 31.70
N ALA B 334 12.99 -30.66 31.13
CA ALA B 334 13.42 -31.90 31.77
C ALA B 334 14.93 -31.93 31.97
N ALA B 335 15.70 -31.48 30.97
CA ALA B 335 17.15 -31.45 31.11
C ALA B 335 17.59 -30.49 32.20
N ARG B 336 16.86 -29.40 32.40
CA ARG B 336 17.25 -28.40 33.39
C ARG B 336 17.34 -29.00 34.78
N THR B 337 16.38 -29.84 35.14
CA THR B 337 16.36 -30.53 36.44
C THR B 337 17.68 -31.24 36.71
N LEU B 345 21.15 -36.65 26.45
CA LEU B 345 20.81 -35.28 26.10
C LEU B 345 21.37 -34.92 24.73
N GLN B 346 22.60 -35.36 24.45
CA GLN B 346 23.25 -35.04 23.18
C GLN B 346 22.50 -35.67 22.02
N GLU B 347 22.07 -36.92 22.16
CA GLU B 347 21.34 -37.57 21.08
C GLU B 347 20.00 -36.89 20.84
N TRP B 348 19.33 -36.48 21.92
CA TRP B 348 18.09 -35.72 21.76
C TRP B 348 18.35 -34.42 21.00
N LEU B 349 19.41 -33.70 21.37
CA LEU B 349 19.69 -32.42 20.73
C LEU B 349 19.96 -32.58 19.23
N ARG B 350 20.61 -33.69 18.85
CA ARG B 350 20.84 -33.97 17.44
C ARG B 350 19.54 -33.95 16.64
N GLY B 351 18.50 -34.61 17.17
CA GLY B 351 17.22 -34.62 16.48
C GLY B 351 16.55 -33.27 16.44
N GLN B 352 16.76 -32.44 17.46
CA GLN B 352 16.13 -31.13 17.52
C GLN B 352 16.84 -30.10 16.65
N PHE B 353 18.18 -30.15 16.61
CA PHE B 353 18.97 -29.08 16.02
C PHE B 353 19.91 -29.52 14.90
N GLY B 354 20.02 -30.81 14.64
CA GLY B 354 20.86 -31.33 13.56
C GLY B 354 22.10 -31.96 14.13
N ASP B 355 22.47 -33.13 13.60
CA ASP B 355 23.49 -33.90 14.30
C ASP B 355 24.89 -33.34 14.05
N ARG B 356 25.16 -32.84 12.84
CA ARG B 356 26.51 -32.33 12.55
C ARG B 356 26.83 -31.10 13.38
N VAL B 357 25.88 -30.16 13.48
CA VAL B 357 26.11 -28.96 14.29
C VAL B 357 26.15 -29.32 15.77
N VAL B 358 25.35 -30.30 16.20
CA VAL B 358 25.39 -30.70 17.60
C VAL B 358 26.69 -31.43 17.91
N THR B 359 27.21 -32.20 16.94
CA THR B 359 28.48 -32.88 17.15
C THR B 359 29.61 -31.88 17.38
N ARG B 360 29.73 -30.89 16.49
CA ARG B 360 30.77 -29.89 16.65
C ARG B 360 30.60 -29.13 17.95
N SER B 361 29.36 -28.81 18.29
CA SER B 361 29.09 -28.12 19.55
C SER B 361 29.55 -28.96 20.72
N VAL B 362 29.10 -30.22 20.78
CA VAL B 362 29.48 -31.12 21.87
C VAL B 362 31.00 -31.15 22.05
N LYS B 363 31.73 -31.29 20.94
CA LYS B 363 33.18 -31.26 21.01
C LYS B 363 33.69 -29.97 21.64
N ALA B 364 33.04 -28.85 21.34
CA ALA B 364 33.51 -27.55 21.84
C ALA B 364 33.32 -27.42 23.34
N PHE B 365 32.31 -28.06 23.93
CA PHE B 365 32.15 -28.01 25.38
C PHE B 365 33.25 -28.76 26.10
N ASN B 366 33.61 -29.94 25.57
CA ASN B 366 34.72 -30.68 26.16
C ASN B 366 36.04 -29.98 25.89
N GLN B 367 36.28 -29.59 24.65
CA GLN B 367 37.49 -28.83 24.32
C GLN B 367 37.49 -27.52 25.09
N ASP C 15 4.98 56.65 -24.89
CA ASP C 15 4.16 55.58 -24.32
C ASP C 15 4.88 54.26 -24.42
N PRO C 16 5.14 53.64 -23.27
CA PRO C 16 5.99 52.44 -23.25
C PRO C 16 5.39 51.22 -23.93
N PHE C 17 4.12 51.25 -24.33
CA PHE C 17 3.48 50.13 -24.99
C PHE C 17 3.31 50.35 -26.49
N ALA C 18 3.82 51.45 -27.04
CA ALA C 18 3.60 51.75 -28.45
C ALA C 18 4.44 50.87 -29.36
N ASP C 19 5.74 50.84 -29.13
CA ASP C 19 6.61 50.00 -29.96
C ASP C 19 6.44 48.54 -29.58
N PRO C 20 6.26 47.64 -30.55
CA PRO C 20 6.05 46.22 -30.22
C PRO C 20 7.15 45.60 -29.37
N LEU C 21 8.42 45.89 -29.65
CA LEU C 21 9.49 45.28 -28.87
C LEU C 21 9.51 45.83 -27.45
N ASP C 22 9.47 47.16 -27.31
CA ASP C 22 9.36 47.75 -25.99
C ASP C 22 8.14 47.24 -25.25
N ALA C 23 7.03 47.04 -25.96
CA ALA C 23 5.78 46.66 -25.31
C ALA C 23 5.86 45.23 -24.76
N VAL C 24 6.39 44.29 -25.54
CA VAL C 24 6.48 42.92 -25.05
C VAL C 24 7.46 42.85 -23.88
N LEU C 25 8.56 43.61 -23.96
CA LEU C 25 9.54 43.62 -22.87
C LEU C 25 8.93 44.19 -21.60
N ALA C 26 8.08 45.22 -21.74
CA ALA C 26 7.36 45.75 -20.58
C ALA C 26 6.36 44.74 -20.02
N GLU C 27 5.64 44.05 -20.91
CA GLU C 27 4.72 43.02 -20.48
C GLU C 27 5.46 41.88 -19.78
N LEU C 28 6.61 41.48 -20.33
CA LEU C 28 7.45 40.49 -19.65
C LEU C 28 7.85 40.96 -18.27
N ALA C 29 8.23 42.23 -18.14
CA ALA C 29 8.67 42.75 -16.85
C ALA C 29 7.52 42.77 -15.85
N ILE C 30 6.32 43.12 -16.31
CA ILE C 30 5.17 43.10 -15.42
C ILE C 30 4.96 41.70 -14.84
N ASN C 31 5.16 40.67 -15.66
CA ASN C 31 4.88 39.30 -15.25
C ASN C 31 5.95 38.67 -14.37
N ILE C 32 7.06 39.35 -14.09
CA ILE C 32 8.03 38.83 -13.15
C ILE C 32 8.11 39.67 -11.87
N GLN C 33 7.25 40.69 -11.74
CA GLN C 33 7.29 41.51 -10.54
C GLN C 33 6.76 40.73 -9.35
N LEU C 34 7.13 41.20 -8.16
CA LEU C 34 6.40 40.80 -6.95
C LEU C 34 4.97 41.29 -7.08
N PRO C 35 3.97 40.41 -7.03
CA PRO C 35 2.60 40.83 -7.28
C PRO C 35 2.13 41.82 -6.23
N PRO C 36 1.22 42.73 -6.59
CA PRO C 36 0.75 43.75 -5.65
C PRO C 36 0.32 43.22 -4.30
N GLY C 37 -0.39 42.09 -4.27
CA GLY C 37 -0.88 41.57 -3.00
C GLY C 37 0.22 41.20 -2.03
N LEU C 38 1.24 40.51 -2.53
CA LEU C 38 2.39 40.18 -1.70
C LEU C 38 3.24 41.41 -1.42
N HIS C 39 3.41 42.27 -2.42
CA HIS C 39 4.16 43.51 -2.25
C HIS C 39 3.61 44.30 -1.07
N ALA C 40 2.29 44.34 -0.93
CA ALA C 40 1.60 45.07 0.12
C ALA C 40 1.78 44.45 1.50
N LYS C 41 2.29 43.20 1.57
CA LYS C 41 2.50 42.49 2.83
C LYS C 41 3.95 42.51 3.29
N ALA C 42 4.89 42.87 2.41
CA ALA C 42 6.31 42.63 2.65
C ALA C 42 6.85 43.42 3.84
N VAL C 43 6.55 44.71 3.91
CA VAL C 43 7.09 45.55 4.96
C VAL C 43 6.63 45.07 6.33
N GLU C 44 5.31 44.87 6.48
CA GLU C 44 4.83 44.40 7.77
C GLU C 44 5.38 43.02 8.07
N ARG C 45 5.68 42.22 7.04
CA ARG C 45 6.22 40.88 7.28
C ARG C 45 7.58 40.96 7.97
N TYR C 46 8.48 41.83 7.49
CA TYR C 46 9.78 41.88 8.16
C TYR C 46 9.69 42.63 9.49
N GLU C 47 8.77 43.57 9.62
CA GLU C 47 8.62 44.24 10.91
C GLU C 47 8.11 43.27 11.96
N ALA C 48 7.26 42.31 11.57
CA ALA C 48 6.81 41.30 12.52
C ALA C 48 7.94 40.37 12.93
N VAL C 49 8.90 40.12 12.02
CA VAL C 49 10.10 39.38 12.38
C VAL C 49 10.92 40.14 13.41
N ARG C 50 11.08 41.46 13.21
CA ARG C 50 11.82 42.26 14.18
C ARG C 50 11.17 42.21 15.56
N ARG C 51 9.84 42.35 15.59
CA ARG C 51 9.09 42.29 16.83
C ARG C 51 9.35 40.97 17.57
N TYR C 52 9.43 39.87 16.82
CA TYR C 52 9.61 38.57 17.45
C TYR C 52 11.01 38.40 18.04
N ILE C 53 12.04 38.84 17.33
CA ILE C 53 13.38 38.66 17.90
C ILE C 53 13.68 39.67 19.00
N GLU C 54 12.84 40.71 19.15
CA GLU C 54 12.96 41.66 20.26
C GLU C 54 12.10 41.27 21.47
N ARG C 55 11.32 40.20 21.36
CA ARG C 55 10.40 39.80 22.43
C ARG C 55 11.17 39.40 23.69
N PRO C 56 10.51 39.46 24.85
CA PRO C 56 11.20 39.07 26.09
C PRO C 56 11.69 37.63 26.04
N GLY C 57 12.91 37.42 26.52
CA GLY C 57 13.53 36.12 26.52
C GLY C 57 14.38 35.82 25.29
N SER C 58 14.18 36.55 24.20
CA SER C 58 15.00 36.34 23.02
C SER C 58 16.45 36.69 23.32
N PRO C 59 17.41 35.94 22.78
CA PRO C 59 18.82 36.34 22.89
C PRO C 59 19.09 37.73 22.34
N LEU C 60 18.25 38.23 21.44
CA LEU C 60 18.47 39.54 20.85
C LEU C 60 17.56 40.60 21.43
N GLU C 61 16.87 40.31 22.54
CA GLU C 61 16.10 41.33 23.23
C GLU C 61 16.97 42.55 23.53
N GLY C 62 16.50 43.73 23.12
CA GLY C 62 17.20 44.96 23.39
C GLY C 62 18.44 45.17 22.57
N ARG C 63 18.73 44.29 21.62
CA ARG C 63 19.98 44.34 20.87
C ARG C 63 19.79 44.64 19.39
N VAL C 64 18.57 44.93 18.92
CA VAL C 64 18.35 45.27 17.53
C VAL C 64 18.38 46.79 17.38
N ALA C 65 19.32 47.29 16.57
CA ALA C 65 19.36 48.72 16.30
C ALA C 65 18.33 49.12 15.25
N CYS C 66 18.16 48.30 14.21
CA CYS C 66 17.22 48.57 13.14
C CYS C 66 17.12 47.34 12.24
N PHE C 67 16.01 47.27 11.51
CA PHE C 67 15.82 46.37 10.37
C PHE C 67 15.73 47.21 9.11
N TYR C 68 16.34 46.76 8.01
CA TYR C 68 16.14 47.50 6.78
C TYR C 68 16.25 46.54 5.60
N PRO C 69 15.51 46.79 4.53
CA PRO C 69 15.67 45.98 3.33
C PRO C 69 17.03 46.23 2.66
N GLN C 70 17.58 45.17 2.10
CA GLN C 70 18.74 45.30 1.20
C GLN C 70 18.37 44.60 -0.10
N GLY C 71 19.29 44.63 -1.07
CA GLY C 71 18.98 43.91 -2.29
C GLY C 71 17.82 44.51 -3.07
N SER C 72 17.06 43.63 -3.72
CA SER C 72 16.05 44.07 -4.67
C SER C 72 14.95 44.88 -3.98
N MET C 73 14.61 44.54 -2.74
CA MET C 73 13.54 45.28 -2.07
C MET C 73 13.95 46.72 -1.80
N ALA C 74 15.25 46.97 -1.61
CA ALA C 74 15.69 48.33 -1.34
C ALA C 74 15.64 49.22 -2.58
N ILE C 75 15.54 48.64 -3.78
CA ILE C 75 15.58 49.42 -5.01
C ILE C 75 14.40 49.10 -5.93
N ASP C 76 13.34 48.52 -5.37
CA ASP C 76 12.11 48.21 -6.11
C ASP C 76 12.39 47.34 -7.34
N ALA C 77 13.26 46.35 -7.18
CA ALA C 77 13.69 45.51 -8.28
C ALA C 77 13.37 44.03 -8.06
N THR C 78 12.45 43.70 -7.16
CA THR C 78 12.24 42.29 -6.84
C THR C 78 11.63 41.54 -8.01
N THR C 79 12.10 40.30 -8.21
CA THR C 79 11.56 39.38 -9.20
C THR C 79 11.26 38.04 -8.55
N SER C 80 10.59 37.17 -9.31
CA SER C 80 10.45 35.78 -8.89
C SER C 80 11.84 35.17 -8.74
N THR C 81 11.96 34.20 -7.83
CA THR C 81 13.27 33.62 -7.54
C THR C 81 13.71 32.64 -8.62
N ARG C 82 15.01 32.51 -8.79
CA ARG C 82 15.57 31.56 -9.74
C ARG C 82 14.99 30.16 -9.57
N GLY C 83 14.62 29.54 -10.69
CA GLY C 83 13.98 28.25 -10.69
C GLY C 83 12.49 28.27 -10.53
N THR C 84 11.88 29.43 -10.25
CA THR C 84 10.45 29.53 -10.06
C THR C 84 9.91 30.74 -10.79
N ASP C 85 8.59 30.71 -11.02
CA ASP C 85 7.85 31.90 -11.41
C ASP C 85 6.95 32.42 -10.29
N ASP C 86 6.81 31.68 -9.19
CA ASP C 86 5.82 32.02 -8.17
C ASP C 86 6.38 32.04 -6.75
N GLU C 87 7.71 32.07 -6.57
CA GLU C 87 8.29 32.33 -5.26
C GLU C 87 9.20 33.54 -5.34
N TYR C 88 9.34 34.21 -4.21
CA TYR C 88 10.05 35.48 -4.09
C TYR C 88 10.88 35.45 -2.82
N ASP C 89 12.09 35.97 -2.88
CA ASP C 89 12.98 36.05 -1.73
C ASP C 89 13.30 37.52 -1.48
N LEU C 90 13.06 37.97 -0.25
CA LEU C 90 13.37 39.33 0.16
C LEU C 90 14.55 39.29 1.11
N ASP C 91 15.42 40.28 1.01
CA ASP C 91 16.66 40.33 1.79
C ASP C 91 16.54 41.44 2.83
N ILE C 92 16.59 41.07 4.11
CA ILE C 92 16.45 42.01 5.22
C ILE C 92 17.70 41.96 6.07
N VAL C 93 18.19 43.14 6.49
CA VAL C 93 19.34 43.24 7.40
C VAL C 93 18.84 43.59 8.79
N ALA C 94 19.28 42.84 9.79
CA ALA C 94 19.05 43.15 11.20
C ALA C 94 20.38 43.61 11.79
N GLU C 95 20.49 44.91 12.09
CA GLU C 95 21.72 45.44 12.66
C GLU C 95 21.74 45.19 14.17
N ILE C 96 22.72 44.43 14.65
CA ILE C 96 22.75 43.92 16.03
C ILE C 96 23.82 44.65 16.82
N GLU C 97 23.50 45.03 18.06
CA GLU C 97 24.38 45.74 18.97
C GLU C 97 24.75 44.84 20.15
N GLY C 98 25.63 45.36 21.02
CA GLY C 98 26.07 44.63 22.18
C GLY C 98 27.39 43.94 21.94
N PRO C 99 27.77 43.01 22.82
CA PRO C 99 29.06 42.34 22.68
C PRO C 99 29.21 41.65 21.33
N ASP C 100 30.35 41.87 20.68
CA ASP C 100 30.68 41.18 19.44
C ASP C 100 31.62 40.04 19.79
N LEU C 101 31.08 38.83 19.82
CA LEU C 101 31.86 37.62 20.12
C LEU C 101 32.09 36.77 18.87
N GLY C 102 31.99 37.37 17.69
CA GLY C 102 32.36 36.68 16.49
C GLY C 102 31.20 36.34 15.58
N PRO C 103 31.50 36.04 14.31
CA PRO C 103 30.43 35.87 13.32
C PRO C 103 29.60 34.61 13.54
N GLU C 104 30.21 33.50 13.96
CA GLU C 104 29.41 32.30 14.23
C GLU C 104 28.44 32.54 15.36
N ALA C 105 28.93 33.15 16.45
CA ALA C 105 28.10 33.46 17.61
C ALA C 105 26.93 34.37 17.25
N LEU C 106 27.19 35.35 16.38
CA LEU C 106 26.13 36.24 15.92
C LEU C 106 25.03 35.47 15.19
N LEU C 107 25.41 34.55 14.30
CA LEU C 107 24.42 33.76 13.58
C LEU C 107 23.69 32.79 14.52
N ASP C 108 24.40 32.21 15.49
CA ASP C 108 23.75 31.41 16.54
C ASP C 108 22.68 32.23 17.25
N ASP C 109 23.01 33.48 17.61
CA ASP C 109 22.08 34.34 18.34
C ASP C 109 20.84 34.64 17.52
N LEU C 110 21.01 34.94 16.23
CA LEU C 110 19.85 35.18 15.38
C LEU C 110 19.06 33.91 15.14
N GLU C 111 19.75 32.77 14.95
CA GLU C 111 19.03 31.52 14.77
C GLU C 111 18.22 31.17 16.02
N ALA C 112 18.80 31.38 17.19
CA ALA C 112 18.10 31.13 18.44
C ALA C 112 16.93 32.09 18.65
N ALA C 113 17.07 33.33 18.21
CA ALA C 113 16.00 34.31 18.38
C ALA C 113 14.82 34.02 17.48
N LEU C 114 15.06 33.40 16.32
CA LEU C 114 13.97 33.02 15.44
C LEU C 114 13.40 31.65 15.84
N GLU C 115 13.70 31.20 17.06
CA GLU C 115 13.24 29.92 17.55
C GLU C 115 11.72 29.89 17.61
N SER C 116 11.15 28.90 16.94
CA SER C 116 9.70 28.66 16.91
C SER C 116 8.94 29.80 16.26
N TYR C 117 9.60 30.62 15.44
CA TYR C 117 8.86 31.61 14.68
C TYR C 117 7.87 30.89 13.77
N PRO C 118 6.59 31.24 13.80
CA PRO C 118 5.57 30.47 13.06
C PRO C 118 5.58 30.72 11.55
N VAL C 119 6.56 30.13 10.88
CA VAL C 119 6.58 30.09 9.43
C VAL C 119 6.73 28.63 9.00
N SER C 120 6.70 28.35 7.69
CA SER C 120 6.77 26.97 7.23
C SER C 120 8.11 26.33 7.60
N LYS C 121 9.21 27.07 7.47
CA LYS C 121 10.53 26.50 7.67
C LYS C 121 11.53 27.61 8.01
N VAL C 122 12.46 27.30 8.91
CA VAL C 122 13.55 28.20 9.30
C VAL C 122 14.86 27.47 8.99
N VAL C 123 15.72 28.08 8.20
CA VAL C 123 16.91 27.41 7.70
C VAL C 123 18.13 28.31 7.91
N ARG C 124 19.16 27.76 8.56
CA ARG C 124 20.40 28.50 8.79
C ARG C 124 21.29 28.37 7.56
N GLN C 125 21.65 29.50 6.98
CA GLN C 125 22.57 29.58 5.86
C GLN C 125 23.91 30.11 6.35
N THR C 126 24.88 30.16 5.42
CA THR C 126 26.23 30.59 5.77
C THR C 126 26.28 32.03 6.25
N ARG C 127 25.43 32.90 5.70
CA ARG C 127 25.45 34.31 6.02
C ARG C 127 24.11 34.86 6.53
N CYS C 128 23.08 34.03 6.62
CA CYS C 128 21.78 34.54 7.02
C CYS C 128 20.93 33.40 7.56
N ILE C 129 19.76 33.76 8.08
CA ILE C 129 18.71 32.81 8.42
C ILE C 129 17.57 33.06 7.44
N THR C 130 17.10 31.99 6.77
CA THR C 130 16.01 32.10 5.81
C THR C 130 14.69 31.71 6.49
N LEU C 131 13.65 32.50 6.23
CA LEU C 131 12.31 32.22 6.73
C LEU C 131 11.45 31.90 5.50
N TYR C 132 11.02 30.64 5.39
CA TYR C 132 10.17 30.19 4.29
C TYR C 132 8.72 30.32 4.70
N TYR C 133 7.95 31.07 3.92
CA TYR C 133 6.56 31.35 4.21
C TYR C 133 5.64 30.53 3.30
N ALA C 134 4.44 30.26 3.80
CA ALA C 134 3.51 29.38 3.08
C ALA C 134 3.13 29.94 1.72
N ASP C 135 3.03 31.26 1.60
CA ASP C 135 2.54 31.89 0.37
C ASP C 135 3.64 32.13 -0.67
N GLY C 136 4.88 31.72 -0.39
CA GLY C 136 5.94 31.76 -1.36
C GLY C 136 6.77 33.04 -1.37
N MET C 137 6.51 33.98 -0.47
CA MET C 137 7.33 35.19 -0.33
C MET C 137 8.19 35.03 0.93
N HIS C 138 9.46 34.70 0.73
CA HIS C 138 10.36 34.33 1.81
C HIS C 138 11.28 35.50 2.16
N LEU C 139 11.83 35.44 3.37
CA LEU C 139 12.73 36.46 3.90
C LEU C 139 14.08 35.83 4.23
N ASP C 140 15.16 36.40 3.71
CA ASP C 140 16.52 36.10 4.18
C ASP C 140 16.92 37.17 5.19
N ILE C 141 17.19 36.77 6.43
CA ILE C 141 17.54 37.71 7.49
C ILE C 141 19.05 37.67 7.72
N THR C 142 19.74 38.74 7.35
CA THR C 142 21.18 38.83 7.53
C THR C 142 21.50 39.67 8.75
N PRO C 143 22.10 39.14 9.82
CA PRO C 143 22.49 40.01 10.92
C PRO C 143 23.75 40.77 10.54
N SER C 144 23.84 42.01 11.00
CA SER C 144 24.99 42.85 10.70
C SER C 144 25.54 43.45 11.98
N ARG C 145 26.81 43.85 11.90
CA ARG C 145 27.47 44.64 12.93
C ARG C 145 27.87 45.98 12.31
N ARG C 146 27.37 47.06 12.87
CA ARG C 146 27.79 48.38 12.42
C ARG C 146 29.24 48.62 12.86
N ARG C 147 30.03 49.23 11.97
CA ARG C 147 31.44 49.50 12.30
C ARG C 147 31.85 50.95 12.13
N ALA C 148 31.09 51.77 11.42
CA ALA C 148 31.52 53.13 11.10
C ALA C 148 30.30 54.04 11.13
N PRO C 149 30.51 55.34 11.38
CA PRO C 149 29.36 56.25 11.48
C PRO C 149 28.52 56.35 10.22
N LYS C 150 29.13 56.32 9.03
CA LYS C 150 28.37 56.43 7.79
C LYS C 150 27.28 55.36 7.74
N GLU C 151 26.08 55.77 7.34
CA GLU C 151 24.98 54.83 7.17
C GLU C 151 25.20 53.97 5.92
N LYS C 152 25.13 52.64 6.08
CA LYS C 152 25.26 51.93 7.34
C LYS C 152 26.45 51.00 7.16
N GLU C 153 27.64 51.54 7.40
CA GLU C 153 28.90 50.88 7.06
C GLU C 153 29.27 49.89 8.15
N GLY C 154 29.42 48.63 7.80
CA GLY C 154 29.69 47.61 8.78
C GLY C 154 30.08 46.29 8.19
N GLU C 155 29.68 45.20 8.84
CA GLU C 155 30.08 43.86 8.44
C GLU C 155 28.94 42.86 8.63
N ILE C 156 28.98 41.78 7.83
CA ILE C 156 28.04 40.66 8.00
C ILE C 156 28.82 39.36 8.25
N PRO C 157 28.25 38.38 8.94
CA PRO C 157 28.99 37.15 9.22
C PRO C 157 29.00 36.18 8.06
N HIS C 158 30.05 35.36 8.03
CA HIS C 158 30.20 34.26 7.08
C HIS C 158 30.74 33.08 7.86
N ALA C 159 29.91 32.09 8.14
CA ALA C 159 30.34 31.03 9.06
C ALA C 159 29.89 29.64 8.66
N ASP C 166 37.00 26.35 5.75
CA ASP C 166 36.34 27.63 5.55
C ASP C 166 36.01 28.27 6.92
N PRO C 167 36.96 29.01 7.48
CA PRO C 167 36.77 29.54 8.83
C PRO C 167 35.87 30.76 8.83
N ALA C 168 35.22 30.97 9.97
CA ALA C 168 34.28 32.06 10.10
C ALA C 168 34.99 33.41 10.02
N ARG C 169 34.33 34.38 9.39
CA ARG C 169 34.91 35.69 9.19
C ARG C 169 33.79 36.71 9.05
N TYR C 170 34.14 37.97 9.29
CA TYR C 170 33.27 39.09 8.99
C TYR C 170 33.58 39.64 7.60
N VAL C 171 32.54 40.07 6.91
CA VAL C 171 32.64 40.54 5.52
C VAL C 171 32.19 42.00 5.52
N PRO C 172 33.03 42.95 5.16
CA PRO C 172 32.59 44.35 5.15
C PRO C 172 31.51 44.59 4.10
N MET C 173 30.57 45.46 4.45
CA MET C 173 29.50 45.82 3.52
C MET C 173 28.93 47.17 3.86
N ASN C 174 28.34 47.82 2.85
CA ASN C 174 27.42 48.93 3.09
C ASN C 174 26.30 48.79 2.06
N SER C 175 25.40 47.84 2.30
CA SER C 175 24.31 47.63 1.36
C SER C 175 23.25 48.71 1.47
N TYR C 176 23.16 49.36 2.64
CA TYR C 176 22.19 50.44 2.80
C TYR C 176 22.52 51.62 1.89
N ALA C 177 23.78 52.09 1.95
CA ALA C 177 24.17 53.22 1.11
C ALA C 177 24.16 52.86 -0.38
N PHE C 178 24.47 51.61 -0.74
CA PHE C 178 24.35 51.22 -2.14
C PHE C 178 22.92 51.41 -2.63
N GLY C 179 21.95 50.86 -1.90
CA GLY C 179 20.55 51.01 -2.29
C GLY C 179 20.14 52.45 -2.45
N LYS C 180 20.58 53.31 -1.53
CA LYS C 180 20.29 54.73 -1.63
C LYS C 180 20.94 55.35 -2.86
N TRP C 181 22.20 55.01 -3.12
CA TRP C 181 22.90 55.44 -4.32
C TRP C 181 22.14 55.04 -5.58
N TYR C 182 21.71 53.77 -5.64
CA TYR C 182 20.98 53.28 -6.81
C TYR C 182 19.69 54.07 -7.01
N CYS C 183 18.90 54.23 -5.94
CA CYS C 183 17.65 54.96 -6.06
C CYS C 183 17.88 56.39 -6.57
N ALA C 184 18.97 57.03 -6.13
CA ALA C 184 19.26 58.38 -6.59
C ALA C 184 19.59 58.43 -8.07
N ARG C 185 20.09 57.34 -8.63
CA ARG C 185 20.39 57.27 -10.06
C ARG C 185 19.19 56.90 -10.91
N THR C 186 18.08 56.50 -10.30
CA THR C 186 16.92 56.00 -11.02
C THR C 186 15.66 56.73 -10.57
N PRO C 187 15.61 58.05 -10.78
CA PRO C 187 14.40 58.80 -10.41
C PRO C 187 13.20 58.29 -11.20
N THR C 188 12.03 58.32 -10.55
CA THR C 188 10.82 57.77 -11.16
C THR C 188 10.49 58.50 -12.44
N GLU C 189 10.21 57.72 -13.50
CA GLU C 189 9.85 58.26 -14.80
C GLU C 189 8.33 58.19 -14.91
N GLU C 190 7.71 59.36 -14.98
CA GLU C 190 6.27 59.45 -14.70
C GLU C 190 5.45 58.65 -15.70
N ARG C 191 5.61 58.92 -16.99
CA ARG C 191 4.76 58.27 -17.98
C ARG C 191 4.98 56.77 -18.00
N PHE C 192 6.24 56.35 -17.98
CA PHE C 192 6.59 54.93 -17.93
C PHE C 192 5.97 54.27 -16.70
N ALA C 193 6.17 54.87 -15.53
CA ALA C 193 5.72 54.24 -14.30
C ALA C 193 4.20 54.19 -14.20
N LEU C 194 3.53 55.27 -14.58
CA LEU C 194 2.07 55.27 -14.51
C LEU C 194 1.47 54.19 -15.41
N ALA C 195 2.06 53.99 -16.60
CA ALA C 195 1.49 53.05 -17.55
C ALA C 195 1.71 51.60 -17.12
N LEU C 196 2.93 51.28 -16.68
CA LEU C 196 3.22 49.90 -16.28
C LEU C 196 2.51 49.54 -14.99
N ASN C 197 2.38 50.49 -14.07
CA ASN C 197 1.69 50.20 -12.82
C ASN C 197 0.18 50.06 -13.05
N ARG C 198 -0.40 50.84 -13.96
CA ARG C 198 -1.81 50.62 -14.23
C ARG C 198 -2.05 49.20 -14.70
N GLN C 199 -1.16 48.67 -15.55
CA GLN C 199 -1.33 47.34 -16.10
C GLN C 199 -0.98 46.27 -15.07
N LEU C 200 0.08 46.49 -14.29
CA LEU C 200 0.40 45.57 -13.19
C LEU C 200 -0.78 45.42 -12.25
N TYR C 201 -1.36 46.55 -11.80
CA TYR C 201 -2.50 46.49 -10.90
C TYR C 201 -3.74 45.92 -11.59
N GLU C 202 -4.02 46.33 -12.83
CA GLU C 202 -5.23 45.84 -13.50
C GLU C 202 -5.21 44.32 -13.66
N GLN C 203 -4.04 43.75 -13.95
CA GLN C 203 -3.90 42.30 -14.02
C GLN C 203 -4.18 41.63 -12.69
N ALA C 204 -4.01 42.34 -11.58
CA ALA C 204 -4.32 41.84 -10.25
C ALA C 204 -5.72 42.21 -9.79
N GLY C 205 -6.55 42.73 -10.69
CA GLY C 205 -7.92 43.04 -10.35
C GLY C 205 -8.11 44.35 -9.62
N ILE C 206 -7.14 45.25 -9.71
CA ILE C 206 -7.08 46.45 -8.90
C ILE C 206 -7.03 47.67 -9.82
N ALA C 207 -7.84 48.68 -9.49
CA ALA C 207 -7.82 49.96 -10.20
C ALA C 207 -6.73 50.84 -9.63
N PHE C 208 -5.68 51.05 -10.42
CA PHE C 208 -4.61 51.99 -10.11
C PHE C 208 -4.97 53.33 -10.74
N ALA C 209 -5.18 54.35 -9.91
CA ALA C 209 -5.84 55.58 -10.33
C ALA C 209 -5.00 56.82 -10.03
N ALA C 210 -4.10 57.16 -10.94
CA ALA C 210 -3.23 58.31 -10.72
C ALA C 210 -2.85 58.91 -12.06
N ALA C 211 -2.99 60.24 -12.16
CA ALA C 211 -2.56 61.01 -13.32
C ALA C 211 -1.17 61.59 -13.15
N ASP C 212 -0.63 61.58 -11.94
CA ASP C 212 0.62 62.25 -11.60
C ASP C 212 1.25 61.44 -10.49
N VAL C 213 2.58 61.27 -10.56
CA VAL C 213 3.26 60.42 -9.60
C VAL C 213 3.02 60.91 -8.17
N GLU C 214 2.91 62.21 -7.98
CA GLU C 214 2.66 62.74 -6.65
C GLU C 214 1.25 62.46 -6.14
N ASP C 215 0.32 62.05 -7.01
CA ASP C 215 -1.07 61.85 -6.62
C ASP C 215 -1.46 60.38 -6.52
N VAL C 216 -0.49 59.49 -6.32
CA VAL C 216 -0.78 58.06 -6.32
C VAL C 216 -1.52 57.68 -5.03
N PRO C 217 -2.67 57.01 -5.12
CA PRO C 217 -3.35 56.57 -3.90
C PRO C 217 -2.46 55.66 -3.07
N PRO C 218 -2.38 55.91 -1.76
CA PRO C 218 -1.44 55.14 -0.93
C PRO C 218 -1.74 53.65 -0.91
N GLN C 219 -2.98 53.23 -1.18
CA GLN C 219 -3.33 51.82 -1.21
C GLN C 219 -2.85 51.11 -2.48
N THR C 220 -2.43 51.85 -3.51
CA THR C 220 -1.91 51.27 -4.74
C THR C 220 -0.63 51.98 -5.10
N PRO C 221 0.42 51.81 -4.31
CA PRO C 221 1.65 52.57 -4.55
C PRO C 221 2.39 52.07 -5.77
N LEU C 222 3.28 52.92 -6.27
CA LEU C 222 4.17 52.53 -7.36
C LEU C 222 5.01 51.34 -6.96
N ILE C 223 4.96 50.29 -7.77
CA ILE C 223 5.86 49.16 -7.65
C ILE C 223 7.00 49.27 -8.66
N ILE C 224 6.69 49.64 -9.90
CA ILE C 224 7.66 49.90 -10.97
C ILE C 224 7.90 51.40 -11.03
N LYS C 225 9.16 51.80 -11.16
CA LYS C 225 9.47 53.21 -11.11
C LYS C 225 10.34 53.69 -12.26
N SER C 226 11.20 52.82 -12.80
CA SER C 226 12.31 53.28 -13.64
C SER C 226 12.57 52.32 -14.79
N VAL C 227 12.85 52.86 -15.98
CA VAL C 227 13.25 52.00 -17.09
C VAL C 227 14.55 51.28 -16.76
N THR C 228 15.46 51.95 -16.06
CA THR C 228 16.72 51.32 -15.69
C THR C 228 16.47 50.07 -14.84
N THR C 229 15.59 50.18 -13.86
CA THR C 229 15.31 49.04 -12.98
C THR C 229 14.57 47.93 -13.71
N VAL C 230 13.61 48.27 -14.56
CA VAL C 230 12.91 47.23 -15.32
C VAL C 230 13.88 46.47 -16.21
N ALA C 231 14.80 47.18 -16.86
CA ALA C 231 15.85 46.51 -17.63
C ALA C 231 16.69 45.63 -16.71
N LEU C 232 17.03 46.12 -15.51
CA LEU C 232 17.77 45.32 -14.54
C LEU C 232 17.02 44.06 -14.17
N GLN C 233 15.72 44.16 -13.95
CA GLN C 233 14.92 42.97 -13.64
C GLN C 233 14.95 41.97 -14.80
N LEU C 234 14.92 42.47 -16.04
CA LEU C 234 15.02 41.57 -17.18
C LEU C 234 16.41 40.96 -17.30
N ILE C 235 17.46 41.70 -16.95
CA ILE C 235 18.80 41.13 -16.90
C ILE C 235 18.86 40.00 -15.87
N LYS C 236 18.29 40.23 -14.68
CA LYS C 236 18.25 39.21 -13.65
C LYS C 236 17.41 38.00 -14.07
N ARG C 237 16.29 38.23 -14.74
CA ARG C 237 15.48 37.11 -15.24
C ARG C 237 16.28 36.28 -16.25
N HIS C 238 16.98 36.96 -17.17
CA HIS C 238 17.82 36.27 -18.13
C HIS C 238 18.90 35.44 -17.42
N ARG C 239 19.50 36.00 -16.38
CA ARG C 239 20.48 35.27 -15.58
C ARG C 239 19.84 34.07 -14.89
N ASN C 240 18.63 34.24 -14.37
CA ASN C 240 17.95 33.14 -13.69
C ASN C 240 17.66 31.98 -14.64
N ILE C 241 17.35 32.28 -15.90
CA ILE C 241 17.08 31.23 -16.88
C ILE C 241 18.37 30.55 -17.31
N ALA C 242 19.41 31.34 -17.59
CA ALA C 242 20.65 30.74 -18.08
C ALA C 242 21.33 29.90 -17.00
N TYR C 243 21.10 30.20 -15.72
CA TYR C 243 21.73 29.48 -14.61
C TYR C 243 20.70 28.79 -13.70
N ALA C 244 19.55 28.38 -14.26
CA ALA C 244 18.42 27.93 -13.46
C ALA C 244 18.77 26.74 -12.56
N THR C 245 19.59 25.82 -13.06
CA THR C 245 19.95 24.61 -12.33
C THR C 245 21.37 24.66 -11.77
N GLU C 246 21.99 25.83 -11.79
CA GLU C 246 23.38 25.96 -11.35
C GLU C 246 23.48 25.77 -9.86
N THR C 247 24.28 24.78 -9.45
CA THR C 247 24.62 24.61 -8.05
C THR C 247 25.87 25.38 -7.64
N GLY C 248 26.72 25.74 -8.60
CA GLY C 248 27.84 26.62 -8.33
C GLY C 248 27.39 28.07 -8.22
N ARG C 249 28.37 28.97 -8.10
CA ARG C 249 28.04 30.38 -7.96
C ARG C 249 27.51 30.95 -9.27
N ILE C 250 26.55 31.85 -9.17
CA ILE C 250 25.97 32.50 -10.35
C ILE C 250 26.42 33.95 -10.40
N PRO C 251 26.33 34.63 -11.55
CA PRO C 251 26.63 36.07 -11.59
C PRO C 251 25.77 36.83 -10.59
N PRO C 252 26.39 37.64 -9.73
CA PRO C 252 25.66 38.19 -8.57
C PRO C 252 24.81 39.39 -8.95
N SER C 253 23.58 39.41 -8.43
CA SER C 253 22.67 40.51 -8.73
C SER C 253 23.17 41.87 -8.26
N VAL C 254 23.94 41.93 -7.17
CA VAL C 254 24.39 43.25 -6.72
C VAL C 254 25.39 43.85 -7.72
N MET C 255 26.20 43.01 -8.37
CA MET C 255 27.06 43.53 -9.44
C MET C 255 26.21 44.03 -10.60
N LEU C 256 25.16 43.27 -10.95
CA LEU C 256 24.30 43.67 -12.05
C LEU C 256 23.54 44.94 -11.71
N SER C 257 23.14 45.07 -10.46
CA SER C 257 22.41 46.25 -10.00
C SER C 257 23.31 47.47 -10.01
N CYS C 258 24.56 47.28 -9.61
CA CYS C 258 25.54 48.36 -9.65
C CYS C 258 25.75 48.85 -11.08
N HIS C 259 25.97 47.92 -12.00
CA HIS C 259 26.12 48.31 -13.40
C HIS C 259 24.88 48.99 -13.94
N ALA C 260 23.70 48.53 -13.51
CA ALA C 260 22.47 49.20 -13.94
C ALA C 260 22.48 50.65 -13.48
N GLY C 261 22.91 50.88 -12.23
CA GLY C 261 22.94 52.24 -11.72
C GLY C 261 23.93 53.09 -12.49
N HIS C 262 25.09 52.52 -12.83
CA HIS C 262 26.07 53.25 -13.62
C HIS C 262 25.55 53.53 -15.03
N ALA C 263 24.77 52.61 -15.58
CA ALA C 263 24.25 52.76 -16.94
C ALA C 263 22.99 53.59 -17.03
N ALA C 264 22.43 54.00 -15.89
CA ALA C 264 21.14 54.67 -15.88
C ALA C 264 21.16 55.94 -16.73
N ARG C 265 20.16 56.08 -17.59
CA ARG C 265 20.09 57.26 -18.43
C ARG C 265 18.63 57.68 -18.51
N PRO C 266 18.35 58.96 -18.30
CA PRO C 266 16.99 59.47 -18.51
C PRO C 266 16.61 59.36 -19.98
N GLY C 267 15.33 59.10 -20.22
CA GLY C 267 14.76 59.20 -21.55
C GLY C 267 15.17 58.11 -22.52
N MET C 268 15.41 56.90 -22.04
CA MET C 268 15.77 55.78 -22.90
C MET C 268 14.63 54.77 -22.97
N ARG C 269 14.41 54.24 -24.18
CA ARG C 269 13.45 53.16 -24.39
C ARG C 269 13.93 51.88 -23.71
N LEU C 270 12.98 51.01 -23.39
CA LEU C 270 13.30 49.82 -22.60
C LEU C 270 14.27 48.90 -23.31
N ALA C 271 14.00 48.57 -24.59
CA ALA C 271 14.88 47.66 -25.31
C ALA C 271 16.29 48.22 -25.41
N GLU C 272 16.41 49.51 -25.75
CA GLU C 272 17.72 50.17 -25.79
C GLU C 272 18.44 50.03 -24.47
N MET C 273 17.73 50.25 -23.36
CA MET C 273 18.38 50.18 -22.04
C MET C 273 18.79 48.74 -21.72
N LEU C 274 17.98 47.76 -22.12
CA LEU C 274 18.35 46.37 -21.84
C LEU C 274 19.61 46.00 -22.63
N ILE C 275 19.67 46.38 -23.91
CA ILE C 275 20.87 46.17 -24.70
C ILE C 275 22.06 46.86 -24.05
N ARG C 276 21.83 48.10 -23.60
CA ARG C 276 22.90 48.88 -22.98
C ARG C 276 23.46 48.21 -21.73
N GLN C 277 22.56 47.70 -20.87
CA GLN C 277 23.04 47.05 -19.65
C GLN C 277 23.73 45.72 -19.95
N ALA C 278 23.22 44.96 -20.92
CA ALA C 278 23.87 43.70 -21.26
C ALA C 278 25.28 43.92 -21.76
N ARG C 279 25.47 44.92 -22.63
CA ARG C 279 26.78 45.21 -23.19
C ARG C 279 27.71 45.84 -22.16
N TRP C 280 27.15 46.59 -21.20
CA TRP C 280 27.94 47.20 -20.13
C TRP C 280 28.67 46.13 -19.34
N THR C 281 27.94 45.11 -18.89
CA THR C 281 28.55 44.02 -18.12
C THR C 281 29.42 43.14 -19.00
N ALA C 282 28.96 42.80 -20.21
CA ALA C 282 29.73 41.95 -21.11
C ALA C 282 31.07 42.58 -21.47
N ARG C 283 31.07 43.86 -21.82
CA ARG C 283 32.33 44.52 -22.20
C ARG C 283 33.26 44.67 -21.01
N ALA C 284 32.71 44.91 -19.81
CA ALA C 284 33.57 44.99 -18.63
C ALA C 284 34.26 43.66 -18.39
N ILE C 285 33.55 42.56 -18.60
CA ILE C 285 34.15 41.25 -18.47
C ILE C 285 35.19 41.05 -19.56
N ASP C 286 34.82 41.37 -20.81
CA ASP C 286 35.76 41.20 -21.93
C ASP C 286 37.06 41.93 -21.68
N ASP C 287 36.99 43.14 -21.13
CA ASP C 287 38.20 43.93 -20.96
C ASP C 287 39.08 43.38 -19.86
N ALA C 288 38.49 42.82 -18.79
CA ALA C 288 39.29 42.14 -17.79
C ALA C 288 39.92 40.88 -18.36
N ALA C 289 39.11 40.06 -19.04
CA ALA C 289 39.59 38.78 -19.57
C ALA C 289 40.74 38.98 -20.55
N LYS C 290 40.67 40.03 -21.37
CA LYS C 290 41.75 40.23 -22.35
C LYS C 290 43.08 40.47 -21.67
N ARG C 291 43.07 40.89 -20.40
CA ARG C 291 44.28 41.09 -19.61
C ARG C 291 44.56 39.94 -18.66
N GLY C 292 43.82 38.84 -18.77
CA GLY C 292 44.00 37.76 -17.83
C GLY C 292 43.60 38.12 -16.42
N GLN C 293 42.68 39.09 -16.28
CA GLN C 293 42.18 39.54 -15.00
C GLN C 293 40.71 39.16 -14.86
N LEU C 294 40.23 39.26 -13.63
CA LEU C 294 38.83 39.06 -13.31
C LEU C 294 38.11 40.39 -13.19
N LEU C 295 36.84 40.40 -13.58
CA LEU C 295 35.97 41.55 -13.37
C LEU C 295 36.09 42.06 -11.93
N VAL C 296 36.19 43.38 -11.78
CA VAL C 296 36.22 44.04 -10.47
C VAL C 296 35.19 45.16 -10.46
N VAL C 297 34.21 45.05 -9.55
CA VAL C 297 33.17 46.06 -9.41
C VAL C 297 33.07 46.50 -7.96
N PRO C 298 33.60 47.67 -7.60
CA PRO C 298 33.49 48.16 -6.22
C PRO C 298 32.10 48.68 -5.91
N ASN C 299 31.80 48.68 -4.63
CA ASN C 299 30.62 49.40 -4.13
C ASN C 299 30.86 50.90 -4.28
N PRO C 300 30.06 51.61 -5.10
CA PRO C 300 30.27 53.06 -5.28
C PRO C 300 30.33 53.84 -3.99
N GLU C 301 29.58 53.43 -2.95
CA GLU C 301 29.53 54.15 -1.69
C GLU C 301 30.44 53.56 -0.61
N PHE C 302 31.18 52.51 -0.92
CA PHE C 302 32.07 51.84 0.04
C PHE C 302 33.09 51.05 -0.75
N PRO C 303 34.10 51.71 -1.33
CA PRO C 303 34.92 51.05 -2.37
C PRO C 303 35.70 49.83 -1.89
N VAL C 304 35.98 49.71 -0.58
CA VAL C 304 36.71 48.54 -0.10
C VAL C 304 35.88 47.27 -0.28
N GLU C 305 34.55 47.40 -0.33
CA GLU C 305 33.67 46.28 -0.64
C GLU C 305 33.61 46.07 -2.15
N ARG C 306 33.87 44.84 -2.57
CA ARG C 306 33.79 44.48 -3.99
C ARG C 306 32.56 43.61 -4.21
N PHE C 307 31.72 44.00 -5.16
CA PHE C 307 30.58 43.18 -5.54
C PHE C 307 31.00 41.96 -6.35
N THR C 308 32.30 41.83 -6.59
CA THR C 308 32.91 40.74 -7.31
C THR C 308 33.76 39.88 -6.40
N ASP C 309 33.51 39.96 -5.09
CA ASP C 309 34.36 39.25 -4.14
C ASP C 309 34.06 37.76 -4.13
N ARG C 310 32.86 37.34 -4.55
CA ARG C 310 32.55 35.93 -4.65
C ARG C 310 32.48 35.44 -6.07
N TRP C 311 32.32 36.34 -7.07
CA TRP C 311 32.14 35.96 -8.46
C TRP C 311 32.77 37.07 -9.29
N PRO C 312 33.55 36.75 -10.34
CA PRO C 312 33.81 35.41 -10.88
C PRO C 312 34.98 34.74 -10.20
N GLU C 313 34.96 33.43 -10.14
CA GLU C 313 36.07 32.66 -9.58
C GLU C 313 37.11 32.25 -10.62
N SER C 314 36.76 32.31 -11.91
CA SER C 314 37.69 31.88 -12.95
C SER C 314 37.37 32.61 -14.25
N GLN C 315 38.31 32.52 -15.19
CA GLN C 315 38.07 33.05 -16.52
C GLN C 315 36.88 32.39 -17.17
N LEU C 316 36.76 31.06 -17.05
CA LEU C 316 35.67 30.36 -17.70
C LEU C 316 34.32 30.86 -17.19
N GLN C 317 34.21 31.09 -15.89
CA GLN C 317 32.96 31.61 -15.34
C GLN C 317 32.57 32.92 -15.98
N GLN C 318 33.50 33.88 -16.01
CA GLN C 318 33.10 35.21 -16.47
C GLN C 318 32.93 35.24 -17.99
N THR C 319 33.77 34.52 -18.73
CA THR C 319 33.61 34.58 -20.18
C THR C 319 32.36 33.85 -20.64
N THR C 320 31.93 32.83 -19.89
CA THR C 320 30.66 32.17 -20.19
C THR C 320 29.50 33.14 -20.07
N TYR C 321 29.50 33.94 -19.01
CA TYR C 321 28.41 34.87 -18.80
C TYR C 321 28.46 36.00 -19.83
N SER C 322 29.65 36.50 -20.15
CA SER C 322 29.76 37.50 -21.21
C SER C 322 29.13 36.99 -22.51
N ARG C 323 29.38 35.72 -22.86
CA ARG C 323 28.76 35.15 -24.06
C ARG C 323 27.24 35.23 -24.00
N HIS C 324 26.66 34.81 -22.87
CA HIS C 324 25.21 34.89 -22.73
C HIS C 324 24.70 36.32 -22.94
N LEU C 325 25.41 37.30 -22.38
CA LEU C 325 24.94 38.68 -22.46
C LEU C 325 25.06 39.23 -23.89
N HIS C 326 26.13 38.88 -24.59
CA HIS C 326 26.25 39.29 -25.98
C HIS C 326 25.13 38.69 -26.83
N THR C 327 24.81 37.41 -26.60
CA THR C 327 23.71 36.78 -27.32
C THR C 327 22.41 37.51 -27.07
N LEU C 328 22.17 37.90 -25.81
CA LEU C 328 20.97 38.64 -25.46
C LEU C 328 20.93 39.99 -26.16
N ALA C 329 22.01 40.75 -26.05
CA ALA C 329 22.05 42.10 -26.60
C ALA C 329 21.97 42.07 -28.13
N ASN C 330 22.71 41.15 -28.76
CA ASN C 330 22.70 41.07 -30.21
C ASN C 330 21.34 40.65 -30.73
N GLY C 331 20.66 39.74 -30.04
CA GLY C 331 19.34 39.31 -30.49
C GLY C 331 18.32 40.43 -30.39
N LEU C 332 18.34 41.18 -29.28
CA LEU C 332 17.43 42.32 -29.15
C LEU C 332 17.73 43.39 -30.19
N GLU C 333 19.02 43.63 -30.46
CA GLU C 333 19.37 44.64 -31.45
C GLU C 333 18.86 44.24 -32.83
N ALA C 334 19.04 42.97 -33.21
CA ALA C 334 18.53 42.51 -34.49
C ALA C 334 17.02 42.63 -34.57
N ALA C 335 16.33 42.53 -33.42
CA ALA C 335 14.88 42.71 -33.43
C ALA C 335 14.50 44.17 -33.57
N ARG C 336 15.30 45.06 -32.99
CA ARG C 336 15.02 46.50 -33.10
C ARG C 336 15.26 47.01 -34.53
N THR C 337 16.15 46.37 -35.28
CA THR C 337 16.45 46.82 -36.63
C THR C 337 15.74 45.95 -37.67
N LEU C 345 10.37 36.24 -33.13
CA LEU C 345 10.95 36.87 -31.94
C LEU C 345 10.44 36.18 -30.69
N GLN C 346 9.17 35.77 -30.75
CA GLN C 346 8.53 35.18 -29.58
C GLN C 346 9.25 33.91 -29.12
N GLU C 347 9.65 33.05 -30.07
CA GLU C 347 10.31 31.81 -29.69
C GLU C 347 11.68 32.07 -29.06
N TRP C 348 12.42 33.03 -29.62
CA TRP C 348 13.73 33.36 -29.06
C TRP C 348 13.60 33.94 -27.66
N LEU C 349 12.56 34.76 -27.44
CA LEU C 349 12.32 35.29 -26.11
C LEU C 349 12.07 34.17 -25.10
N ARG C 350 11.35 33.12 -25.51
CA ARG C 350 11.10 32.00 -24.62
C ARG C 350 12.40 31.39 -24.11
N GLY C 351 13.38 31.23 -24.99
CA GLY C 351 14.66 30.68 -24.57
C GLY C 351 15.42 31.60 -23.63
N GLN C 352 15.26 32.92 -23.81
CA GLN C 352 16.03 33.86 -23.01
C GLN C 352 15.38 34.10 -21.65
N PHE C 353 14.04 34.14 -21.60
CA PHE C 353 13.32 34.56 -20.42
C PHE C 353 12.38 33.51 -19.83
N GLY C 354 12.17 32.39 -20.49
CA GLY C 354 11.31 31.36 -19.94
C GLY C 354 10.04 31.20 -20.74
N ASP C 355 9.63 29.95 -20.95
CA ASP C 355 8.47 29.66 -21.80
C ASP C 355 7.18 30.23 -21.20
N ARG C 356 6.91 29.91 -19.94
CA ARG C 356 5.60 30.23 -19.36
C ARG C 356 5.39 31.74 -19.25
N VAL C 357 6.41 32.49 -18.82
CA VAL C 357 6.23 33.93 -18.64
C VAL C 357 6.14 34.65 -19.98
N VAL C 358 6.91 34.19 -20.98
CA VAL C 358 6.85 34.82 -22.30
C VAL C 358 5.47 34.63 -22.91
N THR C 359 4.90 33.43 -22.77
CA THR C 359 3.56 33.19 -23.32
C THR C 359 2.54 34.10 -22.66
N ARG C 360 2.59 34.23 -21.33
CA ARG C 360 1.68 35.12 -20.64
C ARG C 360 1.82 36.56 -21.12
N SER C 361 3.06 36.96 -21.46
CA SER C 361 3.28 38.34 -21.87
C SER C 361 2.84 38.58 -23.31
N VAL C 362 3.05 37.59 -24.18
CA VAL C 362 2.62 37.73 -25.58
C VAL C 362 1.11 37.85 -25.67
N LYS C 363 0.39 37.06 -24.88
CA LYS C 363 -1.06 37.15 -24.87
C LYS C 363 -1.52 38.55 -24.47
N ALA C 364 -0.90 39.11 -23.45
CA ALA C 364 -1.25 40.46 -23.00
C ALA C 364 -0.78 41.50 -24.01
N PRO D 16 -13.85 -37.66 -18.70
CA PRO D 16 -14.57 -36.95 -17.63
C PRO D 16 -14.07 -35.52 -17.46
N PHE D 17 -13.13 -35.12 -18.31
CA PHE D 17 -12.62 -33.76 -18.30
C PHE D 17 -13.05 -32.97 -19.53
N ALA D 18 -13.86 -33.57 -20.40
CA ALA D 18 -14.34 -32.92 -21.61
C ALA D 18 -15.21 -31.71 -21.29
N ASP D 19 -16.40 -31.96 -20.73
CA ASP D 19 -17.31 -30.87 -20.41
C ASP D 19 -16.73 -30.02 -19.30
N PRO D 20 -16.72 -28.69 -19.43
CA PRO D 20 -16.10 -27.85 -18.38
C PRO D 20 -16.71 -28.04 -17.00
N LEU D 21 -18.04 -28.15 -16.91
CA LEU D 21 -18.68 -28.31 -15.61
C LEU D 21 -18.32 -29.65 -14.98
N ASP D 22 -18.42 -30.73 -15.76
CA ASP D 22 -17.96 -32.04 -15.27
C ASP D 22 -16.49 -31.97 -14.85
N ALA D 23 -15.68 -31.23 -15.60
CA ALA D 23 -14.24 -31.21 -15.35
C ALA D 23 -13.90 -30.48 -14.06
N VAL D 24 -14.52 -29.32 -13.83
CA VAL D 24 -14.25 -28.57 -12.60
C VAL D 24 -14.76 -29.35 -11.38
N LEU D 25 -15.90 -30.03 -11.51
CA LEU D 25 -16.36 -30.88 -10.42
C LEU D 25 -15.38 -32.02 -10.16
N ALA D 26 -14.80 -32.59 -11.23
CA ALA D 26 -13.82 -33.66 -11.06
C ALA D 26 -12.56 -33.14 -10.38
N GLU D 27 -12.12 -31.94 -10.77
CA GLU D 27 -10.99 -31.30 -10.12
C GLU D 27 -11.27 -31.06 -8.65
N LEU D 28 -12.48 -30.58 -8.33
CA LEU D 28 -12.88 -30.41 -6.95
C LEU D 28 -12.85 -31.74 -6.21
N ALA D 29 -13.40 -32.80 -6.82
CA ALA D 29 -13.39 -34.11 -6.19
C ALA D 29 -11.98 -34.57 -5.89
N ILE D 30 -11.05 -34.36 -6.83
CA ILE D 30 -9.67 -34.75 -6.61
C ILE D 30 -9.12 -34.04 -5.38
N ASN D 31 -9.48 -32.79 -5.19
CA ASN D 31 -8.93 -31.99 -4.11
C ASN D 31 -9.59 -32.26 -2.76
N ILE D 32 -10.57 -33.16 -2.67
CA ILE D 32 -11.10 -33.53 -1.37
C ILE D 32 -10.85 -35.00 -1.05
N GLN D 33 -10.08 -35.70 -1.87
CA GLN D 33 -9.79 -37.09 -1.60
C GLN D 33 -8.78 -37.23 -0.47
N LEU D 34 -8.78 -38.41 0.16
CA LEU D 34 -7.64 -38.79 0.98
C LEU D 34 -6.42 -38.84 0.05
N PRO D 35 -5.36 -38.07 0.31
CA PRO D 35 -4.25 -38.00 -0.64
C PRO D 35 -3.55 -39.33 -0.75
N PRO D 36 -2.89 -39.59 -1.89
CA PRO D 36 -2.29 -40.92 -2.12
C PRO D 36 -1.31 -41.36 -1.06
N GLY D 37 -0.45 -40.46 -0.57
CA GLY D 37 0.51 -40.86 0.45
C GLY D 37 -0.16 -41.40 1.69
N LEU D 38 -1.22 -40.72 2.14
CA LEU D 38 -1.93 -41.17 3.33
C LEU D 38 -2.79 -42.39 3.04
N HIS D 39 -3.43 -42.43 1.87
CA HIS D 39 -4.24 -43.58 1.49
C HIS D 39 -3.42 -44.86 1.57
N ALA D 40 -2.15 -44.81 1.17
CA ALA D 40 -1.31 -46.00 1.14
C ALA D 40 -0.88 -46.45 2.52
N LYS D 41 -1.05 -45.64 3.56
CA LYS D 41 -0.71 -46.01 4.93
C LYS D 41 -1.90 -46.47 5.74
N ALA D 42 -3.12 -46.27 5.22
CA ALA D 42 -4.31 -46.38 6.04
C ALA D 42 -4.50 -47.79 6.60
N VAL D 43 -4.34 -48.81 5.75
CA VAL D 43 -4.64 -50.17 6.19
C VAL D 43 -3.62 -50.64 7.22
N GLU D 44 -2.33 -50.43 6.94
CA GLU D 44 -1.32 -50.78 7.94
C GLU D 44 -1.53 -50.01 9.24
N ARG D 45 -2.06 -48.79 9.17
CA ARG D 45 -2.30 -48.01 10.38
C ARG D 45 -3.31 -48.69 11.31
N TYR D 46 -4.47 -49.11 10.78
CA TYR D 46 -5.41 -49.77 11.68
C TYR D 46 -4.96 -51.17 12.05
N GLU D 47 -4.17 -51.83 11.20
CA GLU D 47 -3.64 -53.13 11.56
C GLU D 47 -2.66 -53.03 12.72
N ALA D 48 -1.94 -51.91 12.81
CA ALA D 48 -1.04 -51.71 13.96
C ALA D 48 -1.82 -51.46 15.23
N VAL D 49 -2.98 -50.79 15.12
CA VAL D 49 -3.87 -50.65 16.27
C VAL D 49 -4.34 -52.02 16.74
N ARG D 50 -4.76 -52.87 15.81
CA ARG D 50 -5.20 -54.20 16.17
C ARG D 50 -4.09 -54.97 16.86
N ARG D 51 -2.87 -54.90 16.33
CA ARG D 51 -1.74 -55.57 16.96
C ARG D 51 -1.56 -55.08 18.39
N TYR D 52 -1.75 -53.78 18.61
CA TYR D 52 -1.56 -53.24 19.96
C TYR D 52 -2.62 -53.73 20.92
N ILE D 53 -3.89 -53.76 20.49
CA ILE D 53 -4.91 -54.20 21.42
C ILE D 53 -4.93 -55.71 21.59
N GLU D 54 -4.23 -56.46 20.73
CA GLU D 54 -4.13 -57.90 20.88
C GLU D 54 -2.90 -58.33 21.68
N ARG D 55 -2.07 -57.37 22.09
CA ARG D 55 -0.81 -57.68 22.75
C ARG D 55 -1.05 -58.32 24.12
N PRO D 56 -0.09 -59.12 24.60
CA PRO D 56 -0.24 -59.76 25.91
C PRO D 56 -0.44 -58.72 27.02
N GLY D 57 -1.38 -59.02 27.90
CA GLY D 57 -1.74 -58.14 28.99
C GLY D 57 -2.89 -57.20 28.68
N SER D 58 -3.18 -56.98 27.40
CA SER D 58 -4.29 -56.13 27.04
C SER D 58 -5.61 -56.76 27.48
N PRO D 59 -6.58 -55.97 27.94
CA PRO D 59 -7.90 -56.52 28.26
C PRO D 59 -8.55 -57.22 27.07
N LEU D 60 -8.15 -56.89 25.84
CA LEU D 60 -8.74 -57.48 24.65
C LEU D 60 -7.87 -58.56 24.03
N GLU D 61 -6.79 -58.99 24.71
CA GLU D 61 -6.01 -60.12 24.23
C GLU D 61 -6.92 -61.33 24.04
N GLY D 62 -6.85 -61.94 22.86
CA GLY D 62 -7.64 -63.14 22.61
C GLY D 62 -9.12 -62.93 22.44
N ARG D 63 -9.55 -61.68 22.28
CA ARG D 63 -10.97 -61.36 22.20
C ARG D 63 -11.36 -60.59 20.95
N VAL D 64 -10.43 -60.40 20.02
CA VAL D 64 -10.74 -59.67 18.78
C VAL D 64 -11.11 -60.70 17.72
N ALA D 65 -12.36 -60.65 17.28
CA ALA D 65 -12.82 -61.53 16.22
C ALA D 65 -12.32 -61.06 14.88
N CYS D 66 -12.43 -59.76 14.63
CA CYS D 66 -11.90 -59.17 13.40
C CYS D 66 -11.86 -57.66 13.54
N PHE D 67 -11.22 -57.03 12.56
CA PHE D 67 -11.14 -55.59 12.40
C PHE D 67 -11.62 -55.30 11.00
N TYR D 68 -12.46 -54.29 10.85
CA TYR D 68 -12.88 -53.99 9.48
C TYR D 68 -13.21 -52.51 9.35
N PRO D 69 -12.94 -51.92 8.20
CA PRO D 69 -13.39 -50.55 7.95
C PRO D 69 -14.89 -50.46 7.87
N GLN D 70 -15.43 -49.36 8.36
CA GLN D 70 -16.81 -49.01 8.14
C GLN D 70 -16.85 -47.58 7.60
N GLY D 71 -18.04 -47.11 7.29
CA GLY D 71 -18.14 -45.75 6.77
C GLY D 71 -17.42 -45.58 5.44
N SER D 72 -16.77 -44.43 5.28
CA SER D 72 -16.27 -44.02 3.98
C SER D 72 -15.14 -44.93 3.50
N MET D 73 -14.29 -45.41 4.41
CA MET D 73 -13.19 -46.27 3.98
C MET D 73 -13.71 -47.57 3.39
N ALA D 74 -14.87 -48.05 3.86
CA ALA D 74 -15.39 -49.32 3.36
C ALA D 74 -15.95 -49.22 1.95
N ILE D 75 -16.21 -48.00 1.46
CA ILE D 75 -16.82 -47.78 0.16
C ILE D 75 -15.99 -46.81 -0.70
N ASP D 76 -14.73 -46.56 -0.32
CA ASP D 76 -13.81 -45.71 -1.10
C ASP D 76 -14.35 -44.28 -1.28
N ALA D 77 -14.90 -43.72 -0.20
CA ALA D 77 -15.57 -42.43 -0.28
C ALA D 77 -15.00 -41.41 0.69
N THR D 78 -13.79 -41.63 1.18
CA THR D 78 -13.25 -40.75 2.21
C THR D 78 -13.00 -39.34 1.66
N THR D 79 -13.35 -38.35 2.46
CA THR D 79 -13.05 -36.96 2.12
C THR D 79 -12.30 -36.30 3.28
N SER D 80 -11.83 -35.08 3.03
CA SER D 80 -11.38 -34.24 4.13
C SER D 80 -12.52 -34.07 5.13
N THR D 81 -12.17 -34.01 6.41
CA THR D 81 -13.17 -33.95 7.47
C THR D 81 -13.75 -32.56 7.61
N ARG D 82 -15.02 -32.51 8.03
CA ARG D 82 -15.76 -31.28 8.19
C ARG D 82 -14.96 -30.26 9.01
N GLY D 83 -14.91 -29.03 8.50
CA GLY D 83 -14.12 -27.98 9.10
C GLY D 83 -12.73 -27.83 8.53
N THR D 84 -12.26 -28.83 7.78
CA THR D 84 -10.89 -28.83 7.30
C THR D 84 -10.85 -29.14 5.80
N ASP D 85 -9.70 -28.80 5.21
CA ASP D 85 -9.32 -29.29 3.89
C ASP D 85 -8.20 -30.31 3.94
N ASP D 86 -7.59 -30.56 5.11
CA ASP D 86 -6.37 -31.36 5.13
C ASP D 86 -6.30 -32.36 6.28
N GLU D 87 -7.42 -32.70 6.91
CA GLU D 87 -7.47 -33.77 7.89
C GLU D 87 -8.54 -34.76 7.46
N TYR D 88 -8.43 -35.97 7.98
CA TYR D 88 -9.23 -37.11 7.51
C TYR D 88 -9.49 -38.04 8.69
N ASP D 89 -10.70 -38.59 8.74
CA ASP D 89 -11.08 -39.50 9.81
C ASP D 89 -11.54 -40.80 9.17
N LEU D 90 -10.95 -41.92 9.61
CA LEU D 90 -11.32 -43.25 9.16
C LEU D 90 -12.03 -43.97 10.29
N ASP D 91 -13.03 -44.77 9.94
CA ASP D 91 -13.88 -45.44 10.92
C ASP D 91 -13.61 -46.94 10.88
N ILE D 92 -13.10 -47.48 11.98
CA ILE D 92 -12.70 -48.89 12.06
C ILE D 92 -13.55 -49.57 13.12
N VAL D 93 -14.05 -50.77 12.83
CA VAL D 93 -14.77 -51.58 13.80
C VAL D 93 -13.85 -52.68 14.31
N ALA D 94 -13.81 -52.84 15.62
CA ALA D 94 -13.15 -53.96 16.29
C ALA D 94 -14.26 -54.83 16.86
N GLU D 95 -14.49 -55.99 16.23
CA GLU D 95 -15.52 -56.91 16.70
C GLU D 95 -14.97 -57.75 17.85
N ILE D 96 -15.60 -57.63 19.02
CA ILE D 96 -15.04 -58.17 20.26
C ILE D 96 -15.90 -59.33 20.73
N GLU D 97 -15.24 -60.37 21.23
CA GLU D 97 -15.82 -61.63 21.65
C GLU D 97 -15.61 -61.80 23.15
N GLY D 98 -15.95 -62.99 23.63
CA GLY D 98 -15.81 -63.30 25.02
C GLY D 98 -17.04 -62.88 25.76
N PRO D 99 -17.05 -63.07 27.08
CA PRO D 99 -18.22 -62.69 27.87
C PRO D 99 -18.54 -61.21 27.72
N ASP D 100 -19.82 -60.92 27.72
CA ASP D 100 -20.32 -59.56 27.56
C ASP D 100 -20.71 -59.02 28.93
N LEU D 101 -19.99 -57.98 29.40
CA LEU D 101 -20.31 -57.34 30.66
C LEU D 101 -21.02 -55.99 30.46
N GLY D 102 -21.57 -55.74 29.27
CA GLY D 102 -22.32 -54.54 29.03
C GLY D 102 -21.57 -53.52 28.20
N PRO D 103 -22.30 -52.53 27.70
CA PRO D 103 -21.69 -51.57 26.74
C PRO D 103 -20.64 -50.67 27.36
N GLU D 104 -20.83 -50.17 28.58
CA GLU D 104 -19.81 -49.31 29.17
C GLU D 104 -18.52 -50.10 29.41
N ALA D 105 -18.65 -51.35 29.87
CA ALA D 105 -17.50 -52.22 30.09
C ALA D 105 -16.75 -52.48 28.79
N LEU D 106 -17.47 -52.65 27.69
CA LEU D 106 -16.84 -52.88 26.40
C LEU D 106 -15.98 -51.68 25.99
N LEU D 107 -16.55 -50.48 26.09
CA LEU D 107 -15.77 -49.28 25.77
C LEU D 107 -14.63 -49.11 26.77
N ASP D 108 -14.88 -49.42 28.05
CA ASP D 108 -13.81 -49.40 29.04
C ASP D 108 -12.64 -50.27 28.61
N ASP D 109 -12.93 -51.48 28.12
CA ASP D 109 -11.88 -52.41 27.73
C ASP D 109 -11.09 -51.88 26.55
N LEU D 110 -11.78 -51.27 25.57
CA LEU D 110 -11.06 -50.74 24.42
C LEU D 110 -10.19 -49.55 24.80
N GLU D 111 -10.69 -48.65 25.66
CA GLU D 111 -9.87 -47.53 26.08
C GLU D 111 -8.64 -48.00 26.83
N ALA D 112 -8.82 -48.96 27.73
CA ALA D 112 -7.70 -49.51 28.47
C ALA D 112 -6.71 -50.21 27.56
N ALA D 113 -7.23 -50.92 26.55
CA ALA D 113 -6.35 -51.60 25.59
C ALA D 113 -5.52 -50.62 24.78
N LEU D 114 -6.06 -49.41 24.55
CA LEU D 114 -5.44 -48.40 23.71
C LEU D 114 -4.63 -47.40 24.52
N GLU D 115 -4.67 -47.49 25.85
CA GLU D 115 -3.90 -46.55 26.66
C GLU D 115 -2.41 -46.68 26.35
N SER D 116 -1.75 -45.54 26.25
CA SER D 116 -0.32 -45.40 25.97
C SER D 116 0.04 -45.74 24.54
N TYR D 117 -0.95 -45.93 23.65
CA TYR D 117 -0.65 -46.12 22.25
C TYR D 117 0.06 -44.86 21.74
N PRO D 118 1.21 -44.99 21.09
CA PRO D 118 2.00 -43.79 20.70
C PRO D 118 1.42 -43.02 19.51
N VAL D 119 0.34 -42.28 19.78
CA VAL D 119 -0.23 -41.33 18.84
C VAL D 119 -0.25 -39.96 19.48
N SER D 120 -0.73 -38.95 18.74
CA SER D 120 -0.73 -37.60 19.27
C SER D 120 -1.69 -37.47 20.46
N LYS D 121 -2.86 -38.10 20.38
CA LYS D 121 -3.84 -38.00 21.45
C LYS D 121 -4.81 -39.17 21.34
N VAL D 122 -5.25 -39.69 22.49
CA VAL D 122 -6.30 -40.70 22.56
C VAL D 122 -7.48 -40.07 23.28
N VAL D 123 -8.67 -40.14 22.68
CA VAL D 123 -9.85 -39.47 23.24
C VAL D 123 -11.01 -40.45 23.28
N ARG D 124 -11.59 -40.66 24.45
CA ARG D 124 -12.76 -41.51 24.58
C ARG D 124 -14.01 -40.74 24.15
N GLN D 125 -14.75 -41.28 23.19
CA GLN D 125 -16.00 -40.70 22.74
C GLN D 125 -17.16 -41.54 23.28
N THR D 126 -18.37 -41.09 22.96
CA THR D 126 -19.56 -41.78 23.45
C THR D 126 -19.66 -43.20 22.90
N ARG D 127 -19.23 -43.41 21.64
CA ARG D 127 -19.37 -44.70 20.98
C ARG D 127 -18.07 -45.29 20.49
N CYS D 128 -16.93 -44.64 20.72
CA CYS D 128 -15.68 -45.09 20.13
C CYS D 128 -14.52 -44.48 20.89
N ILE D 129 -13.32 -44.94 20.54
CA ILE D 129 -12.08 -44.32 20.98
C ILE D 129 -11.43 -43.70 19.75
N THR D 130 -11.08 -42.42 19.86
CA THR D 130 -10.45 -41.70 18.74
C THR D 130 -8.95 -41.67 18.94
N LEU D 131 -8.22 -42.02 17.89
CA LEU D 131 -6.78 -41.92 17.87
C LEU D 131 -6.41 -40.81 16.89
N TYR D 132 -5.89 -39.70 17.41
CA TYR D 132 -5.45 -38.60 16.54
C TYR D 132 -3.98 -38.80 16.18
N TYR D 133 -3.68 -38.70 14.89
CA TYR D 133 -2.33 -38.90 14.39
C TYR D 133 -1.72 -37.58 13.96
N ALA D 134 -0.38 -37.51 14.05
CA ALA D 134 0.32 -36.26 13.78
C ALA D 134 0.11 -35.79 12.34
N ASP D 135 -0.03 -36.71 11.39
CA ASP D 135 -0.12 -36.33 10.00
C ASP D 135 -1.55 -36.03 9.55
N GLY D 136 -2.50 -35.98 10.48
CA GLY D 136 -3.86 -35.55 10.16
C GLY D 136 -4.81 -36.64 9.72
N MET D 137 -4.35 -37.89 9.60
CA MET D 137 -5.25 -39.00 9.26
C MET D 137 -5.58 -39.78 10.52
N HIS D 138 -6.77 -39.58 11.05
CA HIS D 138 -7.15 -40.08 12.36
C HIS D 138 -8.01 -41.33 12.25
N LEU D 139 -8.05 -42.10 13.35
CA LEU D 139 -8.82 -43.35 13.41
C LEU D 139 -9.84 -43.26 14.54
N ASP D 140 -11.11 -43.54 14.21
CA ASP D 140 -12.16 -43.77 15.21
C ASP D 140 -12.37 -45.27 15.33
N ILE D 141 -12.05 -45.83 16.50
CA ILE D 141 -12.14 -47.28 16.73
C ILE D 141 -13.42 -47.56 17.49
N THR D 142 -14.36 -48.25 16.83
CA THR D 142 -15.63 -48.61 17.45
C THR D 142 -15.62 -50.07 17.84
N PRO D 143 -15.83 -50.43 19.10
CA PRO D 143 -15.94 -51.85 19.46
C PRO D 143 -17.36 -52.32 19.20
N SER D 144 -17.49 -53.55 18.72
CA SER D 144 -18.81 -54.09 18.39
C SER D 144 -19.00 -55.48 19.00
N ARG D 145 -20.27 -55.89 19.06
CA ARG D 145 -20.66 -57.24 19.49
C ARG D 145 -21.47 -57.89 18.39
N ARG D 146 -21.01 -59.03 17.87
CA ARG D 146 -21.76 -59.78 16.90
C ARG D 146 -22.92 -60.49 17.59
N ARG D 147 -24.12 -60.40 17.00
CA ARG D 147 -25.33 -60.96 17.61
C ARG D 147 -26.09 -61.94 16.72
N ALA D 148 -25.62 -62.18 15.50
CA ALA D 148 -26.32 -63.05 14.57
C ALA D 148 -25.35 -63.53 13.50
N PRO D 149 -25.63 -64.65 12.83
CA PRO D 149 -24.70 -65.16 11.82
C PRO D 149 -24.48 -64.23 10.62
N LYS D 150 -25.47 -63.44 10.21
CA LYS D 150 -25.30 -62.61 9.02
C LYS D 150 -24.13 -61.65 9.19
N GLU D 151 -23.27 -61.57 8.17
CA GLU D 151 -22.15 -60.63 8.25
C GLU D 151 -22.68 -59.20 8.11
N LYS D 152 -22.33 -58.32 9.06
CA LYS D 152 -21.85 -58.64 10.42
C LYS D 152 -22.81 -57.94 11.37
N GLU D 153 -23.92 -58.63 11.62
CA GLU D 153 -25.04 -58.04 12.33
C GLU D 153 -24.80 -58.06 13.83
N GLY D 154 -24.93 -56.90 14.47
CA GLY D 154 -24.76 -56.86 15.90
C GLY D 154 -25.10 -55.53 16.53
N GLU D 155 -24.24 -55.10 17.46
CA GLU D 155 -24.50 -53.91 18.26
C GLU D 155 -23.19 -53.20 18.53
N ILE D 156 -23.29 -51.88 18.72
CA ILE D 156 -22.16 -51.08 19.21
C ILE D 156 -22.59 -50.37 20.50
N PRO D 157 -21.65 -50.03 21.37
CA PRO D 157 -22.01 -49.39 22.64
C PRO D 157 -22.21 -47.89 22.50
N HIS D 158 -23.05 -47.36 23.37
CA HIS D 158 -23.29 -45.93 23.51
C HIS D 158 -23.26 -45.61 24.99
N ALA D 159 -22.21 -44.90 25.44
CA ALA D 159 -22.01 -44.68 26.86
C ALA D 159 -21.55 -43.25 27.15
N PRO D 167 -27.78 -43.50 30.89
CA PRO D 167 -27.47 -44.93 31.05
C PRO D 167 -26.94 -45.55 29.76
N ALA D 168 -25.80 -46.23 29.84
CA ALA D 168 -25.21 -46.84 28.66
C ALA D 168 -26.18 -47.83 28.01
N ARG D 169 -26.04 -47.99 26.70
CA ARG D 169 -26.89 -48.92 25.97
C ARG D 169 -26.14 -49.43 24.74
N TYR D 170 -26.59 -50.59 24.25
CA TYR D 170 -26.15 -51.09 22.96
C TYR D 170 -27.12 -50.63 21.87
N VAL D 171 -26.56 -50.41 20.68
CA VAL D 171 -27.28 -49.85 19.54
C VAL D 171 -27.16 -50.84 18.39
N PRO D 172 -28.26 -51.27 17.76
CA PRO D 172 -28.15 -52.22 16.65
C PRO D 172 -27.42 -51.64 15.46
N MET D 173 -26.62 -52.47 14.79
CA MET D 173 -25.94 -52.00 13.58
C MET D 173 -25.53 -53.18 12.73
N ASN D 174 -25.47 -52.94 11.40
CA ASN D 174 -24.74 -53.82 10.48
C ASN D 174 -24.10 -52.93 9.42
N SER D 175 -22.99 -52.28 9.80
CA SER D 175 -22.31 -51.40 8.86
C SER D 175 -21.54 -52.19 7.82
N TYR D 176 -21.12 -53.41 8.16
CA TYR D 176 -20.38 -54.22 7.21
C TYR D 176 -21.24 -54.56 5.99
N ALA D 177 -22.45 -55.06 6.24
CA ALA D 177 -23.35 -55.42 5.16
C ALA D 177 -23.77 -54.19 4.37
N PHE D 178 -23.94 -53.05 5.03
CA PHE D 178 -24.28 -51.86 4.27
C PHE D 178 -23.15 -51.49 3.31
N GLY D 179 -21.91 -51.55 3.77
CA GLY D 179 -20.79 -51.30 2.87
C GLY D 179 -20.80 -52.20 1.65
N LYS D 180 -21.01 -53.51 1.86
CA LYS D 180 -21.04 -54.43 0.74
C LYS D 180 -22.21 -54.14 -0.20
N TRP D 181 -23.36 -53.77 0.36
CA TRP D 181 -24.52 -53.40 -0.44
C TRP D 181 -24.21 -52.21 -1.33
N TYR D 182 -23.50 -51.22 -0.78
CA TYR D 182 -23.17 -50.02 -1.53
C TYR D 182 -22.16 -50.34 -2.64
N CYS D 183 -21.12 -51.11 -2.34
CA CYS D 183 -20.13 -51.46 -3.34
C CYS D 183 -20.75 -52.25 -4.49
N ALA D 184 -21.73 -53.10 -4.19
CA ALA D 184 -22.34 -53.89 -5.24
C ALA D 184 -23.07 -53.00 -6.25
N ARG D 185 -23.50 -51.81 -5.81
CA ARG D 185 -24.22 -50.87 -6.66
C ARG D 185 -23.32 -49.87 -7.35
N THR D 186 -22.01 -49.88 -7.07
CA THR D 186 -21.09 -48.88 -7.58
C THR D 186 -19.87 -49.55 -8.22
N PRO D 187 -20.07 -50.36 -9.26
CA PRO D 187 -18.92 -50.98 -9.93
C PRO D 187 -17.97 -49.92 -10.48
N THR D 188 -16.70 -50.30 -10.55
CA THR D 188 -15.70 -49.36 -11.05
C THR D 188 -15.97 -49.04 -12.51
N GLU D 189 -15.84 -47.76 -12.85
CA GLU D 189 -16.07 -47.26 -14.21
C GLU D 189 -14.71 -46.94 -14.81
N GLU D 190 -14.31 -47.69 -15.83
CA GLU D 190 -12.91 -47.74 -16.23
C GLU D 190 -12.38 -46.39 -16.68
N ARG D 191 -13.01 -45.79 -17.70
CA ARG D 191 -12.45 -44.57 -18.27
C ARG D 191 -12.46 -43.46 -17.23
N PHE D 192 -13.55 -43.35 -16.49
CA PHE D 192 -13.66 -42.33 -15.44
C PHE D 192 -12.58 -42.53 -14.39
N ALA D 193 -12.44 -43.75 -13.88
CA ALA D 193 -11.48 -44.02 -12.81
C ALA D 193 -10.05 -43.84 -13.28
N LEU D 194 -9.72 -44.27 -14.49
CA LEU D 194 -8.34 -44.16 -14.95
C LEU D 194 -7.93 -42.69 -15.10
N ALA D 195 -8.85 -41.87 -15.59
CA ALA D 195 -8.54 -40.46 -15.81
C ALA D 195 -8.38 -39.71 -14.48
N LEU D 196 -9.34 -39.90 -13.55
CA LEU D 196 -9.28 -39.13 -12.32
C LEU D 196 -8.12 -39.57 -11.44
N ASN D 197 -7.84 -40.88 -11.40
CA ASN D 197 -6.71 -41.35 -10.60
C ASN D 197 -5.37 -40.89 -11.16
N ARG D 198 -5.22 -40.83 -12.50
CA ARG D 198 -3.96 -40.34 -13.03
C ARG D 198 -3.69 -38.92 -12.54
N GLN D 199 -4.73 -38.09 -12.51
CA GLN D 199 -4.57 -36.71 -12.08
C GLN D 199 -4.37 -36.62 -10.58
N LEU D 200 -5.13 -37.41 -9.81
CA LEU D 200 -4.98 -37.45 -8.36
C LEU D 200 -3.54 -37.79 -7.99
N TYR D 201 -2.99 -38.85 -8.60
CA TYR D 201 -1.63 -39.25 -8.28
C TYR D 201 -0.61 -38.23 -8.80
N GLU D 202 -0.83 -37.71 -10.01
CA GLU D 202 0.13 -36.77 -10.60
C GLU D 202 0.26 -35.49 -9.77
N GLN D 203 -0.86 -34.98 -9.24
CA GLN D 203 -0.78 -33.84 -8.34
C GLN D 203 -0.03 -34.17 -7.06
N ALA D 204 0.01 -35.45 -6.67
CA ALA D 204 0.76 -35.89 -5.51
C ALA D 204 2.22 -36.21 -5.84
N GLY D 205 2.64 -35.97 -7.08
CA GLY D 205 4.00 -36.25 -7.49
C GLY D 205 4.30 -37.68 -7.84
N ILE D 206 3.27 -38.48 -8.15
CA ILE D 206 3.39 -39.92 -8.34
C ILE D 206 2.86 -40.27 -9.73
N ALA D 207 3.56 -41.17 -10.41
CA ALA D 207 3.16 -41.65 -11.73
C ALA D 207 2.21 -42.83 -11.56
N PHE D 208 0.96 -42.64 -11.97
CA PHE D 208 -0.06 -43.69 -12.01
C PHE D 208 -0.12 -44.18 -13.44
N ALA D 209 0.28 -45.43 -13.67
CA ALA D 209 0.57 -45.93 -15.01
C ALA D 209 -0.31 -47.13 -15.34
N ALA D 210 -1.45 -46.88 -15.97
CA ALA D 210 -2.39 -47.96 -16.26
C ALA D 210 -3.28 -47.57 -17.43
N ALA D 211 -3.35 -48.44 -18.44
CA ALA D 211 -4.28 -48.27 -19.56
C ALA D 211 -5.59 -49.02 -19.35
N ASP D 212 -5.63 -49.94 -18.40
CA ASP D 212 -6.83 -50.69 -18.07
C ASP D 212 -6.82 -50.95 -16.57
N VAL D 213 -8.02 -51.11 -16.00
CA VAL D 213 -8.13 -51.36 -14.57
C VAL D 213 -7.43 -52.67 -14.20
N GLU D 214 -7.47 -53.66 -15.08
CA GLU D 214 -6.77 -54.92 -14.84
C GLU D 214 -5.27 -54.70 -14.65
N ASP D 215 -4.69 -53.70 -15.32
CA ASP D 215 -3.26 -53.47 -15.32
C ASP D 215 -2.85 -52.32 -14.40
N VAL D 216 -3.57 -52.09 -13.31
CA VAL D 216 -3.22 -51.01 -12.39
C VAL D 216 -2.11 -51.49 -11.46
N PRO D 217 -0.94 -50.85 -11.44
CA PRO D 217 0.14 -51.26 -10.53
C PRO D 217 -0.33 -51.26 -9.09
N PRO D 218 -0.05 -52.35 -8.35
CA PRO D 218 -0.56 -52.44 -6.97
C PRO D 218 -0.04 -51.37 -6.03
N GLN D 219 1.10 -50.75 -6.33
CA GLN D 219 1.63 -49.67 -5.50
C GLN D 219 0.88 -48.35 -5.71
N THR D 220 0.07 -48.24 -6.75
CA THR D 220 -0.75 -47.05 -6.98
C THR D 220 -2.18 -47.51 -7.28
N PRO D 221 -2.88 -48.04 -6.28
CA PRO D 221 -4.21 -48.60 -6.53
C PRO D 221 -5.23 -47.50 -6.83
N LEU D 222 -6.37 -47.93 -7.37
CA LEU D 222 -7.47 -46.99 -7.59
C LEU D 222 -7.94 -46.45 -6.25
N ILE D 223 -8.00 -45.13 -6.14
CA ILE D 223 -8.63 -44.47 -5.01
C ILE D 223 -10.05 -44.06 -5.36
N ILE D 224 -10.23 -43.48 -6.52
CA ILE D 224 -11.53 -43.14 -7.10
C ILE D 224 -11.95 -44.27 -8.03
N LYS D 225 -13.22 -44.66 -7.94
CA LYS D 225 -13.72 -45.79 -8.74
C LYS D 225 -15.01 -45.52 -9.48
N SER D 226 -15.93 -44.73 -8.90
CA SER D 226 -17.32 -44.66 -9.35
C SER D 226 -17.81 -43.21 -9.36
N VAL D 227 -18.57 -42.85 -10.40
CA VAL D 227 -19.17 -41.52 -10.44
C VAL D 227 -20.21 -41.37 -9.33
N THR D 228 -20.93 -42.44 -9.02
CA THR D 228 -21.85 -42.40 -7.88
C THR D 228 -21.10 -42.02 -6.61
N THR D 229 -19.93 -42.61 -6.37
CA THR D 229 -19.23 -42.31 -5.13
C THR D 229 -18.58 -40.92 -5.17
N VAL D 230 -18.08 -40.49 -6.32
CA VAL D 230 -17.51 -39.14 -6.40
C VAL D 230 -18.58 -38.09 -6.12
N ALA D 231 -19.78 -38.29 -6.67
CA ALA D 231 -20.89 -37.39 -6.39
C ALA D 231 -21.24 -37.40 -4.90
N LEU D 232 -21.25 -38.59 -4.30
CA LEU D 232 -21.49 -38.71 -2.86
C LEU D 232 -20.45 -37.91 -2.08
N GLN D 233 -19.19 -37.97 -2.51
CA GLN D 233 -18.14 -37.22 -1.85
C GLN D 233 -18.37 -35.71 -1.94
N LEU D 234 -18.84 -35.24 -3.11
CA LEU D 234 -19.17 -33.83 -3.25
C LEU D 234 -20.40 -33.45 -2.42
N ILE D 235 -21.40 -34.34 -2.33
CA ILE D 235 -22.53 -34.09 -1.44
C ILE D 235 -22.03 -33.93 0.00
N LYS D 236 -21.13 -34.83 0.42
CA LYS D 236 -20.61 -34.71 1.78
C LYS D 236 -19.82 -33.42 1.95
N ARG D 237 -19.06 -33.02 0.93
CA ARG D 237 -18.32 -31.76 1.01
C ARG D 237 -19.28 -30.58 1.13
N HIS D 238 -20.34 -30.57 0.31
CA HIS D 238 -21.36 -29.54 0.40
C HIS D 238 -21.98 -29.50 1.80
N ARG D 239 -22.25 -30.68 2.36
CA ARG D 239 -22.79 -30.77 3.72
C ARG D 239 -21.78 -30.22 4.72
N ASN D 240 -20.49 -30.52 4.52
CA ASN D 240 -19.45 -30.07 5.43
C ASN D 240 -19.31 -28.56 5.40
N ILE D 241 -19.46 -27.95 4.22
CA ILE D 241 -19.35 -26.49 4.13
C ILE D 241 -20.58 -25.82 4.73
N ALA D 242 -21.78 -26.30 4.37
CA ALA D 242 -23.00 -25.70 4.91
C ALA D 242 -23.09 -25.81 6.44
N TYR D 243 -22.51 -26.86 7.01
CA TYR D 243 -22.59 -27.12 8.45
C TYR D 243 -21.22 -27.11 9.11
N ALA D 244 -20.30 -26.30 8.56
CA ALA D 244 -18.89 -26.34 8.94
C ALA D 244 -18.70 -26.14 10.44
N THR D 245 -19.49 -25.25 11.04
CA THR D 245 -19.31 -24.87 12.43
C THR D 245 -20.43 -25.39 13.34
N GLU D 246 -21.39 -26.13 12.78
CA GLU D 246 -22.53 -26.62 13.55
C GLU D 246 -22.08 -27.49 14.72
N THR D 247 -22.50 -27.13 15.93
CA THR D 247 -22.20 -27.93 17.11
C THR D 247 -23.25 -29.00 17.37
N GLY D 248 -24.43 -28.90 16.76
CA GLY D 248 -25.47 -29.89 16.91
C GLY D 248 -25.31 -31.03 15.92
N ARG D 249 -26.39 -31.77 15.73
CA ARG D 249 -26.36 -32.91 14.83
C ARG D 249 -26.43 -32.44 13.39
N ILE D 250 -25.57 -33.00 12.55
CA ILE D 250 -25.54 -32.65 11.13
C ILE D 250 -26.21 -33.76 10.34
N PRO D 251 -26.59 -33.54 9.08
CA PRO D 251 -27.16 -34.62 8.28
C PRO D 251 -26.16 -35.75 8.15
N PRO D 252 -26.52 -36.97 8.54
CA PRO D 252 -25.54 -38.05 8.67
C PRO D 252 -25.08 -38.63 7.34
N SER D 253 -23.79 -38.92 7.26
CA SER D 253 -23.22 -39.45 6.03
C SER D 253 -23.77 -40.82 5.66
N VAL D 254 -24.11 -41.66 6.64
CA VAL D 254 -24.58 -43.00 6.25
C VAL D 254 -25.93 -42.89 5.57
N MET D 255 -26.76 -41.91 5.97
CA MET D 255 -27.99 -41.62 5.25
C MET D 255 -27.70 -41.19 3.82
N LEU D 256 -26.73 -40.29 3.65
CA LEU D 256 -26.38 -39.78 2.33
C LEU D 256 -25.80 -40.89 1.45
N SER D 257 -25.03 -41.80 2.06
CA SER D 257 -24.43 -42.91 1.31
C SER D 257 -25.48 -43.93 0.91
N CYS D 258 -26.47 -44.16 1.78
CA CYS D 258 -27.57 -45.04 1.42
C CYS D 258 -28.36 -44.48 0.25
N HIS D 259 -28.73 -43.20 0.32
CA HIS D 259 -29.43 -42.57 -0.80
C HIS D 259 -28.58 -42.62 -2.07
N ALA D 260 -27.26 -42.41 -1.95
CA ALA D 260 -26.39 -42.57 -3.11
C ALA D 260 -26.50 -43.97 -3.70
N GLY D 261 -26.57 -44.99 -2.85
CA GLY D 261 -26.72 -46.35 -3.33
C GLY D 261 -28.01 -46.56 -4.10
N HIS D 262 -29.12 -46.01 -3.57
CA HIS D 262 -30.40 -46.12 -4.26
C HIS D 262 -30.42 -45.31 -5.56
N ALA D 263 -29.69 -44.19 -5.59
CA ALA D 263 -29.62 -43.32 -6.76
C ALA D 263 -28.58 -43.76 -7.78
N ALA D 264 -27.80 -44.80 -7.48
CA ALA D 264 -26.68 -45.18 -8.33
C ALA D 264 -27.13 -45.50 -9.76
N ARG D 265 -26.35 -45.04 -10.73
CA ARG D 265 -26.74 -45.30 -12.12
C ARG D 265 -25.48 -45.38 -12.95
N PRO D 266 -25.29 -46.44 -13.72
CA PRO D 266 -24.14 -46.51 -14.62
C PRO D 266 -24.24 -45.48 -15.73
N GLY D 267 -23.08 -45.07 -16.23
CA GLY D 267 -23.02 -44.21 -17.39
C GLY D 267 -23.72 -42.87 -17.22
N MET D 268 -23.50 -42.22 -16.08
CA MET D 268 -23.96 -40.87 -15.86
C MET D 268 -22.77 -39.95 -15.67
N ARG D 269 -22.84 -38.74 -16.24
CA ARG D 269 -21.79 -37.77 -16.03
C ARG D 269 -21.88 -37.20 -14.61
N LEU D 270 -20.78 -36.58 -14.18
CA LEU D 270 -20.65 -36.22 -12.77
C LEU D 270 -21.64 -35.13 -12.36
N ALA D 271 -21.78 -34.08 -13.17
CA ALA D 271 -22.73 -33.04 -12.79
C ALA D 271 -24.15 -33.61 -12.68
N GLU D 272 -24.55 -34.44 -13.66
CA GLU D 272 -25.89 -35.02 -13.64
C GLU D 272 -26.11 -35.86 -12.39
N MET D 273 -25.08 -36.61 -11.96
CA MET D 273 -25.24 -37.48 -10.81
C MET D 273 -25.24 -36.70 -9.51
N LEU D 274 -24.45 -35.61 -9.45
CA LEU D 274 -24.49 -34.76 -8.27
C LEU D 274 -25.86 -34.08 -8.12
N ILE D 275 -26.44 -33.60 -9.23
CA ILE D 275 -27.82 -33.10 -9.21
C ILE D 275 -28.76 -34.18 -8.73
N ARG D 276 -28.60 -35.39 -9.28
CA ARG D 276 -29.49 -36.49 -8.94
C ARG D 276 -29.47 -36.79 -7.46
N GLN D 277 -28.27 -36.84 -6.85
CA GLN D 277 -28.19 -37.20 -5.44
C GLN D 277 -28.70 -36.07 -4.54
N ALA D 278 -28.38 -34.82 -4.88
CA ALA D 278 -28.91 -33.70 -4.12
C ALA D 278 -30.44 -33.71 -4.11
N ARG D 279 -31.04 -33.98 -5.27
CA ARG D 279 -32.50 -33.99 -5.33
C ARG D 279 -33.09 -35.26 -4.73
N TRP D 280 -32.32 -36.36 -4.71
CA TRP D 280 -32.81 -37.58 -4.10
C TRP D 280 -33.06 -37.38 -2.61
N THR D 281 -32.11 -36.76 -1.93
CA THR D 281 -32.29 -36.53 -0.50
C THR D 281 -33.29 -35.41 -0.25
N ALA D 282 -33.26 -34.37 -1.07
CA ALA D 282 -34.18 -33.25 -0.89
C ALA D 282 -35.61 -33.69 -1.06
N ARG D 283 -35.89 -34.48 -2.11
CA ARG D 283 -37.23 -35.01 -2.34
C ARG D 283 -37.67 -35.91 -1.19
N ALA D 284 -36.77 -36.75 -0.67
CA ALA D 284 -37.14 -37.62 0.44
C ALA D 284 -37.56 -36.80 1.65
N ILE D 285 -36.80 -35.75 1.95
CA ILE D 285 -37.16 -34.86 3.05
C ILE D 285 -38.47 -34.15 2.76
N ASP D 286 -38.60 -33.58 1.56
CA ASP D 286 -39.80 -32.83 1.21
C ASP D 286 -41.04 -33.72 1.31
N ASP D 287 -40.91 -34.96 0.84
CA ASP D 287 -42.06 -35.86 0.84
C ASP D 287 -42.47 -36.20 2.28
N ALA D 288 -41.50 -36.41 3.16
CA ALA D 288 -41.80 -36.65 4.57
C ALA D 288 -42.37 -35.40 5.22
N ALA D 289 -41.76 -34.24 4.96
CA ALA D 289 -42.17 -32.99 5.59
C ALA D 289 -43.63 -32.69 5.29
N LYS D 290 -44.02 -32.80 4.02
CA LYS D 290 -45.39 -32.43 3.64
C LYS D 290 -46.42 -33.38 4.24
N ARG D 291 -46.00 -34.56 4.68
CA ARG D 291 -46.88 -35.52 5.34
C ARG D 291 -46.79 -35.45 6.86
N GLY D 292 -46.14 -34.41 7.39
CA GLY D 292 -46.00 -34.28 8.83
C GLY D 292 -45.12 -35.34 9.44
N GLN D 293 -44.11 -35.82 8.72
CA GLN D 293 -43.24 -36.88 9.19
C GLN D 293 -41.78 -36.47 9.10
N LEU D 294 -40.95 -37.12 9.90
CA LEU D 294 -39.50 -37.00 9.75
C LEU D 294 -39.00 -38.02 8.74
N LEU D 295 -37.93 -37.66 8.02
CA LEU D 295 -37.30 -38.57 7.10
C LEU D 295 -36.95 -39.89 7.78
N VAL D 296 -37.26 -41.01 7.12
CA VAL D 296 -36.91 -42.33 7.61
C VAL D 296 -36.12 -43.07 6.55
N VAL D 297 -34.90 -43.49 6.89
CA VAL D 297 -34.04 -44.25 5.97
C VAL D 297 -33.54 -45.50 6.68
N PRO D 298 -34.04 -46.69 6.36
CA PRO D 298 -33.55 -47.90 7.02
C PRO D 298 -32.27 -48.42 6.38
N ASN D 299 -31.53 -49.20 7.16
CA ASN D 299 -30.42 -49.96 6.60
C ASN D 299 -30.98 -51.02 5.65
N PRO D 300 -30.63 -50.96 4.36
CA PRO D 300 -31.19 -51.94 3.40
C PRO D 300 -30.83 -53.38 3.71
N GLU D 301 -29.81 -53.61 4.56
CA GLU D 301 -29.42 -54.95 4.94
C GLU D 301 -29.73 -55.27 6.39
N PHE D 302 -30.40 -54.37 7.11
CA PHE D 302 -30.73 -54.68 8.49
C PHE D 302 -31.91 -53.83 8.92
N PRO D 303 -33.14 -54.34 8.75
CA PRO D 303 -34.33 -53.51 8.99
C PRO D 303 -34.37 -52.87 10.37
N VAL D 304 -33.79 -53.52 11.38
CA VAL D 304 -33.81 -52.98 12.74
C VAL D 304 -33.12 -51.63 12.81
N GLU D 305 -32.06 -51.44 12.02
CA GLU D 305 -31.25 -50.23 12.08
C GLU D 305 -31.82 -49.16 11.17
N ARG D 306 -31.97 -47.97 11.70
CA ARG D 306 -32.36 -46.81 10.92
C ARG D 306 -31.19 -45.84 10.84
N PHE D 307 -30.88 -45.40 9.62
CA PHE D 307 -29.85 -44.39 9.42
C PHE D 307 -30.32 -43.00 9.80
N THR D 308 -31.60 -42.87 10.16
CA THR D 308 -32.23 -41.66 10.63
C THR D 308 -32.51 -41.71 12.13
N ASP D 309 -31.81 -42.59 12.84
CA ASP D 309 -32.11 -42.73 14.27
C ASP D 309 -31.66 -41.52 15.07
N ARG D 310 -30.69 -40.75 14.58
CA ARG D 310 -30.19 -39.56 15.26
C ARG D 310 -30.55 -38.26 14.56
N TRP D 311 -30.90 -38.30 13.28
CA TRP D 311 -31.18 -37.12 12.48
C TRP D 311 -32.21 -37.52 11.44
N PRO D 312 -33.23 -36.69 11.17
CA PRO D 312 -33.52 -35.36 11.71
C PRO D 312 -34.36 -35.39 12.98
N GLU D 313 -34.29 -34.31 13.77
CA GLU D 313 -35.01 -34.19 15.02
C GLU D 313 -36.26 -33.30 14.91
N SER D 314 -36.38 -32.52 13.84
CA SER D 314 -37.47 -31.56 13.70
C SER D 314 -37.70 -31.27 12.23
N GLN D 315 -38.85 -30.65 11.97
CA GLN D 315 -39.16 -30.17 10.62
C GLN D 315 -38.17 -29.12 10.18
N LEU D 316 -37.88 -28.14 11.04
CA LEU D 316 -36.94 -27.08 10.68
C LEU D 316 -35.60 -27.66 10.30
N GLN D 317 -35.12 -28.67 11.04
CA GLN D 317 -33.83 -29.27 10.76
C GLN D 317 -33.80 -29.91 9.38
N GLN D 318 -34.81 -30.72 9.05
CA GLN D 318 -34.70 -31.41 7.78
C GLN D 318 -34.98 -30.47 6.60
N THR D 319 -35.97 -29.58 6.74
CA THR D 319 -36.31 -28.70 5.62
C THR D 319 -35.20 -27.70 5.35
N THR D 320 -34.41 -27.33 6.37
CA THR D 320 -33.27 -26.46 6.15
C THR D 320 -32.25 -27.12 5.25
N TYR D 321 -31.98 -28.40 5.49
CA TYR D 321 -31.04 -29.13 4.64
C TYR D 321 -31.59 -29.30 3.24
N SER D 322 -32.89 -29.60 3.12
CA SER D 322 -33.51 -29.71 1.80
C SER D 322 -33.33 -28.43 0.99
N ARG D 323 -33.50 -27.27 1.64
CA ARG D 323 -33.30 -26.00 0.94
C ARG D 323 -31.86 -25.86 0.45
N HIS D 324 -30.88 -26.29 1.25
CA HIS D 324 -29.49 -26.26 0.79
C HIS D 324 -29.29 -27.17 -0.41
N LEU D 325 -29.87 -28.37 -0.38
CA LEU D 325 -29.70 -29.31 -1.47
C LEU D 325 -30.34 -28.80 -2.75
N HIS D 326 -31.54 -28.19 -2.65
CA HIS D 326 -32.18 -27.64 -3.83
C HIS D 326 -31.36 -26.49 -4.40
N THR D 327 -30.79 -25.64 -3.54
CA THR D 327 -29.94 -24.57 -4.03
C THR D 327 -28.76 -25.13 -4.82
N LEU D 328 -28.13 -26.20 -4.30
CA LEU D 328 -27.02 -26.82 -5.01
C LEU D 328 -27.47 -27.42 -6.34
N ALA D 329 -28.52 -28.24 -6.31
CA ALA D 329 -28.98 -28.89 -7.52
C ALA D 329 -29.42 -27.86 -8.55
N ASN D 330 -30.17 -26.85 -8.14
CA ASN D 330 -30.70 -25.86 -9.08
C ASN D 330 -29.57 -25.04 -9.69
N GLY D 331 -28.55 -24.70 -8.89
CA GLY D 331 -27.44 -23.94 -9.44
C GLY D 331 -26.62 -24.74 -10.43
N LEU D 332 -26.42 -26.04 -10.17
CA LEU D 332 -25.69 -26.88 -11.10
C LEU D 332 -26.46 -27.05 -12.41
N GLU D 333 -27.77 -27.33 -12.31
CA GLU D 333 -28.59 -27.44 -13.51
C GLU D 333 -28.52 -26.16 -14.34
N ALA D 334 -28.56 -25.00 -13.69
CA ALA D 334 -28.48 -23.73 -14.41
C ALA D 334 -27.16 -23.60 -15.15
N ALA D 335 -26.07 -24.03 -14.52
CA ALA D 335 -24.76 -23.94 -15.15
C ALA D 335 -24.70 -24.73 -16.45
N ARG D 336 -25.24 -25.95 -16.45
CA ARG D 336 -25.22 -26.77 -17.66
C ARG D 336 -26.55 -26.69 -18.39
N GLU D 343 -17.48 -17.71 -15.46
CA GLU D 343 -16.64 -17.48 -14.29
C GLU D 343 -17.45 -16.88 -13.16
N ASP D 344 -18.72 -16.63 -13.42
CA ASP D 344 -19.67 -16.41 -12.33
C ASP D 344 -19.90 -17.72 -11.59
N LEU D 345 -19.73 -18.85 -12.28
CA LEU D 345 -19.84 -20.16 -11.64
C LEU D 345 -18.77 -20.33 -10.57
N GLN D 346 -17.54 -19.90 -10.87
CA GLN D 346 -16.42 -20.11 -9.96
C GLN D 346 -16.67 -19.46 -8.61
N GLU D 347 -17.22 -18.24 -8.59
CA GLU D 347 -17.55 -17.61 -7.32
C GLU D 347 -18.68 -18.35 -6.61
N TRP D 348 -19.68 -18.82 -7.35
CA TRP D 348 -20.76 -19.58 -6.73
C TRP D 348 -20.25 -20.89 -6.14
N LEU D 349 -19.33 -21.57 -6.84
CA LEU D 349 -18.81 -22.82 -6.31
C LEU D 349 -18.07 -22.60 -5.01
N ARG D 350 -17.41 -21.45 -4.85
CA ARG D 350 -16.67 -21.19 -3.61
C ARG D 350 -17.60 -21.20 -2.40
N GLY D 351 -18.80 -20.64 -2.56
CA GLY D 351 -19.76 -20.67 -1.48
C GLY D 351 -20.31 -22.06 -1.21
N GLN D 352 -20.45 -22.88 -2.26
CA GLN D 352 -20.96 -24.24 -2.06
C GLN D 352 -19.91 -25.19 -1.52
N PHE D 353 -18.64 -25.04 -1.91
CA PHE D 353 -17.65 -26.05 -1.64
C PHE D 353 -16.41 -25.56 -0.92
N GLY D 354 -16.26 -24.27 -0.70
CA GLY D 354 -15.11 -23.75 0.03
C GLY D 354 -14.15 -22.97 -0.87
N ASP D 355 -13.65 -21.85 -0.36
CA ASP D 355 -12.90 -20.92 -1.19
C ASP D 355 -11.58 -21.52 -1.67
N ARG D 356 -10.78 -22.06 -0.73
CA ARG D 356 -9.45 -22.54 -1.09
C ARG D 356 -9.50 -23.71 -2.07
N VAL D 357 -10.37 -24.70 -1.82
CA VAL D 357 -10.38 -25.86 -2.69
C VAL D 357 -10.88 -25.48 -4.09
N VAL D 358 -11.86 -24.57 -4.18
CA VAL D 358 -12.35 -24.18 -5.50
C VAL D 358 -11.28 -23.43 -6.27
N THR D 359 -10.56 -22.54 -5.61
CA THR D 359 -9.47 -21.82 -6.28
C THR D 359 -8.40 -22.79 -6.77
N ARG D 360 -7.99 -23.72 -5.89
CA ARG D 360 -7.07 -24.79 -6.30
C ARG D 360 -7.60 -25.52 -7.52
N SER D 361 -8.88 -25.88 -7.50
CA SER D 361 -9.44 -26.66 -8.61
C SER D 361 -9.53 -25.82 -9.88
N VAL D 362 -9.79 -24.52 -9.74
CA VAL D 362 -9.83 -23.64 -10.91
C VAL D 362 -8.43 -23.50 -11.50
N LYS D 363 -7.41 -23.38 -10.65
CA LYS D 363 -6.03 -23.37 -11.11
C LYS D 363 -5.75 -24.55 -12.02
N ALA D 364 -5.98 -25.77 -11.52
CA ALA D 364 -5.71 -26.97 -12.30
C ALA D 364 -6.56 -27.02 -13.56
N PHE D 365 -7.83 -26.58 -13.47
CA PHE D 365 -8.67 -26.59 -14.66
C PHE D 365 -8.09 -25.72 -15.77
N ASN D 366 -7.55 -24.55 -15.43
CA ASN D 366 -7.01 -23.67 -16.45
C ASN D 366 -5.71 -24.20 -17.04
N GLN D 367 -5.01 -25.09 -16.34
CA GLN D 367 -3.76 -25.66 -16.87
C GLN D 367 -4.02 -26.77 -17.87
#